data_2J7L
# 
_entry.id   2J7L 
# 
_audit_conform.dict_name       mmcif_pdbx.dic 
_audit_conform.dict_version    5.398 
_audit_conform.dict_location   http://mmcif.pdb.org/dictionaries/ascii/mmcif_pdbx.dic 
# 
loop_
_database_2.database_id 
_database_2.database_code 
_database_2.pdbx_database_accession 
_database_2.pdbx_DOI 
PDB   2J7L         pdb_00002j7l 10.2210/pdb2j7l/pdb 
PDBE  EBI-30214    ?            ?                   
WWPDB D_1290030214 ?            ?                   
# 
loop_
_pdbx_audit_revision_history.ordinal 
_pdbx_audit_revision_history.data_content_type 
_pdbx_audit_revision_history.major_revision 
_pdbx_audit_revision_history.minor_revision 
_pdbx_audit_revision_history.revision_date 
1 'Structure model' 1 0 2006-11-01 
2 'Structure model' 1 1 2011-05-08 
3 'Structure model' 1 2 2011-07-13 
4 'Structure model' 1 3 2023-12-13 
5 'Structure model' 1 4 2024-11-06 
# 
_pdbx_audit_revision_details.ordinal             1 
_pdbx_audit_revision_details.revision_ordinal    1 
_pdbx_audit_revision_details.data_content_type   'Structure model' 
_pdbx_audit_revision_details.provider            repository 
_pdbx_audit_revision_details.type                'Initial release' 
_pdbx_audit_revision_details.description         ? 
_pdbx_audit_revision_details.details             ? 
# 
loop_
_pdbx_audit_revision_group.ordinal 
_pdbx_audit_revision_group.revision_ordinal 
_pdbx_audit_revision_group.data_content_type 
_pdbx_audit_revision_group.group 
1 2 'Structure model' 'Version format compliance' 
2 3 'Structure model' 'Version format compliance' 
3 4 'Structure model' 'Data collection'           
4 4 'Structure model' 'Database references'       
5 4 'Structure model' Other                       
6 4 'Structure model' 'Refinement description'    
7 5 'Structure model' 'Structure summary'         
# 
loop_
_pdbx_audit_revision_category.ordinal 
_pdbx_audit_revision_category.revision_ordinal 
_pdbx_audit_revision_category.data_content_type 
_pdbx_audit_revision_category.category 
1 4 'Structure model' chem_comp_atom                
2 4 'Structure model' chem_comp_bond                
3 4 'Structure model' database_2                    
4 4 'Structure model' pdbx_database_status          
5 4 'Structure model' pdbx_initial_refinement_model 
6 5 'Structure model' pdbx_entry_details            
7 5 'Structure model' pdbx_modification_feature     
# 
loop_
_pdbx_audit_revision_item.ordinal 
_pdbx_audit_revision_item.revision_ordinal 
_pdbx_audit_revision_item.data_content_type 
_pdbx_audit_revision_item.item 
1 4 'Structure model' '_database_2.pdbx_DOI'                 
2 4 'Structure model' '_database_2.pdbx_database_accession'  
3 4 'Structure model' '_pdbx_database_status.status_code_sf' 
# 
_pdbx_database_status.status_code                     REL 
_pdbx_database_status.entry_id                        2J7L 
_pdbx_database_status.deposit_site                    PDBE 
_pdbx_database_status.process_site                    PDBE 
_pdbx_database_status.SG_entry                        . 
_pdbx_database_status.recvd_initial_deposition_date   2006-10-12 
_pdbx_database_status.pdb_format_compatible           Y 
_pdbx_database_status.status_code_sf                  REL 
_pdbx_database_status.status_code_mr                  ? 
_pdbx_database_status.status_code_cs                  ? 
_pdbx_database_status.methods_development_category    ? 
_pdbx_database_status.status_code_nmr_data            ? 
# 
loop_
_pdbx_database_related.db_name 
_pdbx_database_related.db_id 
_pdbx_database_related.content_type 
_pdbx_database_related.details 
PDB 1N0L unspecified 
;CRYSTAL STRUCTURE OF THE PAPD CHAPERONE (C- TERMINALLY 6XHISTIDINE-TAGGED) BOUND TO THE PAPE PILUS SUBUNIT (N-TERMINAL-DELETED) FROM UROPATHOGENIC E. COLI
;
PDB 1PDK unspecified 'PAPD-PAPK CHAPERONE-PILUS SUBUNIT COMPLEX FROM E.COLI P PILUS' 
PDB 1QPP unspecified 'CRYSTAL STRUCTURES OF SELF CAPPING PAPD CHAPERONE HOMODIMERS' 
PDB 1QPX unspecified 'CRYSTAL STRUCTURES OF SELF-CAPPING PAPD CHAPERONE HOMODIMERS' 
PDB 2J2Z unspecified 
'X-RAY STRUCTURE OF THE CHAPERONE PAPD IN COMPLEX WITH THE PILUS TERMINATOR SUBUNIT PAPH AT 2.3 ANGSTROM RESOLUTION' 
PDB 3DPA unspecified PAPD 
# 
loop_
_audit_author.name 
_audit_author.pdbx_ordinal 
'Remaut, H.'     1 
'Pinkner, J.S.'  2 
'Hultgren, S.J.' 3 
'Almqvist, F.'   4 
'Waksman, G.'    5 
# 
_citation.id                        primary 
_citation.title                     'Rationally Designed Small Compounds Inhibit Pilus Biogenesis in Uropathogenic Bacteria.' 
_citation.journal_abbrev            Proc.Natl.Acad.Sci.USA 
_citation.journal_volume            103 
_citation.page_first                17897 
_citation.page_last                 ? 
_citation.year                      2006 
_citation.journal_id_ASTM           PNASA6 
_citation.country                   US 
_citation.journal_id_ISSN           0027-8424 
_citation.journal_id_CSD            0040 
_citation.book_publisher            ? 
_citation.pdbx_database_id_PubMed   17098869 
_citation.pdbx_database_id_DOI      10.1073/PNAS.0606795103 
# 
loop_
_citation_author.citation_id 
_citation_author.name 
_citation_author.ordinal 
_citation_author.identifier_ORCID 
primary 'Pinkner, J.S.'  1  ? 
primary 'Remaut, H.'     2  ? 
primary 'Buelens, F.'    3  ? 
primary 'Miller, E.'     4  ? 
primary 'Aberg, V.'      5  ? 
primary 'Pemberton, N.'  6  ? 
primary 'Hedenstrom, M.' 7  ? 
primary 'Larsson, A.'    8  ? 
primary 'Seed, P.'       9  ? 
primary 'Waksman, G.'    10 ? 
primary 'Hultgren, S.J.' 11 ? 
primary 'Almqvist, F.'   12 ? 
# 
loop_
_entity.id 
_entity.type 
_entity.src_method 
_entity.pdbx_description 
_entity.formula_weight 
_entity.pdbx_number_of_molecules 
_entity.pdbx_ec 
_entity.pdbx_mutation 
_entity.pdbx_fragment 
_entity.details 
1 polymer     man 'CHAPERONE PROTEIN PAPD' 24575.869 1  ? ? 'RESIDUES 22-239' ? 
2 non-polymer syn 
;(3R)-8-CYCLOPROPYL-6-(MORPHOLIN-4-YLMETHYL)-7-(1-NAPHTHYLMETHYL)-5-OXO-2,3-DIHYDRO-5H-[1,3]THIAZOLO[3,2-A]PYRIDINE-3-CARBOXYLIC ACID
;
476.587   1  ? ? ?                 ? 
3 water       nat water 18.015    52 ? ? ?                 ? 
# 
_entity_name_com.entity_id   1 
_entity_name_com.name        PAPD 
# 
_entity_poly.entity_id                      1 
_entity_poly.type                           'polypeptide(L)' 
_entity_poly.nstd_linkage                   no 
_entity_poly.nstd_monomer                   no 
_entity_poly.pdbx_seq_one_letter_code       
;AVSLDRTRAVFDGSEKSMTLDISNDNKQLPYLAQAWIENENQEKIITGPVIATPPVQRLDPGAKSMVRLSTTPDISKLPQ
DRESLFYFNLREIPPRSEKANVLQIALQTKIKLFYRPAAIKTRPNEVWQDQLILNKVSGGYRIENPTPYYVTVIGLGGSE
KQAEEGEFETVMLSPRSEQTVKSANYNTPYLSYINDYGGRPVLSFICNGSRCSVKKEK
;
_entity_poly.pdbx_seq_one_letter_code_can   
;AVSLDRTRAVFDGSEKSMTLDISNDNKQLPYLAQAWIENENQEKIITGPVIATPPVQRLDPGAKSMVRLSTTPDISKLPQ
DRESLFYFNLREIPPRSEKANVLQIALQTKIKLFYRPAAIKTRPNEVWQDQLILNKVSGGYRIENPTPYYVTVIGLGGSE
KQAEEGEFETVMLSPRSEQTVKSANYNTPYLSYINDYGGRPVLSFICNGSRCSVKKEK
;
_entity_poly.pdbx_strand_id                 A 
_entity_poly.pdbx_target_identifier         ? 
# 
loop_
_pdbx_entity_nonpoly.entity_id 
_pdbx_entity_nonpoly.name 
_pdbx_entity_nonpoly.comp_id 
2 
;(3R)-8-CYCLOPROPYL-6-(MORPHOLIN-4-YLMETHYL)-7-(1-NAPHTHYLMETHYL)-5-OXO-2,3-DIHYDRO-5H-[1,3]THIAZOLO[3,2-A]PYRIDINE-3-CARBOXYLIC ACID
;
XC2 
3 water HOH 
# 
loop_
_entity_poly_seq.entity_id 
_entity_poly_seq.num 
_entity_poly_seq.mon_id 
_entity_poly_seq.hetero 
1 1   ALA n 
1 2   VAL n 
1 3   SER n 
1 4   LEU n 
1 5   ASP n 
1 6   ARG n 
1 7   THR n 
1 8   ARG n 
1 9   ALA n 
1 10  VAL n 
1 11  PHE n 
1 12  ASP n 
1 13  GLY n 
1 14  SER n 
1 15  GLU n 
1 16  LYS n 
1 17  SER n 
1 18  MET n 
1 19  THR n 
1 20  LEU n 
1 21  ASP n 
1 22  ILE n 
1 23  SER n 
1 24  ASN n 
1 25  ASP n 
1 26  ASN n 
1 27  LYS n 
1 28  GLN n 
1 29  LEU n 
1 30  PRO n 
1 31  TYR n 
1 32  LEU n 
1 33  ALA n 
1 34  GLN n 
1 35  ALA n 
1 36  TRP n 
1 37  ILE n 
1 38  GLU n 
1 39  ASN n 
1 40  GLU n 
1 41  ASN n 
1 42  GLN n 
1 43  GLU n 
1 44  LYS n 
1 45  ILE n 
1 46  ILE n 
1 47  THR n 
1 48  GLY n 
1 49  PRO n 
1 50  VAL n 
1 51  ILE n 
1 52  ALA n 
1 53  THR n 
1 54  PRO n 
1 55  PRO n 
1 56  VAL n 
1 57  GLN n 
1 58  ARG n 
1 59  LEU n 
1 60  ASP n 
1 61  PRO n 
1 62  GLY n 
1 63  ALA n 
1 64  LYS n 
1 65  SER n 
1 66  MET n 
1 67  VAL n 
1 68  ARG n 
1 69  LEU n 
1 70  SER n 
1 71  THR n 
1 72  THR n 
1 73  PRO n 
1 74  ASP n 
1 75  ILE n 
1 76  SER n 
1 77  LYS n 
1 78  LEU n 
1 79  PRO n 
1 80  GLN n 
1 81  ASP n 
1 82  ARG n 
1 83  GLU n 
1 84  SER n 
1 85  LEU n 
1 86  PHE n 
1 87  TYR n 
1 88  PHE n 
1 89  ASN n 
1 90  LEU n 
1 91  ARG n 
1 92  GLU n 
1 93  ILE n 
1 94  PRO n 
1 95  PRO n 
1 96  ARG n 
1 97  SER n 
1 98  GLU n 
1 99  LYS n 
1 100 ALA n 
1 101 ASN n 
1 102 VAL n 
1 103 LEU n 
1 104 GLN n 
1 105 ILE n 
1 106 ALA n 
1 107 LEU n 
1 108 GLN n 
1 109 THR n 
1 110 LYS n 
1 111 ILE n 
1 112 LYS n 
1 113 LEU n 
1 114 PHE n 
1 115 TYR n 
1 116 ARG n 
1 117 PRO n 
1 118 ALA n 
1 119 ALA n 
1 120 ILE n 
1 121 LYS n 
1 122 THR n 
1 123 ARG n 
1 124 PRO n 
1 125 ASN n 
1 126 GLU n 
1 127 VAL n 
1 128 TRP n 
1 129 GLN n 
1 130 ASP n 
1 131 GLN n 
1 132 LEU n 
1 133 ILE n 
1 134 LEU n 
1 135 ASN n 
1 136 LYS n 
1 137 VAL n 
1 138 SER n 
1 139 GLY n 
1 140 GLY n 
1 141 TYR n 
1 142 ARG n 
1 143 ILE n 
1 144 GLU n 
1 145 ASN n 
1 146 PRO n 
1 147 THR n 
1 148 PRO n 
1 149 TYR n 
1 150 TYR n 
1 151 VAL n 
1 152 THR n 
1 153 VAL n 
1 154 ILE n 
1 155 GLY n 
1 156 LEU n 
1 157 GLY n 
1 158 GLY n 
1 159 SER n 
1 160 GLU n 
1 161 LYS n 
1 162 GLN n 
1 163 ALA n 
1 164 GLU n 
1 165 GLU n 
1 166 GLY n 
1 167 GLU n 
1 168 PHE n 
1 169 GLU n 
1 170 THR n 
1 171 VAL n 
1 172 MET n 
1 173 LEU n 
1 174 SER n 
1 175 PRO n 
1 176 ARG n 
1 177 SER n 
1 178 GLU n 
1 179 GLN n 
1 180 THR n 
1 181 VAL n 
1 182 LYS n 
1 183 SER n 
1 184 ALA n 
1 185 ASN n 
1 186 TYR n 
1 187 ASN n 
1 188 THR n 
1 189 PRO n 
1 190 TYR n 
1 191 LEU n 
1 192 SER n 
1 193 TYR n 
1 194 ILE n 
1 195 ASN n 
1 196 ASP n 
1 197 TYR n 
1 198 GLY n 
1 199 GLY n 
1 200 ARG n 
1 201 PRO n 
1 202 VAL n 
1 203 LEU n 
1 204 SER n 
1 205 PHE n 
1 206 ILE n 
1 207 CYS n 
1 208 ASN n 
1 209 GLY n 
1 210 SER n 
1 211 ARG n 
1 212 CYS n 
1 213 SER n 
1 214 VAL n 
1 215 LYS n 
1 216 LYS n 
1 217 GLU n 
1 218 LYS n 
# 
_entity_src_gen.entity_id                          1 
_entity_src_gen.pdbx_src_id                        1 
_entity_src_gen.pdbx_alt_source_flag               sample 
_entity_src_gen.pdbx_seq_type                      ? 
_entity_src_gen.pdbx_beg_seq_num                   ? 
_entity_src_gen.pdbx_end_seq_num                   ? 
_entity_src_gen.gene_src_common_name               ? 
_entity_src_gen.gene_src_genus                     ? 
_entity_src_gen.pdbx_gene_src_gene                 ? 
_entity_src_gen.gene_src_species                   ? 
_entity_src_gen.gene_src_strain                    J96 
_entity_src_gen.gene_src_tissue                    ? 
_entity_src_gen.gene_src_tissue_fraction           ? 
_entity_src_gen.gene_src_details                   ? 
_entity_src_gen.pdbx_gene_src_fragment             ? 
_entity_src_gen.pdbx_gene_src_scientific_name      'ESCHERICHIA COLI' 
_entity_src_gen.pdbx_gene_src_ncbi_taxonomy_id     562 
_entity_src_gen.pdbx_gene_src_variant              ? 
_entity_src_gen.pdbx_gene_src_cell_line            ? 
_entity_src_gen.pdbx_gene_src_atcc                 700336 
_entity_src_gen.pdbx_gene_src_organ                ? 
_entity_src_gen.pdbx_gene_src_organelle            ? 
_entity_src_gen.pdbx_gene_src_cell                 ? 
_entity_src_gen.pdbx_gene_src_cellular_location    ? 
_entity_src_gen.host_org_common_name               ? 
_entity_src_gen.pdbx_host_org_scientific_name      'ESCHERICHIA COLI' 
_entity_src_gen.pdbx_host_org_ncbi_taxonomy_id     562 
_entity_src_gen.host_org_genus                     ? 
_entity_src_gen.pdbx_host_org_gene                 ? 
_entity_src_gen.pdbx_host_org_organ                ? 
_entity_src_gen.host_org_species                   ? 
_entity_src_gen.pdbx_host_org_tissue               ? 
_entity_src_gen.pdbx_host_org_tissue_fraction      ? 
_entity_src_gen.pdbx_host_org_strain               C600 
_entity_src_gen.pdbx_host_org_variant              ? 
_entity_src_gen.pdbx_host_org_cell_line            ? 
_entity_src_gen.pdbx_host_org_atcc                 ? 
_entity_src_gen.pdbx_host_org_culture_collection   ? 
_entity_src_gen.pdbx_host_org_cell                 ? 
_entity_src_gen.pdbx_host_org_organelle            ? 
_entity_src_gen.pdbx_host_org_cellular_location    ? 
_entity_src_gen.pdbx_host_org_vector_type          ? 
_entity_src_gen.pdbx_host_org_vector               ? 
_entity_src_gen.host_org_details                   ? 
_entity_src_gen.expression_system_id               ? 
_entity_src_gen.plasmid_name                       PMMB91 
_entity_src_gen.plasmid_details                    ? 
_entity_src_gen.pdbx_description                   ? 
# 
loop_
_chem_comp.id 
_chem_comp.type 
_chem_comp.mon_nstd_flag 
_chem_comp.name 
_chem_comp.pdbx_synonyms 
_chem_comp.formula 
_chem_comp.formula_weight 
ALA 'L-peptide linking' y ALANINE ? 'C3 H7 N O2'      89.093  
ARG 'L-peptide linking' y ARGININE ? 'C6 H15 N4 O2 1'  175.209 
ASN 'L-peptide linking' y ASPARAGINE ? 'C4 H8 N2 O3'     132.118 
ASP 'L-peptide linking' y 'ASPARTIC ACID' ? 'C4 H7 N O4'      133.103 
CYS 'L-peptide linking' y CYSTEINE ? 'C3 H7 N O2 S'    121.158 
GLN 'L-peptide linking' y GLUTAMINE ? 'C5 H10 N2 O3'    146.144 
GLU 'L-peptide linking' y 'GLUTAMIC ACID' ? 'C5 H9 N O4'      147.129 
GLY 'peptide linking'   y GLYCINE ? 'C2 H5 N O2'      75.067  
HOH non-polymer         . WATER ? 'H2 O'            18.015  
ILE 'L-peptide linking' y ISOLEUCINE ? 'C6 H13 N O2'     131.173 
LEU 'L-peptide linking' y LEUCINE ? 'C6 H13 N O2'     131.173 
LYS 'L-peptide linking' y LYSINE ? 'C6 H15 N2 O2 1'  147.195 
MET 'L-peptide linking' y METHIONINE ? 'C5 H11 N O2 S'   149.211 
PHE 'L-peptide linking' y PHENYLALANINE ? 'C9 H11 N O2'     165.189 
PRO 'L-peptide linking' y PROLINE ? 'C5 H9 N O2'      115.130 
SER 'L-peptide linking' y SERINE ? 'C3 H7 N O3'      105.093 
THR 'L-peptide linking' y THREONINE ? 'C4 H9 N O3'      119.119 
TRP 'L-peptide linking' y TRYPTOPHAN ? 'C11 H12 N2 O2'   204.225 
TYR 'L-peptide linking' y TYROSINE ? 'C9 H11 N O3'     181.189 
VAL 'L-peptide linking' y VALINE ? 'C5 H11 N O2'     117.146 
XC2 non-polymer         . 
;(3R)-8-CYCLOPROPYL-6-(MORPHOLIN-4-YLMETHYL)-7-(1-NAPHTHYLMETHYL)-5-OXO-2,3-DIHYDRO-5H-[1,3]THIAZOLO[3,2-A]PYRIDINE-3-CARBOXYLIC ACID
;
? 'C27 H28 N2 O4 S' 476.587 
# 
loop_
_pdbx_poly_seq_scheme.asym_id 
_pdbx_poly_seq_scheme.entity_id 
_pdbx_poly_seq_scheme.seq_id 
_pdbx_poly_seq_scheme.mon_id 
_pdbx_poly_seq_scheme.ndb_seq_num 
_pdbx_poly_seq_scheme.pdb_seq_num 
_pdbx_poly_seq_scheme.auth_seq_num 
_pdbx_poly_seq_scheme.pdb_mon_id 
_pdbx_poly_seq_scheme.auth_mon_id 
_pdbx_poly_seq_scheme.pdb_strand_id 
_pdbx_poly_seq_scheme.pdb_ins_code 
_pdbx_poly_seq_scheme.hetero 
A 1 1   ALA 1   1   1   ALA ALA A . n 
A 1 2   VAL 2   2   2   VAL VAL A . n 
A 1 3   SER 3   3   3   SER SER A . n 
A 1 4   LEU 4   4   4   LEU LEU A . n 
A 1 5   ASP 5   5   5   ASP ASP A . n 
A 1 6   ARG 6   6   6   ARG ARG A . n 
A 1 7   THR 7   7   7   THR THR A . n 
A 1 8   ARG 8   8   8   ARG ARG A . n 
A 1 9   ALA 9   9   9   ALA ALA A . n 
A 1 10  VAL 10  10  10  VAL VAL A . n 
A 1 11  PHE 11  11  11  PHE PHE A . n 
A 1 12  ASP 12  12  12  ASP ASP A . n 
A 1 13  GLY 13  13  13  GLY GLY A . n 
A 1 14  SER 14  14  14  SER SER A . n 
A 1 15  GLU 15  15  15  GLU GLU A . n 
A 1 16  LYS 16  16  16  LYS LYS A . n 
A 1 17  SER 17  17  17  SER SER A . n 
A 1 18  MET 18  18  18  MET MET A . n 
A 1 19  THR 19  19  19  THR THR A . n 
A 1 20  LEU 20  20  20  LEU LEU A . n 
A 1 21  ASP 21  21  21  ASP ASP A . n 
A 1 22  ILE 22  22  22  ILE ILE A . n 
A 1 23  SER 23  23  23  SER SER A . n 
A 1 24  ASN 24  24  24  ASN ASN A . n 
A 1 25  ASP 25  25  25  ASP ASP A . n 
A 1 26  ASN 26  26  26  ASN ASN A . n 
A 1 27  LYS 27  27  27  LYS LYS A . n 
A 1 28  GLN 28  28  28  GLN GLN A . n 
A 1 29  LEU 29  29  29  LEU LEU A . n 
A 1 30  PRO 30  30  30  PRO PRO A . n 
A 1 31  TYR 31  31  31  TYR TYR A . n 
A 1 32  LEU 32  32  32  LEU LEU A . n 
A 1 33  ALA 33  33  33  ALA ALA A . n 
A 1 34  GLN 34  34  34  GLN GLN A . n 
A 1 35  ALA 35  35  35  ALA ALA A . n 
A 1 36  TRP 36  36  36  TRP TRP A . n 
A 1 37  ILE 37  37  37  ILE ILE A . n 
A 1 38  GLU 38  38  38  GLU GLU A . n 
A 1 39  ASN 39  39  39  ASN ASN A . n 
A 1 40  GLU 40  40  40  GLU GLU A . n 
A 1 41  ASN 41  41  41  ASN ASN A . n 
A 1 42  GLN 42  42  42  GLN GLN A . n 
A 1 43  GLU 43  43  43  GLU GLU A . n 
A 1 44  LYS 44  44  44  LYS LYS A . n 
A 1 45  ILE 45  45  45  ILE ILE A . n 
A 1 46  ILE 46  46  46  ILE ILE A . n 
A 1 47  THR 47  47  47  THR THR A . n 
A 1 48  GLY 48  48  48  GLY GLY A . n 
A 1 49  PRO 49  49  49  PRO PRO A . n 
A 1 50  VAL 50  50  50  VAL VAL A . n 
A 1 51  ILE 51  51  51  ILE ILE A . n 
A 1 52  ALA 52  52  52  ALA ALA A . n 
A 1 53  THR 53  53  53  THR THR A . n 
A 1 54  PRO 54  54  54  PRO PRO A . n 
A 1 55  PRO 55  55  55  PRO PRO A . n 
A 1 56  VAL 56  56  56  VAL VAL A . n 
A 1 57  GLN 57  57  57  GLN GLN A . n 
A 1 58  ARG 58  58  58  ARG ARG A . n 
A 1 59  LEU 59  59  59  LEU LEU A . n 
A 1 60  ASP 60  60  60  ASP ASP A . n 
A 1 61  PRO 61  61  61  PRO PRO A . n 
A 1 62  GLY 62  62  62  GLY GLY A . n 
A 1 63  ALA 63  63  63  ALA ALA A . n 
A 1 64  LYS 64  64  64  LYS LYS A . n 
A 1 65  SER 65  65  65  SER SER A . n 
A 1 66  MET 66  66  66  MET MET A . n 
A 1 67  VAL 67  67  67  VAL VAL A . n 
A 1 68  ARG 68  68  68  ARG ARG A . n 
A 1 69  LEU 69  69  69  LEU LEU A . n 
A 1 70  SER 70  70  70  SER SER A . n 
A 1 71  THR 71  71  71  THR THR A . n 
A 1 72  THR 72  72  72  THR THR A . n 
A 1 73  PRO 73  73  73  PRO PRO A . n 
A 1 74  ASP 74  74  74  ASP ASP A . n 
A 1 75  ILE 75  75  75  ILE ILE A . n 
A 1 76  SER 76  76  76  SER SER A . n 
A 1 77  LYS 77  77  77  LYS LYS A . n 
A 1 78  LEU 78  78  78  LEU LEU A . n 
A 1 79  PRO 79  79  79  PRO PRO A . n 
A 1 80  GLN 80  80  80  GLN GLN A . n 
A 1 81  ASP 81  81  81  ASP ASP A . n 
A 1 82  ARG 82  82  82  ARG ARG A . n 
A 1 83  GLU 83  83  83  GLU GLU A . n 
A 1 84  SER 84  84  84  SER SER A . n 
A 1 85  LEU 85  85  85  LEU LEU A . n 
A 1 86  PHE 86  86  86  PHE PHE A . n 
A 1 87  TYR 87  87  87  TYR TYR A . n 
A 1 88  PHE 88  88  88  PHE PHE A . n 
A 1 89  ASN 89  89  89  ASN ASN A . n 
A 1 90  LEU 90  90  90  LEU LEU A . n 
A 1 91  ARG 91  91  91  ARG ARG A . n 
A 1 92  GLU 92  92  92  GLU GLU A . n 
A 1 93  ILE 93  93  93  ILE ILE A . n 
A 1 94  PRO 94  94  94  PRO PRO A . n 
A 1 95  PRO 95  95  95  PRO PRO A . n 
A 1 96  ARG 96  96  96  ARG ARG A . n 
A 1 97  SER 97  97  97  SER SER A . n 
A 1 98  GLU 98  98  98  GLU GLU A . n 
A 1 99  LYS 99  99  ?   ?   ?   A . n 
A 1 100 ALA 100 100 ?   ?   ?   A . n 
A 1 101 ASN 101 101 ?   ?   ?   A . n 
A 1 102 VAL 102 102 ?   ?   ?   A . n 
A 1 103 LEU 103 103 ?   ?   ?   A . n 
A 1 104 GLN 104 104 104 GLN GLN A . n 
A 1 105 ILE 105 105 105 ILE ILE A . n 
A 1 106 ALA 106 106 106 ALA ALA A . n 
A 1 107 LEU 107 107 107 LEU LEU A . n 
A 1 108 GLN 108 108 108 GLN GLN A . n 
A 1 109 THR 109 109 109 THR THR A . n 
A 1 110 LYS 110 110 110 LYS LYS A . n 
A 1 111 ILE 111 111 111 ILE ILE A . n 
A 1 112 LYS 112 112 112 LYS LYS A . n 
A 1 113 LEU 113 113 113 LEU LEU A . n 
A 1 114 PHE 114 114 114 PHE PHE A . n 
A 1 115 TYR 115 115 115 TYR TYR A . n 
A 1 116 ARG 116 116 116 ARG ARG A . n 
A 1 117 PRO 117 117 117 PRO PRO A . n 
A 1 118 ALA 118 118 118 ALA ALA A . n 
A 1 119 ALA 119 119 119 ALA ALA A . n 
A 1 120 ILE 120 120 120 ILE ILE A . n 
A 1 121 LYS 121 121 121 LYS LYS A . n 
A 1 122 THR 122 122 122 THR THR A . n 
A 1 123 ARG 123 123 123 ARG ARG A . n 
A 1 124 PRO 124 124 124 PRO PRO A . n 
A 1 125 ASN 125 125 125 ASN ASN A . n 
A 1 126 GLU 126 126 126 GLU GLU A . n 
A 1 127 VAL 127 127 127 VAL VAL A . n 
A 1 128 TRP 128 128 128 TRP TRP A . n 
A 1 129 GLN 129 129 129 GLN GLN A . n 
A 1 130 ASP 130 130 130 ASP ASP A . n 
A 1 131 GLN 131 131 131 GLN GLN A . n 
A 1 132 LEU 132 132 132 LEU LEU A . n 
A 1 133 ILE 133 133 133 ILE ILE A . n 
A 1 134 LEU 134 134 134 LEU LEU A . n 
A 1 135 ASN 135 135 135 ASN ASN A . n 
A 1 136 LYS 136 136 136 LYS LYS A . n 
A 1 137 VAL 137 137 137 VAL VAL A . n 
A 1 138 SER 138 138 138 SER SER A . n 
A 1 139 GLY 139 139 139 GLY GLY A . n 
A 1 140 GLY 140 140 140 GLY GLY A . n 
A 1 141 TYR 141 141 141 TYR TYR A . n 
A 1 142 ARG 142 142 142 ARG ARG A . n 
A 1 143 ILE 143 143 143 ILE ILE A . n 
A 1 144 GLU 144 144 144 GLU GLU A . n 
A 1 145 ASN 145 145 145 ASN ASN A . n 
A 1 146 PRO 146 146 146 PRO PRO A . n 
A 1 147 THR 147 147 147 THR THR A . n 
A 1 148 PRO 148 148 148 PRO PRO A . n 
A 1 149 TYR 149 149 149 TYR TYR A . n 
A 1 150 TYR 150 150 150 TYR TYR A . n 
A 1 151 VAL 151 151 151 VAL VAL A . n 
A 1 152 THR 152 152 152 THR THR A . n 
A 1 153 VAL 153 153 153 VAL VAL A . n 
A 1 154 ILE 154 154 154 ILE ILE A . n 
A 1 155 GLY 155 155 155 GLY GLY A . n 
A 1 156 LEU 156 156 156 LEU LEU A . n 
A 1 157 GLY 157 157 157 GLY GLY A . n 
A 1 158 GLY 158 158 158 GLY GLY A . n 
A 1 159 SER 159 159 159 SER SER A . n 
A 1 160 GLU 160 160 160 GLU GLU A . n 
A 1 161 LYS 161 161 161 LYS LYS A . n 
A 1 162 GLN 162 162 162 GLN GLN A . n 
A 1 163 ALA 163 163 163 ALA ALA A . n 
A 1 164 GLU 164 164 164 GLU GLU A . n 
A 1 165 GLU 165 165 165 GLU GLU A . n 
A 1 166 GLY 166 166 166 GLY GLY A . n 
A 1 167 GLU 167 167 167 GLU GLU A . n 
A 1 168 PHE 168 168 168 PHE PHE A . n 
A 1 169 GLU 169 169 169 GLU GLU A . n 
A 1 170 THR 170 170 170 THR THR A . n 
A 1 171 VAL 171 171 171 VAL VAL A . n 
A 1 172 MET 172 172 172 MET MET A . n 
A 1 173 LEU 173 173 173 LEU LEU A . n 
A 1 174 SER 174 174 174 SER SER A . n 
A 1 175 PRO 175 175 175 PRO PRO A . n 
A 1 176 ARG 176 176 176 ARG ARG A . n 
A 1 177 SER 177 177 177 SER SER A . n 
A 1 178 GLU 178 178 178 GLU GLU A . n 
A 1 179 GLN 179 179 179 GLN GLN A . n 
A 1 180 THR 180 180 180 THR THR A . n 
A 1 181 VAL 181 181 181 VAL VAL A . n 
A 1 182 LYS 182 182 182 LYS LYS A . n 
A 1 183 SER 183 183 183 SER SER A . n 
A 1 184 ALA 184 184 184 ALA ALA A . n 
A 1 185 ASN 185 185 185 ASN ASN A . n 
A 1 186 TYR 186 186 186 TYR TYR A . n 
A 1 187 ASN 187 187 187 ASN ASN A . n 
A 1 188 THR 188 188 188 THR THR A . n 
A 1 189 PRO 189 189 189 PRO PRO A . n 
A 1 190 TYR 190 190 190 TYR TYR A . n 
A 1 191 LEU 191 191 191 LEU LEU A . n 
A 1 192 SER 192 192 192 SER SER A . n 
A 1 193 TYR 193 193 193 TYR TYR A . n 
A 1 194 ILE 194 194 194 ILE ILE A . n 
A 1 195 ASN 195 195 195 ASN ASN A . n 
A 1 196 ASP 196 196 196 ASP ASP A . n 
A 1 197 TYR 197 197 197 TYR TYR A . n 
A 1 198 GLY 198 198 198 GLY GLY A . n 
A 1 199 GLY 199 199 199 GLY GLY A . n 
A 1 200 ARG 200 200 200 ARG ARG A . n 
A 1 201 PRO 201 201 201 PRO PRO A . n 
A 1 202 VAL 202 202 202 VAL VAL A . n 
A 1 203 LEU 203 203 203 LEU LEU A . n 
A 1 204 SER 204 204 204 SER SER A . n 
A 1 205 PHE 205 205 205 PHE PHE A . n 
A 1 206 ILE 206 206 206 ILE ILE A . n 
A 1 207 CYS 207 207 207 CYS CYS A . n 
A 1 208 ASN 208 208 208 ASN ASN A . n 
A 1 209 GLY 209 209 209 GLY GLY A . n 
A 1 210 SER 210 210 210 SER SER A . n 
A 1 211 ARG 211 211 211 ARG ARG A . n 
A 1 212 CYS 212 212 212 CYS CYS A . n 
A 1 213 SER 213 213 213 SER SER A . n 
A 1 214 VAL 214 214 214 VAL VAL A . n 
A 1 215 LYS 215 215 215 LYS LYS A . n 
A 1 216 LYS 216 216 ?   ?   ?   A . n 
A 1 217 GLU 217 217 ?   ?   ?   A . n 
A 1 218 LYS 218 218 ?   ?   ?   A . n 
# 
loop_
_pdbx_nonpoly_scheme.asym_id 
_pdbx_nonpoly_scheme.entity_id 
_pdbx_nonpoly_scheme.mon_id 
_pdbx_nonpoly_scheme.ndb_seq_num 
_pdbx_nonpoly_scheme.pdb_seq_num 
_pdbx_nonpoly_scheme.auth_seq_num 
_pdbx_nonpoly_scheme.pdb_mon_id 
_pdbx_nonpoly_scheme.auth_mon_id 
_pdbx_nonpoly_scheme.pdb_strand_id 
_pdbx_nonpoly_scheme.pdb_ins_code 
B 2 XC2 1  1216 1216 XC2 XC2 A . 
C 3 HOH 1  2001 2001 HOH HOH A . 
C 3 HOH 2  2002 2002 HOH HOH A . 
C 3 HOH 3  2003 2003 HOH HOH A . 
C 3 HOH 4  2004 2004 HOH HOH A . 
C 3 HOH 5  2005 2005 HOH HOH A . 
C 3 HOH 6  2006 2006 HOH HOH A . 
C 3 HOH 7  2007 2007 HOH HOH A . 
C 3 HOH 8  2008 2008 HOH HOH A . 
C 3 HOH 9  2009 2009 HOH HOH A . 
C 3 HOH 10 2010 2010 HOH HOH A . 
C 3 HOH 11 2011 2011 HOH HOH A . 
C 3 HOH 12 2012 2012 HOH HOH A . 
C 3 HOH 13 2013 2013 HOH HOH A . 
C 3 HOH 14 2014 2014 HOH HOH A . 
C 3 HOH 15 2015 2015 HOH HOH A . 
C 3 HOH 16 2016 2016 HOH HOH A . 
C 3 HOH 17 2017 2017 HOH HOH A . 
C 3 HOH 18 2018 2018 HOH HOH A . 
C 3 HOH 19 2019 2019 HOH HOH A . 
C 3 HOH 20 2020 2020 HOH HOH A . 
C 3 HOH 21 2021 2021 HOH HOH A . 
C 3 HOH 22 2022 2022 HOH HOH A . 
C 3 HOH 23 2023 2023 HOH HOH A . 
C 3 HOH 24 2024 2024 HOH HOH A . 
C 3 HOH 25 2025 2025 HOH HOH A . 
C 3 HOH 26 2026 2026 HOH HOH A . 
C 3 HOH 27 2027 2027 HOH HOH A . 
C 3 HOH 28 2028 2028 HOH HOH A . 
C 3 HOH 29 2029 2029 HOH HOH A . 
C 3 HOH 30 2030 2030 HOH HOH A . 
C 3 HOH 31 2031 2031 HOH HOH A . 
C 3 HOH 32 2032 2032 HOH HOH A . 
C 3 HOH 33 2033 2033 HOH HOH A . 
C 3 HOH 34 2034 2034 HOH HOH A . 
C 3 HOH 35 2035 2035 HOH HOH A . 
C 3 HOH 36 2036 2036 HOH HOH A . 
C 3 HOH 37 2037 2037 HOH HOH A . 
C 3 HOH 38 2038 2038 HOH HOH A . 
C 3 HOH 39 2039 2039 HOH HOH A . 
C 3 HOH 40 2040 2040 HOH HOH A . 
C 3 HOH 41 2041 2041 HOH HOH A . 
C 3 HOH 42 2042 2042 HOH HOH A . 
C 3 HOH 43 2043 2043 HOH HOH A . 
C 3 HOH 44 2044 2044 HOH HOH A . 
C 3 HOH 45 2045 2045 HOH HOH A . 
C 3 HOH 46 2046 2046 HOH HOH A . 
C 3 HOH 47 2047 2047 HOH HOH A . 
C 3 HOH 48 2048 2048 HOH HOH A . 
C 3 HOH 49 2049 2049 HOH HOH A . 
C 3 HOH 50 2050 2050 HOH HOH A . 
C 3 HOH 51 2051 2051 HOH HOH A . 
C 3 HOH 52 2052 2052 HOH HOH A . 
# 
loop_
_software.name 
_software.classification 
_software.version 
_software.citation_id 
_software.pdbx_ordinal 
CNS    refinement       1.1 ? 1 
MOSFLM 'data reduction' .   ? 2 
SCALA  'data scaling'   .   ? 3 
AMoRE  phasing          .   ? 4 
# 
_cell.entry_id           2J7L 
_cell.length_a           94.315 
_cell.length_b           94.315 
_cell.length_c           121.992 
_cell.angle_alpha        90.00 
_cell.angle_beta         90.00 
_cell.angle_gamma        120.00 
_cell.Z_PDB              12 
_cell.pdbx_unique_axis   ? 
# 
_symmetry.entry_id                         2J7L 
_symmetry.space_group_name_H-M             'P 63 2 2' 
_symmetry.pdbx_full_space_group_name_H-M   ? 
_symmetry.cell_setting                     ? 
_symmetry.Int_Tables_number                182 
# 
_exptl.entry_id          2J7L 
_exptl.method            'X-RAY DIFFRACTION' 
_exptl.crystals_number   1 
# 
_exptl_crystal.id                    1 
_exptl_crystal.density_meas          ? 
_exptl_crystal.density_Matthews      3.19 
_exptl_crystal.density_percent_sol   61.20 
_exptl_crystal.description           ? 
# 
_exptl_crystal_grow.crystal_id      1 
_exptl_crystal_grow.method          ? 
_exptl_crystal_grow.temp            ? 
_exptl_crystal_grow.temp_details    ? 
_exptl_crystal_grow.pH              6.00 
_exptl_crystal_grow.pdbx_pH_range   ? 
_exptl_crystal_grow.pdbx_details    '16 % PEG 4000, 100MM TRIS HCL PH 8.5 AND 200 MM LI2SO4' 
# 
_diffrn.id                     1 
_diffrn.ambient_temp           100.0 
_diffrn.ambient_temp_details   ? 
_diffrn.crystal_id             1 
# 
_diffrn_detector.diffrn_id              1 
_diffrn_detector.detector               CCD 
_diffrn_detector.type                   'ADSC CCD' 
_diffrn_detector.pdbx_collection_date   2005-02-25 
_diffrn_detector.details                ? 
# 
_diffrn_radiation.diffrn_id                        1 
_diffrn_radiation.wavelength_id                    1 
_diffrn_radiation.pdbx_monochromatic_or_laue_m_l   M 
_diffrn_radiation.monochromator                    ? 
_diffrn_radiation.pdbx_diffrn_protocol             'SINGLE WAVELENGTH' 
_diffrn_radiation.pdbx_scattering_type             x-ray 
# 
_diffrn_radiation_wavelength.id           1 
_diffrn_radiation_wavelength.wavelength   0.9756 
_diffrn_radiation_wavelength.wt           1.0 
# 
_diffrn_source.diffrn_id                   1 
_diffrn_source.source                      SYNCHROTRON 
_diffrn_source.type                        'ESRF BEAMLINE ID14-1' 
_diffrn_source.pdbx_synchrotron_site       ESRF 
_diffrn_source.pdbx_synchrotron_beamline   ID14-1 
_diffrn_source.pdbx_wavelength             0.9756 
_diffrn_source.pdbx_wavelength_list        ? 
# 
_reflns.pdbx_diffrn_id               1 
_reflns.pdbx_ordinal                 1 
_reflns.entry_id                     2J7L 
_reflns.observed_criterion_sigma_I   0.000 
_reflns.observed_criterion_sigma_F   ? 
_reflns.d_resolution_low             20.000 
_reflns.d_resolution_high            2.600 
_reflns.number_obs                   20651 
_reflns.number_all                   ? 
_reflns.percent_possible_obs         99.9 
_reflns.pdbx_Rmerge_I_obs            0.09000 
_reflns.pdbx_Rsym_value              ? 
_reflns.pdbx_netI_over_sigmaI        23.4000 
_reflns.B_iso_Wilson_estimate        50.9 
_reflns.pdbx_redundancy              13.700 
# 
_reflns_shell.pdbx_diffrn_id         1 
_reflns_shell.pdbx_ordinal           1 
_reflns_shell.d_res_high             2.60 
_reflns_shell.d_res_low              2.74 
_reflns_shell.percent_possible_all   100.0 
_reflns_shell.Rmerge_I_obs           0.43000 
_reflns_shell.pdbx_Rsym_value        ? 
_reflns_shell.meanI_over_sigI_obs    7.100 
_reflns_shell.pdbx_redundancy        14.10 
# 
_refine.pdbx_refine_id                           'X-RAY DIFFRACTION' 
_refine.entry_id                                 2J7L 
_refine.pdbx_diffrn_id                           1 
_refine.pdbx_TLS_residual_ADP_flag               ? 
_refine.ls_number_reflns_obs                     9815 
_refine.ls_number_reflns_all                     ? 
_refine.pdbx_ls_sigma_I                          ? 
_refine.pdbx_ls_sigma_F                          0.0 
_refine.pdbx_data_cutoff_high_absF               ? 
_refine.pdbx_data_cutoff_low_absF                ? 
_refine.pdbx_data_cutoff_high_rms_absF           ? 
_refine.ls_d_res_low                             15 
_refine.ls_d_res_high                            2.6 
_refine.ls_percent_reflns_obs                    95.1 
_refine.ls_R_factor_obs                          0.2324 
_refine.ls_R_factor_all                          ? 
_refine.ls_R_factor_R_work                       0.2324 
_refine.ls_R_factor_R_free                       0.2726 
_refine.ls_R_factor_R_free_error                 ? 
_refine.ls_R_factor_R_free_error_details         ? 
_refine.ls_percent_reflns_R_free                 5.0 
_refine.ls_number_reflns_R_free                  512 
_refine.ls_number_parameters                     ? 
_refine.ls_number_restraints                     ? 
_refine.occupancy_min                            ? 
_refine.occupancy_max                            ? 
_refine.correlation_coeff_Fo_to_Fc               ? 
_refine.correlation_coeff_Fo_to_Fc_free          ? 
_refine.B_iso_mean                               54.02 
_refine.aniso_B[1][1]                            -14.926 
_refine.aniso_B[2][2]                            -14.926 
_refine.aniso_B[3][3]                            29.852 
_refine.aniso_B[1][2]                            -7.157 
_refine.aniso_B[1][3]                            0.000 
_refine.aniso_B[2][3]                            0.000 
_refine.solvent_model_details                    ? 
_refine.solvent_model_param_ksol                 0.343506 
_refine.solvent_model_param_bsol                 45.463 
_refine.pdbx_solvent_vdw_probe_radii             ? 
_refine.pdbx_solvent_ion_probe_radii             ? 
_refine.pdbx_solvent_shrinkage_radii             ? 
_refine.pdbx_ls_cross_valid_method               THROUGHOUT 
_refine.details                                  ? 
_refine.pdbx_starting_model                      'PDB ENTRY 1QPP' 
_refine.pdbx_method_to_determine_struct          'MOLECULAR REPLACEMENT' 
_refine.pdbx_isotropic_thermal_model             ? 
_refine.pdbx_stereochemistry_target_values       ? 
_refine.pdbx_stereochem_target_val_spec_case     ? 
_refine.pdbx_R_Free_selection_details            RANDOM 
_refine.pdbx_overall_ESU_R                       ? 
_refine.pdbx_overall_ESU_R_Free                  ? 
_refine.overall_SU_ML                            ? 
_refine.pdbx_overall_phase_error                 ? 
_refine.overall_SU_B                             ? 
_refine.overall_SU_R_Cruickshank_DPI             ? 
_refine.pdbx_overall_SU_R_free_Cruickshank_DPI   ? 
_refine.pdbx_overall_SU_R_Blow_DPI               ? 
_refine.pdbx_overall_SU_R_free_Blow_DPI          ? 
# 
_refine_hist.pdbx_refine_id                   'X-RAY DIFFRACTION' 
_refine_hist.cycle_id                         LAST 
_refine_hist.pdbx_number_atoms_protein        1664 
_refine_hist.pdbx_number_atoms_nucleic_acid   0 
_refine_hist.pdbx_number_atoms_ligand         34 
_refine_hist.number_atoms_solvent             52 
_refine_hist.number_atoms_total               1750 
_refine_hist.d_res_high                       2.6 
_refine_hist.d_res_low                        15 
# 
loop_
_refine_ls_restr.type 
_refine_ls_restr.dev_ideal 
_refine_ls_restr.dev_ideal_target 
_refine_ls_restr.weight 
_refine_ls_restr.number 
_refine_ls_restr.pdbx_refine_id 
_refine_ls_restr.pdbx_restraint_function 
c_bond_d                0.008812 ?   ? ? 'X-RAY DIFFRACTION' ? 
c_bond_d_na             ?        ?   ? ? 'X-RAY DIFFRACTION' ? 
c_bond_d_prot           ?        ?   ? ? 'X-RAY DIFFRACTION' ? 
c_angle_d               ?        ?   ? ? 'X-RAY DIFFRACTION' ? 
c_angle_d_na            ?        ?   ? ? 'X-RAY DIFFRACTION' ? 
c_angle_d_prot          ?        ?   ? ? 'X-RAY DIFFRACTION' ? 
c_angle_deg             1.25549  ?   ? ? 'X-RAY DIFFRACTION' ? 
c_angle_deg_na          ?        ?   ? ? 'X-RAY DIFFRACTION' ? 
c_angle_deg_prot        ?        ?   ? ? 'X-RAY DIFFRACTION' ? 
c_dihedral_angle_d      ?        ?   ? ? 'X-RAY DIFFRACTION' ? 
c_dihedral_angle_d_na   ?        ?   ? ? 'X-RAY DIFFRACTION' ? 
c_dihedral_angle_d_prot ?        ?   ? ? 'X-RAY DIFFRACTION' ? 
c_improper_angle_d      ?        ?   ? ? 'X-RAY DIFFRACTION' ? 
c_improper_angle_d_na   ?        ?   ? ? 'X-RAY DIFFRACTION' ? 
c_improper_angle_d_prot ?        ?   ? ? 'X-RAY DIFFRACTION' ? 
c_mcbond_it             1.440    1.5 ? ? 'X-RAY DIFFRACTION' ? 
c_mcangle_it            2.477    2.0 ? ? 'X-RAY DIFFRACTION' ? 
c_scbond_it             2.051    2.0 ? ? 'X-RAY DIFFRACTION' ? 
c_scangle_it            3.244    2.5 ? ? 'X-RAY DIFFRACTION' ? 
# 
loop_
_pdbx_xplor_file.pdbx_refine_id 
_pdbx_xplor_file.serial_no 
_pdbx_xplor_file.param_file 
_pdbx_xplor_file.topol_file 
'X-RAY DIFFRACTION' 1 PROTEIN_REP.PARAM PROTEIN.TOP 
'X-RAY DIFFRACTION' 2 DNA-RNA_REP.PARAM DNA-RNA.TOP 
'X-RAY DIFFRACTION' 3 WATER_REP.PARAM   WATER.TOP   
'X-RAY DIFFRACTION' 4 ION.PARAM         ION.TOP     
'X-RAY DIFFRACTION' 5 P-048.PARAM       P-048.TOPOL 
# 
_struct.entry_id                  2J7L 
_struct.title                     'E. coli P Pilus chaperone PapD in complex with a pilus biogenesis inhibitor, pilicide 2c' 
_struct.pdbx_model_details        ? 
_struct.pdbx_CASP_flag            ? 
_struct.pdbx_model_type_details   ? 
# 
_struct_keywords.entry_id        2J7L 
_struct_keywords.pdbx_keywords   'CHAPERONE/SURFACE ACTIVE PROTEIN' 
_struct_keywords.text            
;FIMBRIA, INHIBITOR, CHAPERONE, PERIPLASMIC, IMMUNOGLOBULIN DOMAIN, CHAPERONE/SURFACE ACTIVE PROTEIN, CHAPERONE-SURFACE ACTIVE PROTEIN complex
;
# 
loop_
_struct_asym.id 
_struct_asym.pdbx_blank_PDB_chainid_flag 
_struct_asym.pdbx_modified 
_struct_asym.entity_id 
_struct_asym.details 
A N N 1 ? 
B N N 2 ? 
C N N 3 ? 
# 
_struct_ref.id                         1 
_struct_ref.db_name                    UNP 
_struct_ref.db_code                    PAPD_ECOLI 
_struct_ref.entity_id                  1 
_struct_ref.pdbx_seq_one_letter_code   ? 
_struct_ref.pdbx_align_begin           ? 
_struct_ref.pdbx_db_accession          P15319 
_struct_ref.pdbx_db_isoform            ? 
# 
_struct_ref_seq.align_id                      1 
_struct_ref_seq.ref_id                        1 
_struct_ref_seq.pdbx_PDB_id_code              2J7L 
_struct_ref_seq.pdbx_strand_id                A 
_struct_ref_seq.seq_align_beg                 1 
_struct_ref_seq.pdbx_seq_align_beg_ins_code   ? 
_struct_ref_seq.seq_align_end                 218 
_struct_ref_seq.pdbx_seq_align_end_ins_code   ? 
_struct_ref_seq.pdbx_db_accession             P15319 
_struct_ref_seq.db_align_beg                  22 
_struct_ref_seq.pdbx_db_align_beg_ins_code    ? 
_struct_ref_seq.db_align_end                  239 
_struct_ref_seq.pdbx_db_align_end_ins_code    ? 
_struct_ref_seq.pdbx_auth_seq_align_beg       1 
_struct_ref_seq.pdbx_auth_seq_align_end       218 
# 
_struct_ref_seq_dif.align_id                     1 
_struct_ref_seq_dif.pdbx_pdb_id_code             2J7L 
_struct_ref_seq_dif.mon_id                       ASP 
_struct_ref_seq_dif.pdbx_pdb_strand_id           A 
_struct_ref_seq_dif.seq_num                      81 
_struct_ref_seq_dif.pdbx_pdb_ins_code            ? 
_struct_ref_seq_dif.pdbx_seq_db_name             UNP 
_struct_ref_seq_dif.pdbx_seq_db_accession_code   P15319 
_struct_ref_seq_dif.db_mon_id                    GLU 
_struct_ref_seq_dif.pdbx_seq_db_seq_num          81 
_struct_ref_seq_dif.details                      conflict 
_struct_ref_seq_dif.pdbx_auth_seq_num            81 
_struct_ref_seq_dif.pdbx_ordinal                 1 
# 
_pdbx_struct_assembly.id                   1 
_pdbx_struct_assembly.details              author_and_software_defined_assembly 
_pdbx_struct_assembly.method_details       PQS 
_pdbx_struct_assembly.oligomeric_details   dimeric 
_pdbx_struct_assembly.oligomeric_count     2 
# 
_pdbx_struct_assembly_gen.assembly_id       1 
_pdbx_struct_assembly_gen.oper_expression   1,2 
_pdbx_struct_assembly_gen.asym_id_list      A,B,C 
# 
loop_
_pdbx_struct_oper_list.id 
_pdbx_struct_oper_list.type 
_pdbx_struct_oper_list.name 
_pdbx_struct_oper_list.symmetry_operation 
_pdbx_struct_oper_list.matrix[1][1] 
_pdbx_struct_oper_list.matrix[1][2] 
_pdbx_struct_oper_list.matrix[1][3] 
_pdbx_struct_oper_list.vector[1] 
_pdbx_struct_oper_list.matrix[2][1] 
_pdbx_struct_oper_list.matrix[2][2] 
_pdbx_struct_oper_list.matrix[2][3] 
_pdbx_struct_oper_list.vector[2] 
_pdbx_struct_oper_list.matrix[3][1] 
_pdbx_struct_oper_list.matrix[3][2] 
_pdbx_struct_oper_list.matrix[3][3] 
_pdbx_struct_oper_list.vector[3] 
1 'identity operation'         1_555 x,y,z       1.0000000000 0.0000000000  0.0000000000 0.0000000000   0.0000000000  1.0000000000  0.0000000000  0.0000000000   0.0000000000 0.0000000000  1.0000000000  0.0000000000  
2 'crystal symmetry operation' 8_556 x-y,-y,-z+1 0.0048490768 -0.9253125918 0.3791742263 -19.3433032740 -0.9253125918 -0.1479283683 -0.3491615748 -16.5969024885 0.3791742263 -0.3491615748 -0.8569207086 10.7596384379 
# 
_struct_biol.id   1 
# 
loop_
_struct_conf.conf_type_id 
_struct_conf.id 
_struct_conf.pdbx_PDB_helix_id 
_struct_conf.beg_label_comp_id 
_struct_conf.beg_label_asym_id 
_struct_conf.beg_label_seq_id 
_struct_conf.pdbx_beg_PDB_ins_code 
_struct_conf.end_label_comp_id 
_struct_conf.end_label_asym_id 
_struct_conf.end_label_seq_id 
_struct_conf.pdbx_end_PDB_ins_code 
_struct_conf.beg_auth_comp_id 
_struct_conf.beg_auth_asym_id 
_struct_conf.beg_auth_seq_id 
_struct_conf.end_auth_comp_id 
_struct_conf.end_auth_asym_id 
_struct_conf.end_auth_seq_id 
_struct_conf.pdbx_PDB_helix_class 
_struct_conf.details 
_struct_conf.pdbx_PDB_helix_length 
HELX_P HELX_P1 1 PRO A 73  ? LEU A 78  ? PRO A 73  LEU A 78  5 ? 6 
HELX_P HELX_P2 2 PRO A 117 ? LYS A 121 ? PRO A 117 LYS A 121 5 ? 5 
HELX_P HELX_P3 3 TRP A 128 ? LEU A 132 ? TRP A 128 LEU A 132 5 ? 5 
HELX_P HELX_P4 4 SER A 159 ? GLY A 166 ? SER A 159 GLY A 166 1 ? 8 
# 
_struct_conf_type.id          HELX_P 
_struct_conf_type.criteria    ? 
_struct_conf_type.reference   ? 
# 
_struct_conn.id                            disulf1 
_struct_conn.conn_type_id                  disulf 
_struct_conn.pdbx_leaving_atom_flag        ? 
_struct_conn.pdbx_PDB_id                   ? 
_struct_conn.ptnr1_label_asym_id           A 
_struct_conn.ptnr1_label_comp_id           CYS 
_struct_conn.ptnr1_label_seq_id            207 
_struct_conn.ptnr1_label_atom_id           SG 
_struct_conn.pdbx_ptnr1_label_alt_id       ? 
_struct_conn.pdbx_ptnr1_PDB_ins_code       ? 
_struct_conn.pdbx_ptnr1_standard_comp_id   ? 
_struct_conn.ptnr1_symmetry                1_555 
_struct_conn.ptnr2_label_asym_id           A 
_struct_conn.ptnr2_label_comp_id           CYS 
_struct_conn.ptnr2_label_seq_id            212 
_struct_conn.ptnr2_label_atom_id           SG 
_struct_conn.pdbx_ptnr2_label_alt_id       ? 
_struct_conn.pdbx_ptnr2_PDB_ins_code       ? 
_struct_conn.ptnr1_auth_asym_id            A 
_struct_conn.ptnr1_auth_comp_id            CYS 
_struct_conn.ptnr1_auth_seq_id             207 
_struct_conn.ptnr2_auth_asym_id            A 
_struct_conn.ptnr2_auth_comp_id            CYS 
_struct_conn.ptnr2_auth_seq_id             212 
_struct_conn.ptnr2_symmetry                1_555 
_struct_conn.pdbx_ptnr3_label_atom_id      ? 
_struct_conn.pdbx_ptnr3_label_seq_id       ? 
_struct_conn.pdbx_ptnr3_label_comp_id      ? 
_struct_conn.pdbx_ptnr3_label_asym_id      ? 
_struct_conn.pdbx_ptnr3_label_alt_id       ? 
_struct_conn.pdbx_ptnr3_PDB_ins_code       ? 
_struct_conn.details                       ? 
_struct_conn.pdbx_dist_value               2.037 
_struct_conn.pdbx_value_order              ? 
_struct_conn.pdbx_role                     ? 
# 
_struct_conn_type.id          disulf 
_struct_conn_type.criteria    ? 
_struct_conn_type.reference   ? 
# 
_pdbx_modification_feature.ordinal                            1 
_pdbx_modification_feature.label_comp_id                      CYS 
_pdbx_modification_feature.label_asym_id                      A 
_pdbx_modification_feature.label_seq_id                       207 
_pdbx_modification_feature.label_alt_id                       ? 
_pdbx_modification_feature.modified_residue_label_comp_id     CYS 
_pdbx_modification_feature.modified_residue_label_asym_id     A 
_pdbx_modification_feature.modified_residue_label_seq_id      212 
_pdbx_modification_feature.modified_residue_label_alt_id      ? 
_pdbx_modification_feature.auth_comp_id                       CYS 
_pdbx_modification_feature.auth_asym_id                       A 
_pdbx_modification_feature.auth_seq_id                        207 
_pdbx_modification_feature.PDB_ins_code                       ? 
_pdbx_modification_feature.symmetry                           1_555 
_pdbx_modification_feature.modified_residue_auth_comp_id      CYS 
_pdbx_modification_feature.modified_residue_auth_asym_id      A 
_pdbx_modification_feature.modified_residue_auth_seq_id       212 
_pdbx_modification_feature.modified_residue_PDB_ins_code      ? 
_pdbx_modification_feature.modified_residue_symmetry          1_555 
_pdbx_modification_feature.comp_id_linking_atom               SG 
_pdbx_modification_feature.modified_residue_id_linking_atom   SG 
_pdbx_modification_feature.modified_residue_id                . 
_pdbx_modification_feature.ref_pcm_id                         . 
_pdbx_modification_feature.ref_comp_id                        . 
_pdbx_modification_feature.type                               None 
_pdbx_modification_feature.category                           'Disulfide bridge' 
# 
loop_
_struct_mon_prot_cis.pdbx_id 
_struct_mon_prot_cis.label_comp_id 
_struct_mon_prot_cis.label_seq_id 
_struct_mon_prot_cis.label_asym_id 
_struct_mon_prot_cis.label_alt_id 
_struct_mon_prot_cis.pdbx_PDB_ins_code 
_struct_mon_prot_cis.auth_comp_id 
_struct_mon_prot_cis.auth_seq_id 
_struct_mon_prot_cis.auth_asym_id 
_struct_mon_prot_cis.pdbx_label_comp_id_2 
_struct_mon_prot_cis.pdbx_label_seq_id_2 
_struct_mon_prot_cis.pdbx_label_asym_id_2 
_struct_mon_prot_cis.pdbx_PDB_ins_code_2 
_struct_mon_prot_cis.pdbx_auth_comp_id_2 
_struct_mon_prot_cis.pdbx_auth_seq_id_2 
_struct_mon_prot_cis.pdbx_auth_asym_id_2 
_struct_mon_prot_cis.pdbx_PDB_model_num 
_struct_mon_prot_cis.pdbx_omega_angle 
1 GLY 48 A . ? GLY 48 A PRO 49 A ? PRO 49 A 1 0.38  
2 THR 53 A . ? THR 53 A PRO 54 A ? PRO 54 A 1 -0.09 
# 
loop_
_struct_sheet.id 
_struct_sheet.type 
_struct_sheet.number_strands 
_struct_sheet.details 
AA ? 4 ? 
AB ? 5 ? 
AC ? 8 ? 
# 
loop_
_struct_sheet_order.sheet_id 
_struct_sheet_order.range_id_1 
_struct_sheet_order.range_id_2 
_struct_sheet_order.offset 
_struct_sheet_order.sense 
AA 1 2 ? anti-parallel 
AA 2 3 ? anti-parallel 
AA 3 4 ? anti-parallel 
AB 1 2 ? parallel      
AB 2 3 ? anti-parallel 
AB 3 4 ? anti-parallel 
AB 4 5 ? anti-parallel 
AC 1 2 ? anti-parallel 
AC 2 3 ? anti-parallel 
AC 3 4 ? anti-parallel 
AC 4 5 ? anti-parallel 
AC 5 6 ? anti-parallel 
AC 6 7 ? anti-parallel 
AC 7 8 ? anti-parallel 
# 
loop_
_struct_sheet_range.sheet_id 
_struct_sheet_range.id 
_struct_sheet_range.beg_label_comp_id 
_struct_sheet_range.beg_label_asym_id 
_struct_sheet_range.beg_label_seq_id 
_struct_sheet_range.pdbx_beg_PDB_ins_code 
_struct_sheet_range.end_label_comp_id 
_struct_sheet_range.end_label_asym_id 
_struct_sheet_range.end_label_seq_id 
_struct_sheet_range.pdbx_end_PDB_ins_code 
_struct_sheet_range.beg_auth_comp_id 
_struct_sheet_range.beg_auth_asym_id 
_struct_sheet_range.beg_auth_seq_id 
_struct_sheet_range.end_auth_comp_id 
_struct_sheet_range.end_auth_asym_id 
_struct_sheet_range.end_auth_seq_id 
AA 1 VAL A 2   ? LEU A 4   ? VAL A 2   LEU A 4   
AA 2 SER A 17  ? ASN A 24  ? SER A 17  ASN A 24  
AA 3 LYS A 64  ? THR A 71  ? LYS A 64  THR A 71  
AA 4 VAL A 50  ? THR A 53  ? VAL A 50  THR A 53  
AB 1 ARG A 8   ? ASP A 12  ? ARG A 8   ASP A 12  
AB 2 THR A 109 ? ARG A 116 ? THR A 109 ARG A 116 
AB 3 SER A 84  ? ILE A 93  ? SER A 84  ILE A 93  
AB 4 TYR A 31  ? GLU A 38  ? TYR A 31  GLU A 38  
AB 5 VAL A 56  ? LEU A 59  ? VAL A 56  LEU A 59  
AC 1 VAL A 171 ? LEU A 173 ? VAL A 171 LEU A 173 
AC 2 VAL A 151 ? GLY A 157 ? VAL A 151 GLY A 157 
AC 3 TYR A 190 ? TYR A 193 ? TYR A 190 TYR A 193 
AC 4 VAL A 202 ? ASN A 208 ? VAL A 202 ASN A 208 
AC 5 ARG A 211 ? VAL A 214 ? ARG A 211 VAL A 214 
AC 6 LEU A 134 ? VAL A 137 ? LEU A 134 VAL A 137 
AC 7 GLY A 140 ? ASN A 145 ? GLY A 140 ASN A 145 
AC 8 SER A 177 ? LYS A 182 ? SER A 177 LYS A 182 
# 
loop_
_pdbx_struct_sheet_hbond.sheet_id 
_pdbx_struct_sheet_hbond.range_id_1 
_pdbx_struct_sheet_hbond.range_id_2 
_pdbx_struct_sheet_hbond.range_1_label_atom_id 
_pdbx_struct_sheet_hbond.range_1_label_comp_id 
_pdbx_struct_sheet_hbond.range_1_label_asym_id 
_pdbx_struct_sheet_hbond.range_1_label_seq_id 
_pdbx_struct_sheet_hbond.range_1_PDB_ins_code 
_pdbx_struct_sheet_hbond.range_1_auth_atom_id 
_pdbx_struct_sheet_hbond.range_1_auth_comp_id 
_pdbx_struct_sheet_hbond.range_1_auth_asym_id 
_pdbx_struct_sheet_hbond.range_1_auth_seq_id 
_pdbx_struct_sheet_hbond.range_2_label_atom_id 
_pdbx_struct_sheet_hbond.range_2_label_comp_id 
_pdbx_struct_sheet_hbond.range_2_label_asym_id 
_pdbx_struct_sheet_hbond.range_2_label_seq_id 
_pdbx_struct_sheet_hbond.range_2_PDB_ins_code 
_pdbx_struct_sheet_hbond.range_2_auth_atom_id 
_pdbx_struct_sheet_hbond.range_2_auth_comp_id 
_pdbx_struct_sheet_hbond.range_2_auth_asym_id 
_pdbx_struct_sheet_hbond.range_2_auth_seq_id 
AA 1 2 N SER A 3   ? N SER A 3   O SER A 23  ? O SER A 23  
AA 2 3 N ILE A 22  ? N ILE A 22  O SER A 65  ? O SER A 65  
AA 3 4 N SER A 70  ? N SER A 70  O ILE A 51  ? O ILE A 51  
AB 1 2 N ALA A 9   ? N ALA A 9   O LYS A 112 ? O LYS A 112 
AB 2 3 N TYR A 115 ? N TYR A 115 O SER A 84  ? O SER A 84  
AB 3 4 N ILE A 93  ? N ILE A 93  O LEU A 32  ? O LEU A 32  
AB 4 5 N ALA A 33  ? N ALA A 33  O GLN A 57  ? O GLN A 57  
AC 1 2 N LEU A 173 ? N LEU A 173 O VAL A 151 ? O VAL A 151 
AC 2 3 N GLY A 157 ? N GLY A 157 O TYR A 190 ? O TYR A 190 
AC 3 4 N LEU A 191 ? N LEU A 191 O LEU A 203 ? O LEU A 203 
AC 4 5 N ASN A 208 ? N ASN A 208 O ARG A 211 ? O ARG A 211 
AC 5 6 N CYS A 212 ? N CYS A 212 O LEU A 134 ? O LEU A 134 
AC 6 7 N VAL A 137 ? N VAL A 137 O GLY A 140 ? O GLY A 140 
AC 7 8 N ASN A 145 ? N ASN A 145 O SER A 177 ? O SER A 177 
# 
_struct_site.id                   AC1 
_struct_site.pdbx_evidence_code   Software 
_struct_site.pdbx_auth_asym_id    ? 
_struct_site.pdbx_auth_comp_id    ? 
_struct_site.pdbx_auth_seq_id     ? 
_struct_site.pdbx_auth_ins_code   ? 
_struct_site.pdbx_num_residues    10 
_struct_site.details              'BINDING SITE FOR RESIDUE XC2 A1216' 
# 
loop_
_struct_site_gen.id 
_struct_site_gen.site_id 
_struct_site_gen.pdbx_num_res 
_struct_site_gen.label_comp_id 
_struct_site_gen.label_asym_id 
_struct_site_gen.label_seq_id 
_struct_site_gen.pdbx_auth_ins_code 
_struct_site_gen.auth_comp_id 
_struct_site_gen.auth_asym_id 
_struct_site_gen.auth_seq_id 
_struct_site_gen.label_atom_id 
_struct_site_gen.label_alt_id 
_struct_site_gen.symmetry 
_struct_site_gen.details 
1  AC1 10 LEU A 32 ? LEU A 32 . ? 1_555 ? 
2  AC1 10 ILE A 46 ? ILE A 46 . ? 1_555 ? 
3  AC1 10 THR A 47 ? THR A 47 . ? 1_555 ? 
4  AC1 10 ALA A 52 ? ALA A 52 . ? 1_555 ? 
5  AC1 10 THR A 53 ? THR A 53 . ? 1_555 ? 
6  AC1 10 PRO A 55 ? PRO A 55 . ? 1_555 ? 
7  AC1 10 ARG A 58 ? ARG A 58 . ? 1_555 ? 
8  AC1 10 PRO A 94 ? PRO A 94 . ? 1_555 ? 
9  AC1 10 PRO A 95 ? PRO A 95 . ? 1_555 ? 
10 AC1 10 ARG A 96 ? ARG A 96 . ? 1_555 ? 
# 
_pdbx_entry_details.entry_id                   2J7L 
_pdbx_entry_details.compound_details           ? 
_pdbx_entry_details.source_details             ? 
_pdbx_entry_details.nonpolymer_details         ? 
_pdbx_entry_details.sequence_details           ? 
_pdbx_entry_details.has_ligand_of_interest     ? 
_pdbx_entry_details.has_protein_modification   Y 
# 
_pdbx_validate_close_contact.id               1 
_pdbx_validate_close_contact.PDB_model_num    1 
_pdbx_validate_close_contact.auth_atom_id_1   O 
_pdbx_validate_close_contact.auth_asym_id_1   A 
_pdbx_validate_close_contact.auth_comp_id_1   PRO 
_pdbx_validate_close_contact.auth_seq_id_1    94 
_pdbx_validate_close_contact.PDB_ins_code_1   ? 
_pdbx_validate_close_contact.label_alt_id_1   ? 
_pdbx_validate_close_contact.auth_atom_id_2   O 
_pdbx_validate_close_contact.auth_asym_id_2   A 
_pdbx_validate_close_contact.auth_comp_id_2   HOH 
_pdbx_validate_close_contact.auth_seq_id_2    2028 
_pdbx_validate_close_contact.PDB_ins_code_2   ? 
_pdbx_validate_close_contact.label_alt_id_2   ? 
_pdbx_validate_close_contact.dist             2.15 
# 
loop_
_pdbx_validate_torsion.id 
_pdbx_validate_torsion.PDB_model_num 
_pdbx_validate_torsion.auth_comp_id 
_pdbx_validate_torsion.auth_asym_id 
_pdbx_validate_torsion.auth_seq_id 
_pdbx_validate_torsion.PDB_ins_code 
_pdbx_validate_torsion.label_alt_id 
_pdbx_validate_torsion.phi 
_pdbx_validate_torsion.psi 
1 1 PRO A 61  ? ? -36.44  116.13  
2 1 SER A 65  ? ? -104.66 -144.96 
3 1 ARG A 96  ? ? -63.76  10.57   
4 1 ILE A 105 ? ? -104.94 72.91   
5 1 THR A 109 ? ? -175.45 147.20  
6 1 LEU A 156 ? ? -169.07 105.80  
7 1 ARG A 176 ? ? 39.70   62.25   
8 1 ASN A 208 ? ? -156.24 72.82   
# 
_pdbx_distant_solvent_atoms.id                                1 
_pdbx_distant_solvent_atoms.PDB_model_num                     1 
_pdbx_distant_solvent_atoms.auth_atom_id                      O 
_pdbx_distant_solvent_atoms.label_alt_id                      ? 
_pdbx_distant_solvent_atoms.auth_asym_id                      A 
_pdbx_distant_solvent_atoms.auth_comp_id                      HOH 
_pdbx_distant_solvent_atoms.auth_seq_id                       2008 
_pdbx_distant_solvent_atoms.PDB_ins_code                      ? 
_pdbx_distant_solvent_atoms.neighbor_macromolecule_distance   6.96 
_pdbx_distant_solvent_atoms.neighbor_ligand_distance          . 
# 
loop_
_pdbx_unobs_or_zero_occ_residues.id 
_pdbx_unobs_or_zero_occ_residues.PDB_model_num 
_pdbx_unobs_or_zero_occ_residues.polymer_flag 
_pdbx_unobs_or_zero_occ_residues.occupancy_flag 
_pdbx_unobs_or_zero_occ_residues.auth_asym_id 
_pdbx_unobs_or_zero_occ_residues.auth_comp_id 
_pdbx_unobs_or_zero_occ_residues.auth_seq_id 
_pdbx_unobs_or_zero_occ_residues.PDB_ins_code 
_pdbx_unobs_or_zero_occ_residues.label_asym_id 
_pdbx_unobs_or_zero_occ_residues.label_comp_id 
_pdbx_unobs_or_zero_occ_residues.label_seq_id 
1 1 Y 1 A LYS 99  ? A LYS 99  
2 1 Y 1 A ALA 100 ? A ALA 100 
3 1 Y 1 A ASN 101 ? A ASN 101 
4 1 Y 1 A VAL 102 ? A VAL 102 
5 1 Y 1 A LEU 103 ? A LEU 103 
6 1 Y 1 A LYS 216 ? A LYS 216 
7 1 Y 1 A GLU 217 ? A GLU 217 
8 1 Y 1 A LYS 218 ? A LYS 218 
# 
loop_
_chem_comp_atom.comp_id 
_chem_comp_atom.atom_id 
_chem_comp_atom.type_symbol 
_chem_comp_atom.pdbx_aromatic_flag 
_chem_comp_atom.pdbx_stereo_config 
_chem_comp_atom.pdbx_ordinal 
ALA N    N N N 1   
ALA CA   C N S 2   
ALA C    C N N 3   
ALA O    O N N 4   
ALA CB   C N N 5   
ALA OXT  O N N 6   
ALA H    H N N 7   
ALA H2   H N N 8   
ALA HA   H N N 9   
ALA HB1  H N N 10  
ALA HB2  H N N 11  
ALA HB3  H N N 12  
ALA HXT  H N N 13  
ARG N    N N N 14  
ARG CA   C N S 15  
ARG C    C N N 16  
ARG O    O N N 17  
ARG CB   C N N 18  
ARG CG   C N N 19  
ARG CD   C N N 20  
ARG NE   N N N 21  
ARG CZ   C N N 22  
ARG NH1  N N N 23  
ARG NH2  N N N 24  
ARG OXT  O N N 25  
ARG H    H N N 26  
ARG H2   H N N 27  
ARG HA   H N N 28  
ARG HB2  H N N 29  
ARG HB3  H N N 30  
ARG HG2  H N N 31  
ARG HG3  H N N 32  
ARG HD2  H N N 33  
ARG HD3  H N N 34  
ARG HE   H N N 35  
ARG HH11 H N N 36  
ARG HH12 H N N 37  
ARG HH21 H N N 38  
ARG HH22 H N N 39  
ARG HXT  H N N 40  
ASN N    N N N 41  
ASN CA   C N S 42  
ASN C    C N N 43  
ASN O    O N N 44  
ASN CB   C N N 45  
ASN CG   C N N 46  
ASN OD1  O N N 47  
ASN ND2  N N N 48  
ASN OXT  O N N 49  
ASN H    H N N 50  
ASN H2   H N N 51  
ASN HA   H N N 52  
ASN HB2  H N N 53  
ASN HB3  H N N 54  
ASN HD21 H N N 55  
ASN HD22 H N N 56  
ASN HXT  H N N 57  
ASP N    N N N 58  
ASP CA   C N S 59  
ASP C    C N N 60  
ASP O    O N N 61  
ASP CB   C N N 62  
ASP CG   C N N 63  
ASP OD1  O N N 64  
ASP OD2  O N N 65  
ASP OXT  O N N 66  
ASP H    H N N 67  
ASP H2   H N N 68  
ASP HA   H N N 69  
ASP HB2  H N N 70  
ASP HB3  H N N 71  
ASP HD2  H N N 72  
ASP HXT  H N N 73  
CYS N    N N N 74  
CYS CA   C N R 75  
CYS C    C N N 76  
CYS O    O N N 77  
CYS CB   C N N 78  
CYS SG   S N N 79  
CYS OXT  O N N 80  
CYS H    H N N 81  
CYS H2   H N N 82  
CYS HA   H N N 83  
CYS HB2  H N N 84  
CYS HB3  H N N 85  
CYS HG   H N N 86  
CYS HXT  H N N 87  
GLN N    N N N 88  
GLN CA   C N S 89  
GLN C    C N N 90  
GLN O    O N N 91  
GLN CB   C N N 92  
GLN CG   C N N 93  
GLN CD   C N N 94  
GLN OE1  O N N 95  
GLN NE2  N N N 96  
GLN OXT  O N N 97  
GLN H    H N N 98  
GLN H2   H N N 99  
GLN HA   H N N 100 
GLN HB2  H N N 101 
GLN HB3  H N N 102 
GLN HG2  H N N 103 
GLN HG3  H N N 104 
GLN HE21 H N N 105 
GLN HE22 H N N 106 
GLN HXT  H N N 107 
GLU N    N N N 108 
GLU CA   C N S 109 
GLU C    C N N 110 
GLU O    O N N 111 
GLU CB   C N N 112 
GLU CG   C N N 113 
GLU CD   C N N 114 
GLU OE1  O N N 115 
GLU OE2  O N N 116 
GLU OXT  O N N 117 
GLU H    H N N 118 
GLU H2   H N N 119 
GLU HA   H N N 120 
GLU HB2  H N N 121 
GLU HB3  H N N 122 
GLU HG2  H N N 123 
GLU HG3  H N N 124 
GLU HE2  H N N 125 
GLU HXT  H N N 126 
GLY N    N N N 127 
GLY CA   C N N 128 
GLY C    C N N 129 
GLY O    O N N 130 
GLY OXT  O N N 131 
GLY H    H N N 132 
GLY H2   H N N 133 
GLY HA2  H N N 134 
GLY HA3  H N N 135 
GLY HXT  H N N 136 
HOH O    O N N 137 
HOH H1   H N N 138 
HOH H2   H N N 139 
ILE N    N N N 140 
ILE CA   C N S 141 
ILE C    C N N 142 
ILE O    O N N 143 
ILE CB   C N S 144 
ILE CG1  C N N 145 
ILE CG2  C N N 146 
ILE CD1  C N N 147 
ILE OXT  O N N 148 
ILE H    H N N 149 
ILE H2   H N N 150 
ILE HA   H N N 151 
ILE HB   H N N 152 
ILE HG12 H N N 153 
ILE HG13 H N N 154 
ILE HG21 H N N 155 
ILE HG22 H N N 156 
ILE HG23 H N N 157 
ILE HD11 H N N 158 
ILE HD12 H N N 159 
ILE HD13 H N N 160 
ILE HXT  H N N 161 
LEU N    N N N 162 
LEU CA   C N S 163 
LEU C    C N N 164 
LEU O    O N N 165 
LEU CB   C N N 166 
LEU CG   C N N 167 
LEU CD1  C N N 168 
LEU CD2  C N N 169 
LEU OXT  O N N 170 
LEU H    H N N 171 
LEU H2   H N N 172 
LEU HA   H N N 173 
LEU HB2  H N N 174 
LEU HB3  H N N 175 
LEU HG   H N N 176 
LEU HD11 H N N 177 
LEU HD12 H N N 178 
LEU HD13 H N N 179 
LEU HD21 H N N 180 
LEU HD22 H N N 181 
LEU HD23 H N N 182 
LEU HXT  H N N 183 
LYS N    N N N 184 
LYS CA   C N S 185 
LYS C    C N N 186 
LYS O    O N N 187 
LYS CB   C N N 188 
LYS CG   C N N 189 
LYS CD   C N N 190 
LYS CE   C N N 191 
LYS NZ   N N N 192 
LYS OXT  O N N 193 
LYS H    H N N 194 
LYS H2   H N N 195 
LYS HA   H N N 196 
LYS HB2  H N N 197 
LYS HB3  H N N 198 
LYS HG2  H N N 199 
LYS HG3  H N N 200 
LYS HD2  H N N 201 
LYS HD3  H N N 202 
LYS HE2  H N N 203 
LYS HE3  H N N 204 
LYS HZ1  H N N 205 
LYS HZ2  H N N 206 
LYS HZ3  H N N 207 
LYS HXT  H N N 208 
MET N    N N N 209 
MET CA   C N S 210 
MET C    C N N 211 
MET O    O N N 212 
MET CB   C N N 213 
MET CG   C N N 214 
MET SD   S N N 215 
MET CE   C N N 216 
MET OXT  O N N 217 
MET H    H N N 218 
MET H2   H N N 219 
MET HA   H N N 220 
MET HB2  H N N 221 
MET HB3  H N N 222 
MET HG2  H N N 223 
MET HG3  H N N 224 
MET HE1  H N N 225 
MET HE2  H N N 226 
MET HE3  H N N 227 
MET HXT  H N N 228 
PHE N    N N N 229 
PHE CA   C N S 230 
PHE C    C N N 231 
PHE O    O N N 232 
PHE CB   C N N 233 
PHE CG   C Y N 234 
PHE CD1  C Y N 235 
PHE CD2  C Y N 236 
PHE CE1  C Y N 237 
PHE CE2  C Y N 238 
PHE CZ   C Y N 239 
PHE OXT  O N N 240 
PHE H    H N N 241 
PHE H2   H N N 242 
PHE HA   H N N 243 
PHE HB2  H N N 244 
PHE HB3  H N N 245 
PHE HD1  H N N 246 
PHE HD2  H N N 247 
PHE HE1  H N N 248 
PHE HE2  H N N 249 
PHE HZ   H N N 250 
PHE HXT  H N N 251 
PRO N    N N N 252 
PRO CA   C N S 253 
PRO C    C N N 254 
PRO O    O N N 255 
PRO CB   C N N 256 
PRO CG   C N N 257 
PRO CD   C N N 258 
PRO OXT  O N N 259 
PRO H    H N N 260 
PRO HA   H N N 261 
PRO HB2  H N N 262 
PRO HB3  H N N 263 
PRO HG2  H N N 264 
PRO HG3  H N N 265 
PRO HD2  H N N 266 
PRO HD3  H N N 267 
PRO HXT  H N N 268 
SER N    N N N 269 
SER CA   C N S 270 
SER C    C N N 271 
SER O    O N N 272 
SER CB   C N N 273 
SER OG   O N N 274 
SER OXT  O N N 275 
SER H    H N N 276 
SER H2   H N N 277 
SER HA   H N N 278 
SER HB2  H N N 279 
SER HB3  H N N 280 
SER HG   H N N 281 
SER HXT  H N N 282 
THR N    N N N 283 
THR CA   C N S 284 
THR C    C N N 285 
THR O    O N N 286 
THR CB   C N R 287 
THR OG1  O N N 288 
THR CG2  C N N 289 
THR OXT  O N N 290 
THR H    H N N 291 
THR H2   H N N 292 
THR HA   H N N 293 
THR HB   H N N 294 
THR HG1  H N N 295 
THR HG21 H N N 296 
THR HG22 H N N 297 
THR HG23 H N N 298 
THR HXT  H N N 299 
TRP N    N N N 300 
TRP CA   C N S 301 
TRP C    C N N 302 
TRP O    O N N 303 
TRP CB   C N N 304 
TRP CG   C Y N 305 
TRP CD1  C Y N 306 
TRP CD2  C Y N 307 
TRP NE1  N Y N 308 
TRP CE2  C Y N 309 
TRP CE3  C Y N 310 
TRP CZ2  C Y N 311 
TRP CZ3  C Y N 312 
TRP CH2  C Y N 313 
TRP OXT  O N N 314 
TRP H    H N N 315 
TRP H2   H N N 316 
TRP HA   H N N 317 
TRP HB2  H N N 318 
TRP HB3  H N N 319 
TRP HD1  H N N 320 
TRP HE1  H N N 321 
TRP HE3  H N N 322 
TRP HZ2  H N N 323 
TRP HZ3  H N N 324 
TRP HH2  H N N 325 
TRP HXT  H N N 326 
TYR N    N N N 327 
TYR CA   C N S 328 
TYR C    C N N 329 
TYR O    O N N 330 
TYR CB   C N N 331 
TYR CG   C Y N 332 
TYR CD1  C Y N 333 
TYR CD2  C Y N 334 
TYR CE1  C Y N 335 
TYR CE2  C Y N 336 
TYR CZ   C Y N 337 
TYR OH   O N N 338 
TYR OXT  O N N 339 
TYR H    H N N 340 
TYR H2   H N N 341 
TYR HA   H N N 342 
TYR HB2  H N N 343 
TYR HB3  H N N 344 
TYR HD1  H N N 345 
TYR HD2  H N N 346 
TYR HE1  H N N 347 
TYR HE2  H N N 348 
TYR HH   H N N 349 
TYR HXT  H N N 350 
VAL N    N N N 351 
VAL CA   C N S 352 
VAL C    C N N 353 
VAL O    O N N 354 
VAL CB   C N N 355 
VAL CG1  C N N 356 
VAL CG2  C N N 357 
VAL OXT  O N N 358 
VAL H    H N N 359 
VAL H2   H N N 360 
VAL HA   H N N 361 
VAL HB   H N N 362 
VAL HG11 H N N 363 
VAL HG12 H N N 364 
VAL HG13 H N N 365 
VAL HG21 H N N 366 
VAL HG22 H N N 367 
VAL HG23 H N N 368 
VAL HXT  H N N 369 
XC2 S6   S N N 370 
XC2 C5   C N N 371 
XC2 C11  C N S 372 
XC2 N10  N Y N 373 
XC2 C6   C Y N 374 
XC2 C7   C Y N 375 
XC2 C8   C Y N 376 
XC2 C9   C Y N 377 
XC2 C10  C Y N 378 
XC2 O25  O N N 379 
XC2 C26  C N N 380 
XC2 N5   N N N 381 
XC2 C1   C N N 382 
XC2 C2   C N N 383 
XC2 O3   O N N 384 
XC2 C34  C N N 385 
XC2 C4   C N N 386 
XC2 C24  C N N 387 
XC2 C15  C Y N 388 
XC2 C20  C Y N 389 
XC2 C19  C Y N 390 
XC2 C18  C Y N 391 
XC2 C17  C Y N 392 
XC2 C21  C Y N 393 
XC2 C27  C Y N 394 
XC2 C28  C Y N 395 
XC2 C29  C Y N 396 
XC2 C16  C Y N 397 
XC2 C22  C N N 398 
XC2 C31  C N N 399 
XC2 C30  C N N 400 
XC2 C23  C N N 401 
XC2 O33  O N N 402 
XC2 O32  O N N 403 
XC2 H5C1 H N N 404 
XC2 H5C2 H N N 405 
XC2 H11  H N N 406 
XC2 H22  H N N 407 
XC2 H241 H N N 408 
XC2 H242 H N N 409 
XC2 H261 H N N 410 
XC2 H262 H N N 411 
XC2 H1C1 H N N 412 
XC2 H1C2 H N N 413 
XC2 H4C1 H N N 414 
XC2 H4C2 H N N 415 
XC2 H2C1 H N N 416 
XC2 H2C2 H N N 417 
XC2 H341 H N N 418 
XC2 H342 H N N 419 
XC2 H20  H N N 420 
XC2 H19  H N N 421 
XC2 H18  H N N 422 
XC2 H21  H N N 423 
XC2 H27  H N N 424 
XC2 H28  H N N 425 
XC2 H29  H N N 426 
XC2 H311 H N N 427 
XC2 H312 H N N 428 
XC2 H301 H N N 429 
XC2 H302 H N N 430 
XC2 H33  H N N 431 
# 
loop_
_chem_comp_bond.comp_id 
_chem_comp_bond.atom_id_1 
_chem_comp_bond.atom_id_2 
_chem_comp_bond.value_order 
_chem_comp_bond.pdbx_aromatic_flag 
_chem_comp_bond.pdbx_stereo_config 
_chem_comp_bond.pdbx_ordinal 
ALA N   CA   sing N N 1   
ALA N   H    sing N N 2   
ALA N   H2   sing N N 3   
ALA CA  C    sing N N 4   
ALA CA  CB   sing N N 5   
ALA CA  HA   sing N N 6   
ALA C   O    doub N N 7   
ALA C   OXT  sing N N 8   
ALA CB  HB1  sing N N 9   
ALA CB  HB2  sing N N 10  
ALA CB  HB3  sing N N 11  
ALA OXT HXT  sing N N 12  
ARG N   CA   sing N N 13  
ARG N   H    sing N N 14  
ARG N   H2   sing N N 15  
ARG CA  C    sing N N 16  
ARG CA  CB   sing N N 17  
ARG CA  HA   sing N N 18  
ARG C   O    doub N N 19  
ARG C   OXT  sing N N 20  
ARG CB  CG   sing N N 21  
ARG CB  HB2  sing N N 22  
ARG CB  HB3  sing N N 23  
ARG CG  CD   sing N N 24  
ARG CG  HG2  sing N N 25  
ARG CG  HG3  sing N N 26  
ARG CD  NE   sing N N 27  
ARG CD  HD2  sing N N 28  
ARG CD  HD3  sing N N 29  
ARG NE  CZ   sing N N 30  
ARG NE  HE   sing N N 31  
ARG CZ  NH1  sing N N 32  
ARG CZ  NH2  doub N N 33  
ARG NH1 HH11 sing N N 34  
ARG NH1 HH12 sing N N 35  
ARG NH2 HH21 sing N N 36  
ARG NH2 HH22 sing N N 37  
ARG OXT HXT  sing N N 38  
ASN N   CA   sing N N 39  
ASN N   H    sing N N 40  
ASN N   H2   sing N N 41  
ASN CA  C    sing N N 42  
ASN CA  CB   sing N N 43  
ASN CA  HA   sing N N 44  
ASN C   O    doub N N 45  
ASN C   OXT  sing N N 46  
ASN CB  CG   sing N N 47  
ASN CB  HB2  sing N N 48  
ASN CB  HB3  sing N N 49  
ASN CG  OD1  doub N N 50  
ASN CG  ND2  sing N N 51  
ASN ND2 HD21 sing N N 52  
ASN ND2 HD22 sing N N 53  
ASN OXT HXT  sing N N 54  
ASP N   CA   sing N N 55  
ASP N   H    sing N N 56  
ASP N   H2   sing N N 57  
ASP CA  C    sing N N 58  
ASP CA  CB   sing N N 59  
ASP CA  HA   sing N N 60  
ASP C   O    doub N N 61  
ASP C   OXT  sing N N 62  
ASP CB  CG   sing N N 63  
ASP CB  HB2  sing N N 64  
ASP CB  HB3  sing N N 65  
ASP CG  OD1  doub N N 66  
ASP CG  OD2  sing N N 67  
ASP OD2 HD2  sing N N 68  
ASP OXT HXT  sing N N 69  
CYS N   CA   sing N N 70  
CYS N   H    sing N N 71  
CYS N   H2   sing N N 72  
CYS CA  C    sing N N 73  
CYS CA  CB   sing N N 74  
CYS CA  HA   sing N N 75  
CYS C   O    doub N N 76  
CYS C   OXT  sing N N 77  
CYS CB  SG   sing N N 78  
CYS CB  HB2  sing N N 79  
CYS CB  HB3  sing N N 80  
CYS SG  HG   sing N N 81  
CYS OXT HXT  sing N N 82  
GLN N   CA   sing N N 83  
GLN N   H    sing N N 84  
GLN N   H2   sing N N 85  
GLN CA  C    sing N N 86  
GLN CA  CB   sing N N 87  
GLN CA  HA   sing N N 88  
GLN C   O    doub N N 89  
GLN C   OXT  sing N N 90  
GLN CB  CG   sing N N 91  
GLN CB  HB2  sing N N 92  
GLN CB  HB3  sing N N 93  
GLN CG  CD   sing N N 94  
GLN CG  HG2  sing N N 95  
GLN CG  HG3  sing N N 96  
GLN CD  OE1  doub N N 97  
GLN CD  NE2  sing N N 98  
GLN NE2 HE21 sing N N 99  
GLN NE2 HE22 sing N N 100 
GLN OXT HXT  sing N N 101 
GLU N   CA   sing N N 102 
GLU N   H    sing N N 103 
GLU N   H2   sing N N 104 
GLU CA  C    sing N N 105 
GLU CA  CB   sing N N 106 
GLU CA  HA   sing N N 107 
GLU C   O    doub N N 108 
GLU C   OXT  sing N N 109 
GLU CB  CG   sing N N 110 
GLU CB  HB2  sing N N 111 
GLU CB  HB3  sing N N 112 
GLU CG  CD   sing N N 113 
GLU CG  HG2  sing N N 114 
GLU CG  HG3  sing N N 115 
GLU CD  OE1  doub N N 116 
GLU CD  OE2  sing N N 117 
GLU OE2 HE2  sing N N 118 
GLU OXT HXT  sing N N 119 
GLY N   CA   sing N N 120 
GLY N   H    sing N N 121 
GLY N   H2   sing N N 122 
GLY CA  C    sing N N 123 
GLY CA  HA2  sing N N 124 
GLY CA  HA3  sing N N 125 
GLY C   O    doub N N 126 
GLY C   OXT  sing N N 127 
GLY OXT HXT  sing N N 128 
HOH O   H1   sing N N 129 
HOH O   H2   sing N N 130 
ILE N   CA   sing N N 131 
ILE N   H    sing N N 132 
ILE N   H2   sing N N 133 
ILE CA  C    sing N N 134 
ILE CA  CB   sing N N 135 
ILE CA  HA   sing N N 136 
ILE C   O    doub N N 137 
ILE C   OXT  sing N N 138 
ILE CB  CG1  sing N N 139 
ILE CB  CG2  sing N N 140 
ILE CB  HB   sing N N 141 
ILE CG1 CD1  sing N N 142 
ILE CG1 HG12 sing N N 143 
ILE CG1 HG13 sing N N 144 
ILE CG2 HG21 sing N N 145 
ILE CG2 HG22 sing N N 146 
ILE CG2 HG23 sing N N 147 
ILE CD1 HD11 sing N N 148 
ILE CD1 HD12 sing N N 149 
ILE CD1 HD13 sing N N 150 
ILE OXT HXT  sing N N 151 
LEU N   CA   sing N N 152 
LEU N   H    sing N N 153 
LEU N   H2   sing N N 154 
LEU CA  C    sing N N 155 
LEU CA  CB   sing N N 156 
LEU CA  HA   sing N N 157 
LEU C   O    doub N N 158 
LEU C   OXT  sing N N 159 
LEU CB  CG   sing N N 160 
LEU CB  HB2  sing N N 161 
LEU CB  HB3  sing N N 162 
LEU CG  CD1  sing N N 163 
LEU CG  CD2  sing N N 164 
LEU CG  HG   sing N N 165 
LEU CD1 HD11 sing N N 166 
LEU CD1 HD12 sing N N 167 
LEU CD1 HD13 sing N N 168 
LEU CD2 HD21 sing N N 169 
LEU CD2 HD22 sing N N 170 
LEU CD2 HD23 sing N N 171 
LEU OXT HXT  sing N N 172 
LYS N   CA   sing N N 173 
LYS N   H    sing N N 174 
LYS N   H2   sing N N 175 
LYS CA  C    sing N N 176 
LYS CA  CB   sing N N 177 
LYS CA  HA   sing N N 178 
LYS C   O    doub N N 179 
LYS C   OXT  sing N N 180 
LYS CB  CG   sing N N 181 
LYS CB  HB2  sing N N 182 
LYS CB  HB3  sing N N 183 
LYS CG  CD   sing N N 184 
LYS CG  HG2  sing N N 185 
LYS CG  HG3  sing N N 186 
LYS CD  CE   sing N N 187 
LYS CD  HD2  sing N N 188 
LYS CD  HD3  sing N N 189 
LYS CE  NZ   sing N N 190 
LYS CE  HE2  sing N N 191 
LYS CE  HE3  sing N N 192 
LYS NZ  HZ1  sing N N 193 
LYS NZ  HZ2  sing N N 194 
LYS NZ  HZ3  sing N N 195 
LYS OXT HXT  sing N N 196 
MET N   CA   sing N N 197 
MET N   H    sing N N 198 
MET N   H2   sing N N 199 
MET CA  C    sing N N 200 
MET CA  CB   sing N N 201 
MET CA  HA   sing N N 202 
MET C   O    doub N N 203 
MET C   OXT  sing N N 204 
MET CB  CG   sing N N 205 
MET CB  HB2  sing N N 206 
MET CB  HB3  sing N N 207 
MET CG  SD   sing N N 208 
MET CG  HG2  sing N N 209 
MET CG  HG3  sing N N 210 
MET SD  CE   sing N N 211 
MET CE  HE1  sing N N 212 
MET CE  HE2  sing N N 213 
MET CE  HE3  sing N N 214 
MET OXT HXT  sing N N 215 
PHE N   CA   sing N N 216 
PHE N   H    sing N N 217 
PHE N   H2   sing N N 218 
PHE CA  C    sing N N 219 
PHE CA  CB   sing N N 220 
PHE CA  HA   sing N N 221 
PHE C   O    doub N N 222 
PHE C   OXT  sing N N 223 
PHE CB  CG   sing N N 224 
PHE CB  HB2  sing N N 225 
PHE CB  HB3  sing N N 226 
PHE CG  CD1  doub Y N 227 
PHE CG  CD2  sing Y N 228 
PHE CD1 CE1  sing Y N 229 
PHE CD1 HD1  sing N N 230 
PHE CD2 CE2  doub Y N 231 
PHE CD2 HD2  sing N N 232 
PHE CE1 CZ   doub Y N 233 
PHE CE1 HE1  sing N N 234 
PHE CE2 CZ   sing Y N 235 
PHE CE2 HE2  sing N N 236 
PHE CZ  HZ   sing N N 237 
PHE OXT HXT  sing N N 238 
PRO N   CA   sing N N 239 
PRO N   CD   sing N N 240 
PRO N   H    sing N N 241 
PRO CA  C    sing N N 242 
PRO CA  CB   sing N N 243 
PRO CA  HA   sing N N 244 
PRO C   O    doub N N 245 
PRO C   OXT  sing N N 246 
PRO CB  CG   sing N N 247 
PRO CB  HB2  sing N N 248 
PRO CB  HB3  sing N N 249 
PRO CG  CD   sing N N 250 
PRO CG  HG2  sing N N 251 
PRO CG  HG3  sing N N 252 
PRO CD  HD2  sing N N 253 
PRO CD  HD3  sing N N 254 
PRO OXT HXT  sing N N 255 
SER N   CA   sing N N 256 
SER N   H    sing N N 257 
SER N   H2   sing N N 258 
SER CA  C    sing N N 259 
SER CA  CB   sing N N 260 
SER CA  HA   sing N N 261 
SER C   O    doub N N 262 
SER C   OXT  sing N N 263 
SER CB  OG   sing N N 264 
SER CB  HB2  sing N N 265 
SER CB  HB3  sing N N 266 
SER OG  HG   sing N N 267 
SER OXT HXT  sing N N 268 
THR N   CA   sing N N 269 
THR N   H    sing N N 270 
THR N   H2   sing N N 271 
THR CA  C    sing N N 272 
THR CA  CB   sing N N 273 
THR CA  HA   sing N N 274 
THR C   O    doub N N 275 
THR C   OXT  sing N N 276 
THR CB  OG1  sing N N 277 
THR CB  CG2  sing N N 278 
THR CB  HB   sing N N 279 
THR OG1 HG1  sing N N 280 
THR CG2 HG21 sing N N 281 
THR CG2 HG22 sing N N 282 
THR CG2 HG23 sing N N 283 
THR OXT HXT  sing N N 284 
TRP N   CA   sing N N 285 
TRP N   H    sing N N 286 
TRP N   H2   sing N N 287 
TRP CA  C    sing N N 288 
TRP CA  CB   sing N N 289 
TRP CA  HA   sing N N 290 
TRP C   O    doub N N 291 
TRP C   OXT  sing N N 292 
TRP CB  CG   sing N N 293 
TRP CB  HB2  sing N N 294 
TRP CB  HB3  sing N N 295 
TRP CG  CD1  doub Y N 296 
TRP CG  CD2  sing Y N 297 
TRP CD1 NE1  sing Y N 298 
TRP CD1 HD1  sing N N 299 
TRP CD2 CE2  doub Y N 300 
TRP CD2 CE3  sing Y N 301 
TRP NE1 CE2  sing Y N 302 
TRP NE1 HE1  sing N N 303 
TRP CE2 CZ2  sing Y N 304 
TRP CE3 CZ3  doub Y N 305 
TRP CE3 HE3  sing N N 306 
TRP CZ2 CH2  doub Y N 307 
TRP CZ2 HZ2  sing N N 308 
TRP CZ3 CH2  sing Y N 309 
TRP CZ3 HZ3  sing N N 310 
TRP CH2 HH2  sing N N 311 
TRP OXT HXT  sing N N 312 
TYR N   CA   sing N N 313 
TYR N   H    sing N N 314 
TYR N   H2   sing N N 315 
TYR CA  C    sing N N 316 
TYR CA  CB   sing N N 317 
TYR CA  HA   sing N N 318 
TYR C   O    doub N N 319 
TYR C   OXT  sing N N 320 
TYR CB  CG   sing N N 321 
TYR CB  HB2  sing N N 322 
TYR CB  HB3  sing N N 323 
TYR CG  CD1  doub Y N 324 
TYR CG  CD2  sing Y N 325 
TYR CD1 CE1  sing Y N 326 
TYR CD1 HD1  sing N N 327 
TYR CD2 CE2  doub Y N 328 
TYR CD2 HD2  sing N N 329 
TYR CE1 CZ   doub Y N 330 
TYR CE1 HE1  sing N N 331 
TYR CE2 CZ   sing Y N 332 
TYR CE2 HE2  sing N N 333 
TYR CZ  OH   sing N N 334 
TYR OH  HH   sing N N 335 
TYR OXT HXT  sing N N 336 
VAL N   CA   sing N N 337 
VAL N   H    sing N N 338 
VAL N   H2   sing N N 339 
VAL CA  C    sing N N 340 
VAL CA  CB   sing N N 341 
VAL CA  HA   sing N N 342 
VAL C   O    doub N N 343 
VAL C   OXT  sing N N 344 
VAL CB  CG1  sing N N 345 
VAL CB  CG2  sing N N 346 
VAL CB  HB   sing N N 347 
VAL CG1 HG11 sing N N 348 
VAL CG1 HG12 sing N N 349 
VAL CG1 HG13 sing N N 350 
VAL CG2 HG21 sing N N 351 
VAL CG2 HG22 sing N N 352 
VAL CG2 HG23 sing N N 353 
VAL OXT HXT  sing N N 354 
XC2 S6  C5   sing N N 355 
XC2 S6  C6   sing N N 356 
XC2 C5  C11  sing N N 357 
XC2 C5  H5C1 sing N N 358 
XC2 C5  H5C2 sing N N 359 
XC2 C11 N10  sing N N 360 
XC2 C11 H11  sing N N 361 
XC2 C11 C23  sing N N 362 
XC2 N10 C6   sing Y N 363 
XC2 N10 C10  sing Y N 364 
XC2 C6  C7   doub Y N 365 
XC2 C7  C8   sing Y N 366 
XC2 C7  C22  sing N N 367 
XC2 C8  C9   doub Y N 368 
XC2 C8  C24  sing N N 369 
XC2 C9  C10  sing Y N 370 
XC2 C9  C26  sing N N 371 
XC2 C10 O25  doub N N 372 
XC2 C26 N5   sing N N 373 
XC2 C26 H261 sing N N 374 
XC2 C26 H262 sing N N 375 
XC2 N5  C1   sing N N 376 
XC2 N5  C4   sing N N 377 
XC2 C1  C2   sing N N 378 
XC2 C1  H1C1 sing N N 379 
XC2 C1  H1C2 sing N N 380 
XC2 C2  O3   sing N N 381 
XC2 C2  H2C1 sing N N 382 
XC2 C2  H2C2 sing N N 383 
XC2 O3  C34  sing N N 384 
XC2 C34 C4   sing N N 385 
XC2 C34 H341 sing N N 386 
XC2 C34 H342 sing N N 387 
XC2 C4  H4C1 sing N N 388 
XC2 C4  H4C2 sing N N 389 
XC2 C24 C15  sing N N 390 
XC2 C24 H241 sing N N 391 
XC2 C24 H242 sing N N 392 
XC2 C15 C20  sing Y N 393 
XC2 C15 C16  doub Y N 394 
XC2 C20 C19  doub Y N 395 
XC2 C20 H20  sing N N 396 
XC2 C19 C18  sing Y N 397 
XC2 C19 H19  sing N N 398 
XC2 C18 C17  doub Y N 399 
XC2 C18 H18  sing N N 400 
XC2 C17 C21  sing Y N 401 
XC2 C17 C16  sing Y N 402 
XC2 C21 C27  doub Y N 403 
XC2 C21 H21  sing N N 404 
XC2 C27 C28  sing Y N 405 
XC2 C27 H27  sing N N 406 
XC2 C28 C29  doub Y N 407 
XC2 C28 H28  sing N N 408 
XC2 C29 C16  sing Y N 409 
XC2 C29 H29  sing N N 410 
XC2 C22 C31  sing N N 411 
XC2 C22 C30  sing N N 412 
XC2 C22 H22  sing N N 413 
XC2 C31 C30  sing N N 414 
XC2 C31 H311 sing N N 415 
XC2 C31 H312 sing N N 416 
XC2 C30 H301 sing N N 417 
XC2 C30 H302 sing N N 418 
XC2 C23 O33  sing N N 419 
XC2 C23 O32  doub N N 420 
XC2 O33 H33  sing N N 421 
# 
_pdbx_initial_refinement_model.id               1 
_pdbx_initial_refinement_model.entity_id_list   ? 
_pdbx_initial_refinement_model.type             'experimental model' 
_pdbx_initial_refinement_model.source_name      PDB 
_pdbx_initial_refinement_model.accession_code   1QPP 
_pdbx_initial_refinement_model.details          'PDB ENTRY 1QPP' 
# 
_atom_sites.entry_id                    2J7L 
_atom_sites.fract_transf_matrix[1][1]   0.00782467 
_atom_sites.fract_transf_matrix[1][2]   -0.00431798 
_atom_sites.fract_transf_matrix[1][3]   0.00836852 
_atom_sites.fract_transf_matrix[2][1]   0.00061807 
_atom_sites.fract_transf_matrix[2][2]   0.00520508 
_atom_sites.fract_transf_matrix[2][3]   0.01106419 
_atom_sites.fract_transf_matrix[3][1]   -0.00576726 
_atom_sites.fract_transf_matrix[3][2]   -0.00514007 
_atom_sites.fract_transf_matrix[3][3]   0.00274029 
_atom_sites.fract_transf_vector[1]      0.349201 
_atom_sites.fract_transf_vector[2]      -0.010351 
_atom_sites.fract_transf_vector[3]      0.386808 
# 
loop_
_atom_type.symbol 
C 
N 
O 
S 
# 
loop_
_atom_site.group_PDB 
_atom_site.id 
_atom_site.type_symbol 
_atom_site.label_atom_id 
_atom_site.label_alt_id 
_atom_site.label_comp_id 
_atom_site.label_asym_id 
_atom_site.label_entity_id 
_atom_site.label_seq_id 
_atom_site.pdbx_PDB_ins_code 
_atom_site.Cartn_x 
_atom_site.Cartn_y 
_atom_site.Cartn_z 
_atom_site.occupancy 
_atom_site.B_iso_or_equiv 
_atom_site.pdbx_formal_charge 
_atom_site.auth_seq_id 
_atom_site.auth_comp_id 
_atom_site.auth_asym_id 
_atom_site.auth_atom_id 
_atom_site.pdbx_PDB_model_num 
ATOM   1    N N   . ALA A 1 1   ? -4.672  12.541  17.663  1.00  51.26 ? 1    ALA A N   1 
ATOM   2    C CA  . ALA A 1 1   ? -5.025  13.908  17.165  1.00  51.18 ? 1    ALA A CA  1 
ATOM   3    C C   . ALA A 1 1   ? -4.560  14.132  15.733  1.00  49.70 ? 1    ALA A C   1 
ATOM   4    O O   . ALA A 1 1   ? -5.317  14.593  14.881  1.00  49.08 ? 1    ALA A O   1 
ATOM   5    C CB  . ALA A 1 1   ? -4.408  14.963  18.067  1.00  53.86 ? 1    ALA A CB  1 
ATOM   6    N N   . VAL A 1 2   ? -3.293  13.827  15.487  1.00  49.29 ? 2    VAL A N   1 
ATOM   7    C CA  . VAL A 1 2   ? -2.705  13.989  14.170  1.00  48.63 ? 2    VAL A CA  1 
ATOM   8    C C   . VAL A 1 2   ? -3.117  12.808  13.312  1.00  48.31 ? 2    VAL A C   1 
ATOM   9    O O   . VAL A 1 2   ? -3.015  11.666  13.742  1.00  49.86 ? 2    VAL A O   1 
ATOM   10   C CB  . VAL A 1 2   ? -1.186  14.028  14.275  1.00  47.66 ? 2    VAL A CB  1 
ATOM   11   C CG1 . VAL A 1 2   ? -0.583  14.303  12.924  1.00  46.72 ? 2    VAL A CG1 1 
ATOM   12   C CG2 . VAL A 1 2   ? -0.779  15.085  15.284  1.00  47.59 ? 2    VAL A CG2 1 
ATOM   13   N N   . SER A 1 3   ? -3.583  13.084  12.102  1.00  47.99 ? 3    SER A N   1 
ATOM   14   C CA  . SER A 1 3   ? -4.027  12.031  11.212  1.00  47.63 ? 3    SER A CA  1 
ATOM   15   C C   . SER A 1 3   ? -3.492  12.220  9.793   1.00  48.46 ? 3    SER A C   1 
ATOM   16   O O   . SER A 1 3   ? -3.051  13.306  9.434   1.00  49.33 ? 3    SER A O   1 
ATOM   17   C CB  . SER A 1 3   ? -5.539  12.022  11.198  1.00  47.54 ? 3    SER A CB  1 
ATOM   18   O OG  . SER A 1 3   ? -6.010  13.315  10.860  1.00  49.47 ? 3    SER A OG  1 
ATOM   19   N N   . LEU A 1 4   ? -3.537  11.156  8.995   1.00  47.69 ? 4    LEU A N   1 
ATOM   20   C CA  . LEU A 1 4   ? -3.063  11.189  7.616   1.00  45.95 ? 4    LEU A CA  1 
ATOM   21   C C   . LEU A 1 4   ? -4.242  11.265  6.665   1.00  46.61 ? 4    LEU A C   1 
ATOM   22   O O   . LEU A 1 4   ? -5.371  11.020  7.065   1.00  47.39 ? 4    LEU A O   1 
ATOM   23   C CB  . LEU A 1 4   ? -2.269  9.931   7.298   1.00  45.45 ? 4    LEU A CB  1 
ATOM   24   C CG  . LEU A 1 4   ? -0.811  10.110  6.898   1.00  44.32 ? 4    LEU A CG  1 
ATOM   25   C CD1 . LEU A 1 4   ? -0.331  8.794   6.330   1.00  43.41 ? 4    LEU A CD1 1 
ATOM   26   C CD2 . LEU A 1 4   ? -0.651  11.221  5.875   1.00  40.87 ? 4    LEU A CD2 1 
ATOM   27   N N   . ASP A 1 5   ? -3.979  11.582  5.401   1.00  47.02 ? 5    ASP A N   1 
ATOM   28   C CA  . ASP A 1 5   ? -5.052  11.693  4.418   1.00  46.73 ? 5    ASP A CA  1 
ATOM   29   C C   . ASP A 1 5   ? -5.282  10.420  3.613   1.00  46.08 ? 5    ASP A C   1 
ATOM   30   O O   . ASP A 1 5   ? -6.135  10.388  2.729   1.00  46.08 ? 5    ASP A O   1 
ATOM   31   C CB  . ASP A 1 5   ? -4.780  12.867  3.470   1.00  48.02 ? 5    ASP A CB  1 
ATOM   32   C CG  . ASP A 1 5   ? -3.483  12.710  2.699   1.00  50.88 ? 5    ASP A CG  1 
ATOM   33   O OD1 . ASP A 1 5   ? -2.510  12.184  3.278   1.00  53.15 ? 5    ASP A OD1 1 
ATOM   34   O OD2 . ASP A 1 5   ? -3.435  13.128  1.522   1.00  49.94 ? 5    ASP A OD2 1 
ATOM   35   N N   . ARG A 1 6   ? -4.525  9.373   3.921   1.00  45.28 ? 6    ARG A N   1 
ATOM   36   C CA  . ARG A 1 6   ? -4.662  8.105   3.214   1.00  42.24 ? 6    ARG A CA  1 
ATOM   37   C C   . ARG A 1 6   ? -4.029  6.965   4.008   1.00  41.97 ? 6    ARG A C   1 
ATOM   38   O O   . ARG A 1 6   ? -3.183  7.188   4.875   1.00  40.81 ? 6    ARG A O   1 
ATOM   39   C CB  . ARG A 1 6   ? -4.033  8.217   1.825   1.00  40.21 ? 6    ARG A CB  1 
ATOM   40   C CG  . ARG A 1 6   ? -2.542  8.433   1.836   1.00  40.53 ? 6    ARG A CG  1 
ATOM   41   C CD  . ARG A 1 6   ? -2.057  8.941   0.512   1.00  39.37 ? 6    ARG A CD  1 
ATOM   42   N NE  . ARG A 1 6   ? -2.220  10.386  0.409   1.00  40.81 ? 6    ARG A NE  1 
ATOM   43   C CZ  . ARG A 1 6   ? -1.714  11.123  -0.573  1.00  41.45 ? 6    ARG A CZ  1 
ATOM   44   N NH1 . ARG A 1 6   ? -1.019  10.539  -1.541  1.00  41.96 ? 6    ARG A NH1 1 
ATOM   45   N NH2 . ARG A 1 6   ? -1.880  12.443  -0.575  1.00  41.79 ? 6    ARG A NH2 1 
ATOM   46   N N   . THR A 1 7   ? -4.449  5.744   3.694   1.00  42.72 ? 7    THR A N   1 
ATOM   47   C CA  . THR A 1 7   ? -3.976  4.530   4.353   1.00  43.16 ? 7    THR A CA  1 
ATOM   48   C C   . THR A 1 7   ? -2.885  3.809   3.553   1.00  44.33 ? 7    THR A C   1 
ATOM   49   O O   . THR A 1 7   ? -2.426  2.726   3.936   1.00  43.27 ? 7    THR A O   1 
ATOM   50   C CB  . THR A 1 7   ? -5.146  3.570   4.550   1.00  43.21 ? 7    THR A CB  1 
ATOM   51   O OG1 . THR A 1 7   ? -5.835  3.417   3.301   1.00  44.72 ? 7    THR A OG1 1 
ATOM   52   C CG2 . THR A 1 7   ? -6.114  4.107   5.590   1.00  43.65 ? 7    THR A CG2 1 
ATOM   53   N N   . ARG A 1 8   ? -2.494  4.419   2.435   1.00  44.12 ? 8    ARG A N   1 
ATOM   54   C CA  . ARG A 1 8   ? -1.461  3.886   1.553   1.00  44.51 ? 8    ARG A CA  1 
ATOM   55   C C   . ARG A 1 8   ? -1.150  4.922   0.473   1.00  42.25 ? 8    ARG A C   1 
ATOM   56   O O   . ARG A 1 8   ? -1.980  5.762   0.139   1.00  41.85 ? 8    ARG A O   1 
ATOM   57   C CB  . ARG A 1 8   ? -1.918  2.566   0.912   1.00  46.99 ? 8    ARG A CB  1 
ATOM   58   C CG  . ARG A 1 8   ? -3.071  2.718   -0.064  1.00  50.72 ? 8    ARG A CG  1 
ATOM   59   C CD  . ARG A 1 8   ? -3.826  1.417   -0.304  1.00  54.06 ? 8    ARG A CD  1 
ATOM   60   N NE  . ARG A 1 8   ? -2.989  0.321   -0.790  1.00  56.64 ? 8    ARG A NE  1 
ATOM   61   C CZ  . ARG A 1 8   ? -2.631  -0.730  -0.054  1.00  55.63 ? 8    ARG A CZ  1 
ATOM   62   N NH1 . ARG A 1 8   ? -3.036  -0.825  1.204   1.00  52.06 ? 8    ARG A NH1 1 
ATOM   63   N NH2 . ARG A 1 8   ? -1.879  -1.688  -0.581  1.00  56.32 ? 8    ARG A NH2 1 
ATOM   64   N N   . ALA A 1 9   ? 0.050   4.852   -0.082  1.00  41.82 ? 9    ALA A N   1 
ATOM   65   C CA  . ALA A 1 9   ? 0.461   5.808   -1.094  1.00  39.10 ? 9    ALA A CA  1 
ATOM   66   C C   . ALA A 1 9   ? 1.326   5.181   -2.173  1.00  38.14 ? 9    ALA A C   1 
ATOM   67   O O   . ALA A 1 9   ? 1.950   4.135   -1.972  1.00  36.22 ? 9    ALA A O   1 
ATOM   68   C CB  . ALA A 1 9   ? 1.230   6.955   -0.428  1.00  37.23 ? 9    ALA A CB  1 
ATOM   69   N N   . VAL A 1 10  ? 1.353   5.842   -3.326  1.00  38.79 ? 10   VAL A N   1 
ATOM   70   C CA  . VAL A 1 10  ? 2.174   5.406   -4.448  1.00  40.17 ? 10   VAL A CA  1 
ATOM   71   C C   . VAL A 1 10  ? 2.983   6.624   -4.866  1.00  41.56 ? 10   VAL A C   1 
ATOM   72   O O   . VAL A 1 10  ? 2.415   7.702   -5.053  1.00  41.93 ? 10   VAL A O   1 
ATOM   73   C CB  . VAL A 1 10  ? 1.335   4.961   -5.669  1.00  40.10 ? 10   VAL A CB  1 
ATOM   74   C CG1 . VAL A 1 10  ? 2.262   4.413   -6.735  1.00  40.18 ? 10   VAL A CG1 1 
ATOM   75   C CG2 . VAL A 1 10  ? 0.297   3.920   -5.271  1.00  37.54 ? 10   VAL A CG2 1 
ATOM   76   N N   . PHE A 1 11  ? 4.299   6.452   -4.996  1.00  42.21 ? 11   PHE A N   1 
ATOM   77   C CA  . PHE A 1 11  ? 5.196   7.534   -5.412  1.00  42.98 ? 11   PHE A CA  1 
ATOM   78   C C   . PHE A 1 11  ? 5.463   7.414   -6.901  1.00  43.30 ? 11   PHE A C   1 
ATOM   79   O O   . PHE A 1 11  ? 6.051   6.436   -7.353  1.00  43.53 ? 11   PHE A O   1 
ATOM   80   C CB  . PHE A 1 11  ? 6.539   7.468   -4.679  1.00  44.04 ? 11   PHE A CB  1 
ATOM   81   C CG  . PHE A 1 11  ? 7.406   8.689   -4.892  1.00  47.29 ? 11   PHE A CG  1 
ATOM   82   C CD1 . PHE A 1 11  ? 7.320   9.777   -4.021  1.00  48.24 ? 11   PHE A CD1 1 
ATOM   83   C CD2 . PHE A 1 11  ? 8.287   8.772   -5.976  1.00  47.90 ? 11   PHE A CD2 1 
ATOM   84   C CE1 . PHE A 1 11  ? 8.092   10.924  -4.221  1.00  47.96 ? 11   PHE A CE1 1 
ATOM   85   C CE2 . PHE A 1 11  ? 9.067   9.922   -6.184  1.00  47.62 ? 11   PHE A CE2 1 
ATOM   86   C CZ  . PHE A 1 11  ? 8.966   10.997  -5.303  1.00  48.03 ? 11   PHE A CZ  1 
ATOM   87   N N   . ASP A 1 12  ? 5.030   8.418   -7.652  1.00  44.11 ? 12   ASP A N   1 
ATOM   88   C CA  . ASP A 1 12  ? 5.215   8.446   -9.098  1.00  44.52 ? 12   ASP A CA  1 
ATOM   89   C C   . ASP A 1 12  ? 6.695   8.664   -9.430  1.00  43.14 ? 12   ASP A C   1 
ATOM   90   O O   . ASP A 1 12  ? 7.202   9.772   -9.318  1.00  42.57 ? 12   ASP A O   1 
ATOM   91   C CB  . ASP A 1 12  ? 4.349   9.564   -9.681  1.00  45.95 ? 12   ASP A CB  1 
ATOM   92   C CG  . ASP A 1 12  ? 4.367   9.596   -11.191 1.00  49.19 ? 12   ASP A CG  1 
ATOM   93   O OD1 . ASP A 1 12  ? 3.635   10.433  -11.763 1.00  49.89 ? 12   ASP A OD1 1 
ATOM   94   O OD2 . ASP A 1 12  ? 5.105   8.794   -11.803 1.00  51.26 ? 12   ASP A OD2 1 
ATOM   95   N N   . GLY A 1 13  ? 7.369   7.599   -9.848  1.00  43.56 ? 13   GLY A N   1 
ATOM   96   C CA  . GLY A 1 13  ? 8.790   7.665   -10.161 1.00  44.85 ? 13   GLY A CA  1 
ATOM   97   C C   . GLY A 1 13  ? 9.207   8.737   -11.138 1.00  46.63 ? 13   GLY A C   1 
ATOM   98   O O   . GLY A 1 13  ? 10.372  9.123   -11.195 1.00  45.49 ? 13   GLY A O   1 
ATOM   99   N N   . SER A 1 14  ? 8.249   9.222   -11.913 1.00  50.78 ? 14   SER A N   1 
ATOM   100  C CA  . SER A 1 14  ? 8.522   10.252  -12.903 1.00  53.42 ? 14   SER A CA  1 
ATOM   101  C C   . SER A 1 14  ? 8.529   11.642  -12.268 1.00  54.59 ? 14   SER A C   1 
ATOM   102  O O   . SER A 1 14  ? 8.728   12.635  -12.951 1.00  56.40 ? 14   SER A O   1 
ATOM   103  C CB  . SER A 1 14  ? 7.472   10.193  -14.012 1.00  52.70 ? 14   SER A CB  1 
ATOM   104  O OG  . SER A 1 14  ? 6.199   10.562  -13.518 1.00  53.91 ? 14   SER A OG  1 
ATOM   105  N N   . GLU A 1 15  ? 8.307   11.716  -10.963 1.00  57.13 ? 15   GLU A N   1 
ATOM   106  C CA  . GLU A 1 15  ? 8.306   12.999  -10.266 1.00  59.44 ? 15   GLU A CA  1 
ATOM   107  C C   . GLU A 1 15  ? 9.443   13.043  -9.251  1.00  58.84 ? 15   GLU A C   1 
ATOM   108  O O   . GLU A 1 15  ? 9.941   12.004  -8.807  1.00  58.68 ? 15   GLU A O   1 
ATOM   109  C CB  . GLU A 1 15  ? 6.971   13.217  -9.546  1.00  63.21 ? 15   GLU A CB  1 
ATOM   110  C CG  . GLU A 1 15  ? 5.754   13.221  -10.464 1.00  70.41 ? 15   GLU A CG  1 
ATOM   111  C CD  . GLU A 1 15  ? 5.600   14.511  -11.274 1.00  74.12 ? 15   GLU A CD  1 
ATOM   112  O OE1 . GLU A 1 15  ? 6.595   14.967  -11.885 1.00  75.39 ? 15   GLU A OE1 1 
ATOM   113  O OE2 . GLU A 1 15  ? 4.470   15.061  -11.303 1.00  75.74 ? 15   GLU A OE2 1 
ATOM   114  N N   . LYS A 1 16  ? 9.856   14.250  -8.887  1.00  58.55 ? 16   LYS A N   1 
ATOM   115  C CA  . LYS A 1 16  ? 10.933  14.409  -7.922  1.00  57.99 ? 16   LYS A CA  1 
ATOM   116  C C   . LYS A 1 16  ? 10.422  14.330  -6.491  1.00  56.07 ? 16   LYS A C   1 
ATOM   117  O O   . LYS A 1 16  ? 11.152  13.917  -5.583  1.00  55.70 ? 16   LYS A O   1 
ATOM   118  C CB  . LYS A 1 16  ? 11.662  15.732  -8.154  1.00  59.64 ? 16   LYS A CB  1 
ATOM   119  C CG  . LYS A 1 16  ? 12.827  15.631  -9.140  1.00  64.57 ? 16   LYS A CG  1 
ATOM   120  C CD  . LYS A 1 16  ? 14.101  14.990  -8.517  1.00  68.07 ? 16   LYS A CD  1 
ATOM   121  C CE  . LYS A 1 16  ? 14.061  13.447  -8.435  1.00  69.80 ? 16   LYS A CE  1 
ATOM   122  N NZ  . LYS A 1 16  ? 15.278  12.829  -7.770  1.00  69.10 ? 16   LYS A NZ  1 
ATOM   123  N N   . SER A 1 17  ? 9.158   14.702  -6.307  1.00  53.94 ? 17   SER A N   1 
ATOM   124  C CA  . SER A 1 17  ? 8.532   14.681  -4.989  1.00  53.42 ? 17   SER A CA  1 
ATOM   125  C C   . SER A 1 17  ? 7.001   14.686  -5.049  1.00  51.58 ? 17   SER A C   1 
ATOM   126  O O   . SER A 1 17  ? 6.410   14.819  -6.119  1.00  50.83 ? 17   SER A O   1 
ATOM   127  C CB  . SER A 1 17  ? 9.002   15.883  -4.170  1.00  53.82 ? 17   SER A CB  1 
ATOM   128  O OG  . SER A 1 17  ? 8.617   17.088  -4.803  1.00  54.15 ? 17   SER A OG  1 
ATOM   129  N N   . MET A 1 18  ? 6.380   14.525  -3.883  1.00  49.49 ? 18   MET A N   1 
ATOM   130  C CA  . MET A 1 18  ? 4.930   14.518  -3.742  1.00  48.52 ? 18   MET A CA  1 
ATOM   131  C C   . MET A 1 18  ? 4.627   14.977  -2.323  1.00  50.60 ? 18   MET A C   1 
ATOM   132  O O   . MET A 1 18  ? 5.549   15.214  -1.542  1.00  51.66 ? 18   MET A O   1 
ATOM   133  C CB  . MET A 1 18  ? 4.363   13.113  -3.974  1.00  46.10 ? 18   MET A CB  1 
ATOM   134  C CG  . MET A 1 18  ? 4.611   12.126  -2.845  1.00  45.85 ? 18   MET A CG  1 
ATOM   135  S SD  . MET A 1 18  ? 4.070   10.430  -3.217  1.00  46.05 ? 18   MET A SD  1 
ATOM   136  C CE  . MET A 1 18  ? 2.241   10.603  -3.268  1.00  48.17 ? 18   MET A CE  1 
ATOM   137  N N   . THR A 1 19  ? 3.349   15.104  -1.982  1.00  51.85 ? 19   THR A N   1 
ATOM   138  C CA  . THR A 1 19  ? 2.984   15.546  -0.646  1.00  53.72 ? 19   THR A CA  1 
ATOM   139  C C   . THR A 1 19  ? 1.799   14.803  -0.067  1.00  55.06 ? 19   THR A C   1 
ATOM   140  O O   . THR A 1 19  ? 0.900   14.376  -0.791  1.00  55.67 ? 19   THR A O   1 
ATOM   141  C CB  . THR A 1 19  ? 2.626   17.033  -0.624  1.00  54.75 ? 19   THR A CB  1 
ATOM   142  O OG1 . THR A 1 19  ? 1.471   17.254  -1.443  1.00  56.77 ? 19   THR A OG1 1 
ATOM   143  C CG2 . THR A 1 19  ? 3.779   17.864  -1.138  1.00  54.72 ? 19   THR A CG2 1 
ATOM   144  N N   . LEU A 1 20  ? 1.800   14.670  1.251   1.00  56.13 ? 20   LEU A N   1 
ATOM   145  C CA  . LEU A 1 20  ? 0.717   14.005  1.952   1.00  58.15 ? 20   LEU A CA  1 
ATOM   146  C C   . LEU A 1 20  ? 0.189   14.979  2.985   1.00  59.69 ? 20   LEU A C   1 
ATOM   147  O O   . LEU A 1 20  ? 0.958   15.596  3.725   1.00  60.87 ? 20   LEU A O   1 
ATOM   148  C CB  . LEU A 1 20  ? 1.222   12.752  2.662   1.00  58.46 ? 20   LEU A CB  1 
ATOM   149  C CG  . LEU A 1 20  ? 2.076   11.779  1.854   1.00  59.16 ? 20   LEU A CG  1 
ATOM   150  C CD1 . LEU A 1 20  ? 2.534   10.672  2.773   1.00  58.15 ? 20   LEU A CD1 1 
ATOM   151  C CD2 . LEU A 1 20  ? 1.293   11.227  0.678   1.00  58.38 ? 20   LEU A CD2 1 
ATOM   152  N N   . ASP A 1 21  ? -1.130  15.095  3.047   1.00  60.71 ? 21   ASP A N   1 
ATOM   153  C CA  . ASP A 1 21  ? -1.779  16.000  3.983   1.00  61.20 ? 21   ASP A CA  1 
ATOM   154  C C   . ASP A 1 21  ? -1.975  15.439  5.387   1.00  61.22 ? 21   ASP A C   1 
ATOM   155  O O   . ASP A 1 21  ? -2.394  14.299  5.561   1.00  60.76 ? 21   ASP A O   1 
ATOM   156  C CB  . ASP A 1 21  ? -3.136  16.422  3.414   1.00  61.57 ? 21   ASP A CB  1 
ATOM   157  C CG  . ASP A 1 21  ? -3.001  17.292  2.180   1.00  63.83 ? 21   ASP A CG  1 
ATOM   158  O OD1 . ASP A 1 21  ? -4.008  17.463  1.452   1.00  63.41 ? 21   ASP A OD1 1 
ATOM   159  O OD2 . ASP A 1 21  ? -1.888  17.812  1.945   1.00  65.18 ? 21   ASP A OD2 1 
ATOM   160  N N   . ILE A 1 22  ? -1.666  16.252  6.389   1.00  61.70 ? 22   ILE A N   1 
ATOM   161  C CA  . ILE A 1 22  ? -1.856  15.846  7.776   1.00  63.14 ? 22   ILE A CA  1 
ATOM   162  C C   . ILE A 1 22  ? -2.669  16.921  8.485   1.00  64.54 ? 22   ILE A C   1 
ATOM   163  O O   . ILE A 1 22  ? -2.659  18.085  8.070   1.00  63.70 ? 22   ILE A O   1 
ATOM   164  C CB  . ILE A 1 22  ? -0.523  15.689  8.522   1.00  62.10 ? 22   ILE A CB  1 
ATOM   165  C CG1 . ILE A 1 22  ? 0.250   17.006  8.475   1.00  60.60 ? 22   ILE A CG1 1 
ATOM   166  C CG2 . ILE A 1 22  ? 0.275   14.551  7.919   1.00  63.87 ? 22   ILE A CG2 1 
ATOM   167  C CD1 . ILE A 1 22  ? 1.493   17.001  9.317   1.00  57.55 ? 22   ILE A CD1 1 
ATOM   168  N N   . SER A 1 23  ? -3.375  16.531  9.547   1.00  66.01 ? 23   SER A N   1 
ATOM   169  C CA  . SER A 1 23  ? -4.188  17.476  10.308  1.00  66.33 ? 23   SER A CA  1 
ATOM   170  C C   . SER A 1 23  ? -4.286  17.156  11.794  1.00  65.71 ? 23   SER A C   1 
ATOM   171  O O   . SER A 1 23  ? -4.175  16.003  12.218  1.00  64.12 ? 23   SER A O   1 
ATOM   172  C CB  . SER A 1 23  ? -5.605  17.557  9.736   1.00  66.10 ? 23   SER A CB  1 
ATOM   173  O OG  . SER A 1 23  ? -6.400  16.473  10.181  1.00  69.38 ? 23   SER A OG  1 
ATOM   174  N N   . ASN A 1 24  ? -4.494  18.210  12.575  1.00  66.90 ? 24   ASN A N   1 
ATOM   175  C CA  . ASN A 1 24  ? -4.635  18.084  14.015  1.00  67.61 ? 24   ASN A CA  1 
ATOM   176  C C   . ASN A 1 24  ? -6.109  18.198  14.332  1.00  68.16 ? 24   ASN A C   1 
ATOM   177  O O   . ASN A 1 24  ? -6.637  19.289  14.507  1.00  69.09 ? 24   ASN A O   1 
ATOM   178  C CB  . ASN A 1 24  ? -3.863  19.187  14.727  1.00  66.27 ? 24   ASN A CB  1 
ATOM   179  C CG  . ASN A 1 24  ? -4.078  19.168  16.214  1.00  65.09 ? 24   ASN A CG  1 
ATOM   180  O OD1 . ASN A 1 24  ? -4.376  18.127  16.795  1.00  65.22 ? 24   ASN A OD1 1 
ATOM   181  N ND2 . ASN A 1 24  ? -3.911  20.320  16.850  1.00  65.81 ? 24   ASN A ND2 1 
ATOM   182  N N   . ASP A 1 25  ? -6.770  17.053  14.395  1.00  68.46 ? 25   ASP A N   1 
ATOM   183  C CA  . ASP A 1 25  ? -8.189  17.019  14.663  1.00  68.79 ? 25   ASP A CA  1 
ATOM   184  C C   . ASP A 1 25  ? -8.539  17.570  16.030  1.00  67.86 ? 25   ASP A C   1 
ATOM   185  O O   . ASP A 1 25  ? -9.709  17.749  16.346  1.00  68.01 ? 25   ASP A O   1 
ATOM   186  C CB  . ASP A 1 25  ? -8.686  15.593  14.504  1.00  70.52 ? 25   ASP A CB  1 
ATOM   187  C CG  . ASP A 1 25  ? -8.203  14.972  13.213  1.00  72.80 ? 25   ASP A CG  1 
ATOM   188  O OD1 . ASP A 1 25  ? -8.363  15.625  12.156  1.00  72.25 ? 25   ASP A OD1 1 
ATOM   189  O OD2 . ASP A 1 25  ? -7.662  13.843  13.256  1.00  73.90 ? 25   ASP A OD2 1 
ATOM   190  N N   . ASN A 1 26  ? -7.526  17.850  16.837  1.00  66.94 ? 26   ASN A N   1 
ATOM   191  C CA  . ASN A 1 26  ? -7.767  18.401  18.158  1.00  67.33 ? 26   ASN A CA  1 
ATOM   192  C C   . ASN A 1 26  ? -7.897  19.927  18.033  1.00  69.73 ? 26   ASN A C   1 
ATOM   193  O O   . ASN A 1 26  ? -6.925  20.612  17.727  1.00  70.50 ? 26   ASN A O   1 
ATOM   194  C CB  . ASN A 1 26  ? -6.618  18.038  19.087  1.00  64.26 ? 26   ASN A CB  1 
ATOM   195  C CG  . ASN A 1 26  ? -6.940  18.316  20.529  1.00  62.93 ? 26   ASN A CG  1 
ATOM   196  O OD1 . ASN A 1 26  ? -7.414  19.390  20.871  1.00  62.63 ? 26   ASN A OD1 1 
ATOM   197  N ND2 . ASN A 1 26  ? -6.684  17.345  21.388  1.00  62.53 ? 26   ASN A ND2 1 
ATOM   198  N N   . LYS A 1 27  ? -9.097  20.454  18.266  1.00  71.60 ? 27   LYS A N   1 
ATOM   199  C CA  . LYS A 1 27  ? -9.348  21.889  18.147  1.00  72.33 ? 27   LYS A CA  1 
ATOM   200  C C   . LYS A 1 27  ? -9.124  22.669  19.436  1.00  72.42 ? 27   LYS A C   1 
ATOM   201  O O   . LYS A 1 27  ? -9.525  23.827  19.536  1.00  72.76 ? 27   LYS A O   1 
ATOM   202  C CB  . LYS A 1 27  ? -10.781 22.134  17.673  1.00  73.84 ? 27   LYS A CB  1 
ATOM   203  C CG  . LYS A 1 27  ? -11.168 21.380  16.422  1.00  76.58 ? 27   LYS A CG  1 
ATOM   204  C CD  . LYS A 1 27  ? -10.340 21.819  15.231  1.00  80.51 ? 27   LYS A CD  1 
ATOM   205  C CE  . LYS A 1 27  ? -10.689 21.012  13.990  1.00  82.08 ? 27   LYS A CE  1 
ATOM   206  N NZ  . LYS A 1 27  ? -10.476 19.548  14.202  1.00  83.55 ? 27   LYS A NZ  1 
ATOM   207  N N   . GLN A 1 28  ? -8.482  22.050  20.418  1.00  72.80 ? 28   GLN A N   1 
ATOM   208  C CA  . GLN A 1 28  ? -8.239  22.726  21.687  1.00  73.67 ? 28   GLN A CA  1 
ATOM   209  C C   . GLN A 1 28  ? -6.811  22.593  22.183  1.00  73.25 ? 28   GLN A C   1 
ATOM   210  O O   . GLN A 1 28  ? -6.454  23.149  23.214  1.00  73.19 ? 28   GLN A O   1 
ATOM   211  C CB  . GLN A 1 28  ? -9.189  22.191  22.758  1.00  74.83 ? 28   GLN A CB  1 
ATOM   212  C CG  . GLN A 1 28  ? -10.617 22.692  22.634  1.00  76.46 ? 28   GLN A CG  1 
ATOM   213  C CD  . GLN A 1 28  ? -10.732 24.186  22.873  1.00  77.57 ? 28   GLN A CD  1 
ATOM   214  O OE1 . GLN A 1 28  ? -10.386 24.684  23.945  0.010 77.82 ? 28   GLN A OE1 1 
ATOM   215  N NE2 . GLN A 1 28  ? -11.220 24.908  21.873  0.010 77.82 ? 28   GLN A NE2 1 
ATOM   216  N N   . LEU A 1 29  ? -5.987  21.860  21.452  1.00  73.67 ? 29   LEU A N   1 
ATOM   217  C CA  . LEU A 1 29  ? -4.607  21.674  21.868  1.00  73.01 ? 29   LEU A CA  1 
ATOM   218  C C   . LEU A 1 29  ? -3.650  21.524  20.693  1.00  72.12 ? 29   LEU A C   1 
ATOM   219  O O   . LEU A 1 29  ? -4.025  21.055  19.619  1.00  72.19 ? 29   LEU A O   1 
ATOM   220  C CB  . LEU A 1 29  ? -4.495  20.439  22.772  1.00  74.04 ? 29   LEU A CB  1 
ATOM   221  C CG  . LEU A 1 29  ? -5.038  20.531  24.199  1.00  74.93 ? 29   LEU A CG  1 
ATOM   222  C CD1 . LEU A 1 29  ? -4.978  19.163  24.873  1.00  74.55 ? 29   LEU A CD1 1 
ATOM   223  C CD2 . LEU A 1 29  ? -4.217  21.547  24.982  1.00  75.70 ? 29   LEU A CD2 1 
ATOM   224  N N   . PRO A 1 30  ? -2.396  21.947  20.882  1.00  70.68 ? 30   PRO A N   1 
ATOM   225  C CA  . PRO A 1 30  ? -1.376  21.853  19.840  1.00  69.54 ? 30   PRO A CA  1 
ATOM   226  C C   . PRO A 1 30  ? -0.613  20.516  19.921  1.00  67.59 ? 30   PRO A C   1 
ATOM   227  O O   . PRO A 1 30  ? -0.273  20.043  21.010  1.00  65.66 ? 30   PRO A O   1 
ATOM   228  C CB  . PRO A 1 30  ? -0.486  23.046  20.151  1.00  70.20 ? 30   PRO A CB  1 
ATOM   229  C CG  . PRO A 1 30  ? -0.480  23.046  21.650  1.00  69.44 ? 30   PRO A CG  1 
ATOM   230  C CD  . PRO A 1 30  ? -1.946  22.829  21.976  1.00  70.18 ? 30   PRO A CD  1 
ATOM   231  N N   . TYR A 1 31  ? -0.344  19.916  18.766  1.00  66.06 ? 31   TYR A N   1 
ATOM   232  C CA  . TYR A 1 31  ? 0.378   18.644  18.712  1.00  63.86 ? 31   TYR A CA  1 
ATOM   233  C C   . TYR A 1 31  ? 1.572   18.712  17.759  1.00  61.09 ? 31   TYR A C   1 
ATOM   234  O O   . TYR A 1 31  ? 1.664   19.608  16.920  1.00  60.50 ? 31   TYR A O   1 
ATOM   235  C CB  . TYR A 1 31  ? -0.559  17.513  18.243  1.00  65.89 ? 31   TYR A CB  1 
ATOM   236  C CG  . TYR A 1 31  ? -1.356  16.810  19.332  1.00  66.88 ? 31   TYR A CG  1 
ATOM   237  C CD1 . TYR A 1 31  ? -2.452  17.424  19.945  1.00  67.48 ? 31   TYR A CD1 1 
ATOM   238  C CD2 . TYR A 1 31  ? -1.012  15.521  19.743  1.00  66.54 ? 31   TYR A CD2 1 
ATOM   239  C CE1 . TYR A 1 31  ? -3.187  16.763  20.944  1.00  67.04 ? 31   TYR A CE1 1 
ATOM   240  C CE2 . TYR A 1 31  ? -1.733  14.857  20.733  1.00  66.59 ? 31   TYR A CE2 1 
ATOM   241  C CZ  . TYR A 1 31  ? -2.817  15.480  21.330  1.00  67.62 ? 31   TYR A CZ  1 
ATOM   242  O OH  . TYR A 1 31  ? -3.519  14.810  22.311  1.00  65.66 ? 31   TYR A OH  1 
ATOM   243  N N   . LEU A 1 32  ? 2.490   17.761  17.889  1.00  58.25 ? 32   LEU A N   1 
ATOM   244  C CA  . LEU A 1 32  ? 3.640   17.704  16.989  1.00  55.81 ? 32   LEU A CA  1 
ATOM   245  C C   . LEU A 1 32  ? 3.453   16.514  16.039  1.00  52.85 ? 32   LEU A C   1 
ATOM   246  O O   . LEU A 1 32  ? 2.925   15.475  16.432  1.00  52.32 ? 32   LEU A O   1 
ATOM   247  C CB  . LEU A 1 32  ? 4.948   17.557  17.774  1.00  54.98 ? 32   LEU A CB  1 
ATOM   248  C CG  . LEU A 1 32  ? 5.340   18.724  18.687  1.00  55.43 ? 32   LEU A CG  1 
ATOM   249  C CD1 . LEU A 1 32  ? 6.719   18.447  19.246  1.00  54.33 ? 32   LEU A CD1 1 
ATOM   250  C CD2 . LEU A 1 32  ? 5.334   20.053  17.925  1.00  54.57 ? 32   LEU A CD2 1 
ATOM   251  N N   . ALA A 1 33  ? 3.854   16.687  14.784  1.00  49.84 ? 33   ALA A N   1 
ATOM   252  C CA  . ALA A 1 33  ? 3.739   15.632  13.781  1.00  46.80 ? 33   ALA A CA  1 
ATOM   253  C C   . ALA A 1 33  ? 5.124   15.176  13.381  1.00  45.45 ? 33   ALA A C   1 
ATOM   254  O O   . ALA A 1 33  ? 5.889   15.903  12.745  1.00  44.80 ? 33   ALA A O   1 
ATOM   255  C CB  . ALA A 1 33  ? 2.989   16.131  12.547  1.00  46.11 ? 33   ALA A CB  1 
ATOM   256  N N   . GLN A 1 34  ? 5.448   13.956  13.760  1.00  43.90 ? 34   GLN A N   1 
ATOM   257  C CA  . GLN A 1 34  ? 6.741   13.414  13.431  1.00  43.16 ? 34   GLN A CA  1 
ATOM   258  C C   . GLN A 1 34  ? 6.582   12.395  12.308  1.00  41.24 ? 34   GLN A C   1 
ATOM   259  O O   . GLN A 1 34  ? 5.713   11.524  12.371  1.00  39.85 ? 34   GLN A O   1 
ATOM   260  C CB  . GLN A 1 34  ? 7.313   12.782  14.662  1.00  45.17 ? 34   GLN A CB  1 
ATOM   261  C CG  . GLN A 1 34  ? 8.691   12.302  14.495  1.00  50.97 ? 34   GLN A CG  1 
ATOM   262  C CD  . GLN A 1 34  ? 9.233   11.888  15.817  1.00  55.27 ? 34   GLN A CD  1 
ATOM   263  O OE1 . GLN A 1 34  ? 8.591   11.115  16.545  1.00  55.66 ? 34   GLN A OE1 1 
ATOM   264  N NE2 . GLN A 1 34  ? 10.411  12.409  16.166  1.00  57.79 ? 34   GLN A NE2 1 
ATOM   265  N N   . ALA A 1 35  ? 7.417   12.507  11.278  1.00  38.41 ? 35   ALA A N   1 
ATOM   266  C CA  . ALA A 1 35  ? 7.320   11.599  10.143  1.00  38.63 ? 35   ALA A CA  1 
ATOM   267  C C   . ALA A 1 35  ? 8.663   11.032  9.719   1.00  37.97 ? 35   ALA A C   1 
ATOM   268  O O   . ALA A 1 35  ? 9.689   11.694  9.848   1.00  39.78 ? 35   ALA A O   1 
ATOM   269  C CB  . ALA A 1 35  ? 6.672   12.323  8.966   1.00  36.54 ? 35   ALA A CB  1 
ATOM   270  N N   . TRP A 1 36  ? 8.660   9.803   9.217   1.00  36.19 ? 36   TRP A N   1 
ATOM   271  C CA  . TRP A 1 36  ? 9.894   9.189   8.732   1.00  36.83 ? 36   TRP A CA  1 
ATOM   272  C C   . TRP A 1 36  ? 9.647   7.985   7.819   1.00  35.90 ? 36   TRP A C   1 
ATOM   273  O O   . TRP A 1 36  ? 8.584   7.371   7.829   1.00  34.32 ? 36   TRP A O   1 
ATOM   274  C CB  . TRP A 1 36  ? 10.811  8.794   9.902   1.00  37.44 ? 36   TRP A CB  1 
ATOM   275  C CG  . TRP A 1 36  ? 10.326  7.636   10.695  1.00  39.47 ? 36   TRP A CG  1 
ATOM   276  C CD1 . TRP A 1 36  ? 10.584  6.309   10.470  1.00  38.76 ? 36   TRP A CD1 1 
ATOM   277  C CD2 . TRP A 1 36  ? 9.431   7.691   11.804  1.00  41.84 ? 36   TRP A CD2 1 
ATOM   278  N NE1 . TRP A 1 36  ? 9.897   5.534   11.371  1.00  38.95 ? 36   TRP A NE1 1 
ATOM   279  C CE2 . TRP A 1 36  ? 9.180   6.352   12.205  1.00  42.30 ? 36   TRP A CE2 1 
ATOM   280  C CE3 . TRP A 1 36  ? 8.810   8.742   12.502  1.00  42.98 ? 36   TRP A CE3 1 
ATOM   281  C CZ2 . TRP A 1 36  ? 8.329   6.034   13.274  1.00  42.20 ? 36   TRP A CZ2 1 
ATOM   282  C CZ3 . TRP A 1 36  ? 7.961   8.429   13.565  1.00  41.74 ? 36   TRP A CZ3 1 
ATOM   283  C CH2 . TRP A 1 36  ? 7.731   7.078   13.939  1.00  42.58 ? 36   TRP A CH2 1 
ATOM   284  N N   . ILE A 1 37  ? 10.664  7.651   7.043   1.00  35.78 ? 37   ILE A N   1 
ATOM   285  C CA  . ILE A 1 37  ? 10.585  6.552   6.105   1.00  35.35 ? 37   ILE A CA  1 
ATOM   286  C C   . ILE A 1 37  ? 11.314  5.308   6.595   1.00  35.39 ? 37   ILE A C   1 
ATOM   287  O O   . ILE A 1 37  ? 12.231  5.398   7.402   1.00  34.92 ? 37   ILE A O   1 
ATOM   288  C CB  . ILE A 1 37  ? 11.231  6.964   4.769   1.00  35.50 ? 37   ILE A CB  1 
ATOM   289  C CG1 . ILE A 1 37  ? 10.655  8.314   4.308   1.00  35.25 ? 37   ILE A CG1 1 
ATOM   290  C CG2 . ILE A 1 37  ? 11.060  5.846   3.735   1.00  35.73 ? 37   ILE A CG2 1 
ATOM   291  C CD1 . ILE A 1 37  ? 9.190   8.303   3.986   1.00  32.31 ? 37   ILE A CD1 1 
ATOM   292  N N   . GLU A 1 38  ? 10.879  4.150   6.101   1.00  37.13 ? 38   GLU A N   1 
ATOM   293  C CA  . GLU A 1 38  ? 11.530  2.872   6.380   1.00  37.13 ? 38   GLU A CA  1 
ATOM   294  C C   . GLU A 1 38  ? 11.590  2.141   5.049   1.00  36.94 ? 38   GLU A C   1 
ATOM   295  O O   . GLU A 1 38  ? 10.763  2.392   4.165   1.00  34.89 ? 38   GLU A O   1 
ATOM   296  C CB  . GLU A 1 38  ? 10.742  2.015   7.358   1.00  39.23 ? 38   GLU A CB  1 
ATOM   297  C CG  . GLU A 1 38  ? 10.622  2.619   8.718   1.00  43.31 ? 38   GLU A CG  1 
ATOM   298  C CD  . GLU A 1 38  ? 9.859   1.737   9.666   1.00  47.01 ? 38   GLU A CD  1 
ATOM   299  O OE1 . GLU A 1 38  ? 8.781   1.232   9.290   1.00  49.03 ? 38   GLU A OE1 1 
ATOM   300  O OE2 . GLU A 1 38  ? 10.340  1.551   10.795  1.00  52.31 ? 38   GLU A OE2 1 
ATOM   301  N N   . ASN A 1 39  ? 12.579  1.255   4.915   1.00  35.61 ? 39   ASN A N   1 
ATOM   302  C CA  . ASN A 1 39  ? 12.759  0.456   3.711   1.00  33.52 ? 39   ASN A CA  1 
ATOM   303  C C   . ASN A 1 39  ? 11.754  -0.700  3.762   1.00  36.90 ? 39   ASN A C   1 
ATOM   304  O O   . ASN A 1 39  ? 10.932  -0.757  4.680   1.00  36.97 ? 39   ASN A O   1 
ATOM   305  C CB  . ASN A 1 39  ? 14.208  -0.055  3.602   1.00  28.80 ? 39   ASN A CB  1 
ATOM   306  C CG  . ASN A 1 39  ? 14.645  -0.920  4.791   1.00  28.22 ? 39   ASN A CG  1 
ATOM   307  O OD1 . ASN A 1 39  ? 13.848  -1.650  5.379   1.00  27.83 ? 39   ASN A OD1 1 
ATOM   308  N ND2 . ASN A 1 39  ? 15.929  -0.859  5.120   1.00  24.72 ? 39   ASN A ND2 1 
ATOM   309  N N   . GLU A 1 40  ? 11.801  -1.611  2.790   1.00  40.76 ? 40   GLU A N   1 
ATOM   310  C CA  . GLU A 1 40  ? 10.859  -2.737  2.764   1.00  45.08 ? 40   GLU A CA  1 
ATOM   311  C C   . GLU A 1 40  ? 10.984  -3.667  3.973   1.00  45.98 ? 40   GLU A C   1 
ATOM   312  O O   . GLU A 1 40  ? 10.017  -4.337  4.354   1.00  45.28 ? 40   GLU A O   1 
ATOM   313  C CB  . GLU A 1 40  ? 11.016  -3.540  1.471   1.00  48.04 ? 40   GLU A CB  1 
ATOM   314  C CG  . GLU A 1 40  ? 12.392  -4.147  1.285   1.00  55.23 ? 40   GLU A CG  1 
ATOM   315  C CD  . GLU A 1 40  ? 12.502  -4.998  0.022   1.00  59.78 ? 40   GLU A CD  1 
ATOM   316  O OE1 . GLU A 1 40  ? 13.541  -5.674  -0.135  1.00  61.08 ? 40   GLU A OE1 1 
ATOM   317  O OE2 . GLU A 1 40  ? 11.557  -4.989  -0.808  1.00  62.31 ? 40   GLU A OE2 1 
ATOM   318  N N   . ASN A 1 41  ? 12.166  -3.705  4.580   1.00  47.58 ? 41   ASN A N   1 
ATOM   319  C CA  . ASN A 1 41  ? 12.378  -4.539  5.760   1.00  49.34 ? 41   ASN A CA  1 
ATOM   320  C C   . ASN A 1 41  ? 11.972  -3.794  7.021   1.00  48.56 ? 41   ASN A C   1 
ATOM   321  O O   . ASN A 1 41  ? 12.277  -4.225  8.129   1.00  50.14 ? 41   ASN A O   1 
ATOM   322  C CB  . ASN A 1 41  ? 13.840  -4.945  5.885   1.00  50.98 ? 41   ASN A CB  1 
ATOM   323  C CG  . ASN A 1 41  ? 14.330  -5.704  4.682   1.00  52.00 ? 41   ASN A CG  1 
ATOM   324  O OD1 . ASN A 1 41  ? 13.614  -6.549  4.135   1.00  53.87 ? 41   ASN A OD1 1 
ATOM   325  N ND2 . ASN A 1 41  ? 15.558  -5.419  4.264   1.00  51.31 ? 41   ASN A ND2 1 
ATOM   326  N N   . GLN A 1 42  ? 11.287  -2.674  6.837   1.00  47.84 ? 42   GLN A N   1 
ATOM   327  C CA  . GLN A 1 42  ? 10.815  -1.833  7.929   1.00  46.60 ? 42   GLN A CA  1 
ATOM   328  C C   . GLN A 1 42  ? 11.925  -1.292  8.811   1.00  45.99 ? 42   GLN A C   1 
ATOM   329  O O   . GLN A 1 42  ? 11.794  -1.206  10.029  1.00  47.09 ? 42   GLN A O   1 
ATOM   330  C CB  . GLN A 1 42  ? 9.783   -2.584  8.760   1.00  43.47 ? 42   GLN A CB  1 
ATOM   331  C CG  . GLN A 1 42  ? 8.571   -2.951  7.947   1.00  44.62 ? 42   GLN A CG  1 
ATOM   332  C CD  . GLN A 1 42  ? 7.443   -3.496  8.790   1.00  46.20 ? 42   GLN A CD  1 
ATOM   333  O OE1 . GLN A 1 42  ? 6.791   -2.762  9.538   1.00  46.06 ? 42   GLN A OE1 1 
ATOM   334  N NE2 . GLN A 1 42  ? 7.204   -4.795  8.677   1.00  47.92 ? 42   GLN A NE2 1 
ATOM   335  N N   . GLU A 1 43  ? 13.029  -0.924  8.182   1.00  45.85 ? 43   GLU A N   1 
ATOM   336  C CA  . GLU A 1 43  ? 14.141  -0.348  8.907   1.00  45.72 ? 43   GLU A CA  1 
ATOM   337  C C   . GLU A 1 43  ? 14.202  1.119   8.529   1.00  45.58 ? 43   GLU A C   1 
ATOM   338  O O   . GLU A 1 43  ? 14.078  1.483   7.352   1.00  43.61 ? 43   GLU A O   1 
ATOM   339  C CB  . GLU A 1 43  ? 15.442  -1.022  8.525   1.00  45.90 ? 43   GLU A CB  1 
ATOM   340  C CG  . GLU A 1 43  ? 15.421  -2.495  8.720   1.00  50.76 ? 43   GLU A CG  1 
ATOM   341  C CD  . GLU A 1 43  ? 16.724  -3.114  8.282   1.00  54.12 ? 43   GLU A CD  1 
ATOM   342  O OE1 . GLU A 1 43  ? 17.132  -2.852  7.128   1.00  52.45 ? 43   GLU A OE1 1 
ATOM   343  O OE2 . GLU A 1 43  ? 17.336  -3.851  9.097   1.00  57.87 ? 43   GLU A OE2 1 
ATOM   344  N N   . LYS A 1 44  ? 14.383  1.954   9.541   1.00  45.89 ? 44   LYS A N   1 
ATOM   345  C CA  . LYS A 1 44  ? 14.456  3.396   9.371   1.00  46.98 ? 44   LYS A CA  1 
ATOM   346  C C   . LYS A 1 44  ? 15.635  3.782   8.472   1.00  47.01 ? 44   LYS A C   1 
ATOM   347  O O   . LYS A 1 44  ? 16.734  3.233   8.594   1.00  45.71 ? 44   LYS A O   1 
ATOM   348  C CB  . LYS A 1 44  ? 14.611  4.062   10.746  1.00  48.21 ? 44   LYS A CB  1 
ATOM   349  C CG  . LYS A 1 44  ? 14.096  5.497   10.862  1.00  51.55 ? 44   LYS A CG  1 
ATOM   350  C CD  . LYS A 1 44  ? 14.549  6.136   12.187  1.00  52.65 ? 44   LYS A CD  1 
ATOM   351  C CE  . LYS A 1 44  ? 13.633  7.279   12.664  1.00  52.43 ? 44   LYS A CE  1 
ATOM   352  N NZ  . LYS A 1 44  ? 12.481  6.825   13.512  1.00  52.87 ? 44   LYS A NZ  1 
ATOM   353  N N   . ILE A 1 45  ? 15.383  4.723   7.564   1.00  47.30 ? 45   ILE A N   1 
ATOM   354  C CA  . ILE A 1 45  ? 16.393  5.235   6.640   1.00  47.30 ? 45   ILE A CA  1 
ATOM   355  C C   . ILE A 1 45  ? 16.340  6.762   6.685   1.00  48.61 ? 45   ILE A C   1 
ATOM   356  O O   . ILE A 1 45  ? 15.306  7.370   6.402   1.00  47.49 ? 45   ILE A O   1 
ATOM   357  C CB  . ILE A 1 45  ? 16.146  4.737   5.190   1.00  47.29 ? 45   ILE A CB  1 
ATOM   358  C CG1 . ILE A 1 45  ? 14.675  4.898   4.811   1.00  45.25 ? 45   ILE A CG1 1 
ATOM   359  C CG2 . ILE A 1 45  ? 16.545  3.277   5.073   1.00  46.04 ? 45   ILE A CG2 1 
ATOM   360  C CD1 . ILE A 1 45  ? 14.406  4.598   3.366   1.00  43.65 ? 45   ILE A CD1 1 
ATOM   361  N N   . ILE A 1 46  ? 17.467  7.373   7.049   1.00  51.17 ? 46   ILE A N   1 
ATOM   362  C CA  . ILE A 1 46  ? 17.556  8.827   7.192   1.00  51.85 ? 46   ILE A CA  1 
ATOM   363  C C   . ILE A 1 46  ? 17.967  9.636   5.976   1.00  51.86 ? 46   ILE A C   1 
ATOM   364  O O   . ILE A 1 46  ? 17.500  10.762  5.804   1.00  52.82 ? 46   ILE A O   1 
ATOM   365  C CB  . ILE A 1 46  ? 18.515  9.217   8.344   1.00  52.62 ? 46   ILE A CB  1 
ATOM   366  C CG1 . ILE A 1 46  ? 19.876  8.541   8.165   1.00  52.95 ? 46   ILE A CG1 1 
ATOM   367  C CG2 . ILE A 1 46  ? 17.906  8.833   9.668   1.00  53.00 ? 46   ILE A CG2 1 
ATOM   368  C CD1 . ILE A 1 46  ? 20.889  8.920   9.229   0.010 53.23 ? 46   ILE A CD1 1 
ATOM   369  N N   . THR A 1 47  ? 18.840  9.094   5.135   1.00  51.58 ? 47   THR A N   1 
ATOM   370  C CA  . THR A 1 47  ? 19.260  9.866   3.977   1.00  51.79 ? 47   THR A CA  1 
ATOM   371  C C   . THR A 1 47  ? 19.051  9.214   2.625   1.00  50.78 ? 47   THR A C   1 
ATOM   372  O O   . THR A 1 47  ? 20.007  8.828   1.963   1.00  53.22 ? 47   THR A O   1 
ATOM   373  C CB  . THR A 1 47  ? 20.744  10.292  4.093   1.00  51.68 ? 47   THR A CB  1 
ATOM   374  O OG1 . THR A 1 47  ? 21.545  9.166   4.472   1.00  49.41 ? 47   THR A OG1 1 
ATOM   375  C CG2 . THR A 1 47  ? 20.896  11.399  5.124   1.00  50.12 ? 47   THR A CG2 1 
ATOM   376  N N   . GLY A 1 48  ? 17.795  9.104   2.213   1.00  49.97 ? 48   GLY A N   1 
ATOM   377  C CA  . GLY A 1 48  ? 17.500  8.523   0.912   1.00  48.52 ? 48   GLY A CA  1 
ATOM   378  C C   . GLY A 1 48  ? 17.353  7.014   0.885   1.00  45.36 ? 48   GLY A C   1 
ATOM   379  O O   . GLY A 1 48  ? 17.655  6.339   1.872   1.00  45.50 ? 48   GLY A O   1 
ATOM   380  N N   . PRO A 1 49  ? 16.945  6.450   -0.261  1.00  43.08 ? 49   PRO A N   1 
ATOM   381  C CA  . PRO A 1 49  ? 16.623  7.134   -1.520  1.00  42.85 ? 49   PRO A CA  1 
ATOM   382  C C   . PRO A 1 49  ? 15.330  7.958   -1.504  1.00  42.88 ? 49   PRO A C   1 
ATOM   383  O O   . PRO A 1 49  ? 15.088  8.789   -2.388  1.00  41.81 ? 49   PRO A O   1 
ATOM   384  C CB  . PRO A 1 49  ? 16.580  5.987   -2.523  1.00  43.56 ? 49   PRO A CB  1 
ATOM   385  C CG  . PRO A 1 49  ? 16.039  4.864   -1.705  1.00  43.66 ? 49   PRO A CG  1 
ATOM   386  C CD  . PRO A 1 49  ? 16.792  4.993   -0.406  1.00  43.61 ? 49   PRO A CD  1 
ATOM   387  N N   . VAL A 1 50  ? 14.500  7.708   -0.498  1.00  43.35 ? 50   VAL A N   1 
ATOM   388  C CA  . VAL A 1 50  ? 13.251  8.434   -0.328  1.00  42.80 ? 50   VAL A CA  1 
ATOM   389  C C   . VAL A 1 50  ? 13.326  9.195   0.979   1.00  43.48 ? 50   VAL A C   1 
ATOM   390  O O   . VAL A 1 50  ? 13.572  8.617   2.045   1.00  44.33 ? 50   VAL A O   1 
ATOM   391  C CB  . VAL A 1 50  ? 12.048  7.505   -0.239  1.00  43.14 ? 50   VAL A CB  1 
ATOM   392  C CG1 . VAL A 1 50  ? 10.785  8.333   -0.033  1.00  42.65 ? 50   VAL A CG1 1 
ATOM   393  C CG2 . VAL A 1 50  ? 11.950  6.667   -1.492  1.00  43.56 ? 50   VAL A CG2 1 
ATOM   394  N N   . ILE A 1 51  ? 13.101  10.496  0.894   1.00  42.61 ? 51   ILE A N   1 
ATOM   395  C CA  . ILE A 1 51  ? 13.160  11.352  2.062   1.00  41.74 ? 51   ILE A CA  1 
ATOM   396  C C   . ILE A 1 51  ? 11.785  11.859  2.466   1.00  41.45 ? 51   ILE A C   1 
ATOM   397  O O   . ILE A 1 51  ? 10.920  12.092  1.618   1.00  39.36 ? 51   ILE A O   1 
ATOM   398  C CB  . ILE A 1 51  ? 14.052  12.569  1.782   1.00  42.79 ? 51   ILE A CB  1 
ATOM   399  C CG1 . ILE A 1 51  ? 15.157  12.646  2.826   1.00  44.08 ? 51   ILE A CG1 1 
ATOM   400  C CG2 . ILE A 1 51  ? 13.218  13.847  1.746   1.00  43.29 ? 51   ILE A CG2 1 
ATOM   401  C CD1 . ILE A 1 51  ? 16.280  11.678  2.567   1.00  43.77 ? 51   ILE A CD1 1 
ATOM   402  N N   . ALA A 1 52  ? 11.587  12.033  3.766   1.00  41.45 ? 52   ALA A N   1 
ATOM   403  C CA  . ALA A 1 52  ? 10.328  12.578  4.262   1.00  41.75 ? 52   ALA A CA  1 
ATOM   404  C C   . ALA A 1 52  ? 10.731  13.817  5.041   1.00  42.76 ? 52   ALA A C   1 
ATOM   405  O O   . ALA A 1 52  ? 11.614  13.758  5.902   1.00  41.41 ? 52   ALA A O   1 
ATOM   406  C CB  . ALA A 1 52  ? 9.614   11.587  5.166   1.00  39.75 ? 52   ALA A CB  1 
ATOM   407  N N   . THR A 1 53  ? 10.095  14.942  4.731   1.00  43.55 ? 53   THR A N   1 
ATOM   408  C CA  . THR A 1 53  ? 10.429  16.189  5.408   1.00  44.32 ? 53   THR A CA  1 
ATOM   409  C C   . THR A 1 53  ? 9.188   17.064  5.557   1.00  44.49 ? 53   THR A C   1 
ATOM   410  O O   . THR A 1 53  ? 8.312   17.048  4.697   1.00  46.95 ? 53   THR A O   1 
ATOM   411  C CB  . THR A 1 53  ? 11.553  16.940  4.612   1.00  43.58 ? 53   THR A CB  1 
ATOM   412  O OG1 . THR A 1 53  ? 12.359  17.705  5.517   1.00  45.26 ? 53   THR A OG1 1 
ATOM   413  C CG2 . THR A 1 53  ? 10.963  17.847  3.548   1.00  40.39 ? 53   THR A CG2 1 
ATOM   414  N N   . PRO A 1 54  ? 9.082   17.819  6.665   1.00  43.93 ? 54   PRO A N   1 
ATOM   415  C CA  . PRO A 1 54  ? 10.044  17.893  7.767   1.00  42.93 ? 54   PRO A CA  1 
ATOM   416  C C   . PRO A 1 54  ? 9.896   16.722  8.718   1.00  43.36 ? 54   PRO A C   1 
ATOM   417  O O   . PRO A 1 54  ? 8.803   16.163  8.881   1.00  44.51 ? 54   PRO A O   1 
ATOM   418  C CB  . PRO A 1 54  ? 9.667   19.196  8.453   1.00  42.46 ? 54   PRO A CB  1 
ATOM   419  C CG  . PRO A 1 54  ? 8.183   19.159  8.362   1.00  42.24 ? 54   PRO A CG  1 
ATOM   420  C CD  . PRO A 1 54  ? 7.979   18.773  6.900   1.00  43.72 ? 54   PRO A CD  1 
ATOM   421  N N   . PRO A 1 55  ? 10.989  16.342  9.381   1.00  42.10 ? 55   PRO A N   1 
ATOM   422  C CA  . PRO A 1 55  ? 10.892  15.216  10.315  1.00  43.56 ? 55   PRO A CA  1 
ATOM   423  C C   . PRO A 1 55  ? 9.900   15.518  11.431  1.00  46.99 ? 55   PRO A C   1 
ATOM   424  O O   . PRO A 1 55  ? 9.093   14.668  11.814  1.00  49.25 ? 55   PRO A O   1 
ATOM   425  C CB  . PRO A 1 55  ? 12.326  15.049  10.811  1.00  40.34 ? 55   PRO A CB  1 
ATOM   426  C CG  . PRO A 1 55  ? 12.909  16.416  10.658  1.00  38.97 ? 55   PRO A CG  1 
ATOM   427  C CD  . PRO A 1 55  ? 12.342  16.911  9.359   1.00  40.21 ? 55   PRO A CD  1 
ATOM   428  N N   . VAL A 1 56  ? 9.949   16.748  11.928  1.00  48.83 ? 56   VAL A N   1 
ATOM   429  C CA  . VAL A 1 56  ? 9.064   17.173  12.995  1.00  50.15 ? 56   VAL A CA  1 
ATOM   430  C C   . VAL A 1 56  ? 8.536   18.551  12.669  1.00  51.00 ? 56   VAL A C   1 
ATOM   431  O O   . VAL A 1 56  ? 9.249   19.374  12.106  1.00  49.57 ? 56   VAL A O   1 
ATOM   432  C CB  . VAL A 1 56  ? 9.816   17.247  14.331  1.00  50.29 ? 56   VAL A CB  1 
ATOM   433  C CG1 . VAL A 1 56  ? 8.828   17.389  15.479  1.00  50.43 ? 56   VAL A CG1 1 
ATOM   434  C CG2 . VAL A 1 56  ? 10.687  16.007  14.497  1.00  52.80 ? 56   VAL A CG2 1 
ATOM   435  N N   . GLN A 1 57  ? 7.277   18.788  13.011  1.00  53.31 ? 57   GLN A N   1 
ATOM   436  C CA  . GLN A 1 57  ? 6.649   20.080  12.775  1.00  56.78 ? 57   GLN A CA  1 
ATOM   437  C C   . GLN A 1 57  ? 5.520   20.227  13.773  1.00  59.76 ? 57   GLN A C   1 
ATOM   438  O O   . GLN A 1 57  ? 4.979   19.235  14.255  1.00  60.17 ? 57   GLN A O   1 
ATOM   439  C CB  . GLN A 1 57  ? 6.090   20.175  11.356  1.00  55.60 ? 57   GLN A CB  1 
ATOM   440  C CG  . GLN A 1 57  ? 5.025   19.152  11.046  1.00  56.11 ? 57   GLN A CG  1 
ATOM   441  C CD  . GLN A 1 57  ? 4.418   19.362  9.682   1.00  56.96 ? 57   GLN A CD  1 
ATOM   442  O OE1 . GLN A 1 57  ? 3.713   20.346  9.451   1.00  57.34 ? 57   GLN A OE1 1 
ATOM   443  N NE2 . GLN A 1 57  ? 4.691   18.440  8.761   1.00  57.04 ? 57   GLN A NE2 1 
ATOM   444  N N   . ARG A 1 58  ? 5.172   21.467  14.090  1.00  62.09 ? 58   ARG A N   1 
ATOM   445  C CA  . ARG A 1 58  ? 4.107   21.719  15.036  1.00  63.78 ? 58   ARG A CA  1 
ATOM   446  C C   . ARG A 1 58  ? 2.823   22.115  14.325  1.00  65.84 ? 58   ARG A C   1 
ATOM   447  O O   . ARG A 1 58  ? 2.848   22.805  13.300  1.00  66.35 ? 58   ARG A O   1 
ATOM   448  C CB  . ARG A 1 58  ? 4.534   22.811  16.019  1.00  64.67 ? 58   ARG A CB  1 
ATOM   449  C CG  . ARG A 1 58  ? 3.425   23.306  16.930  1.00  65.80 ? 58   ARG A CG  1 
ATOM   450  C CD  . ARG A 1 58  ? 3.917   24.290  17.986  1.00  64.76 ? 58   ARG A CD  1 
ATOM   451  N NE  . ARG A 1 58  ? 2.792   25.016  18.577  1.00  63.50 ? 58   ARG A NE  1 
ATOM   452  C CZ  . ARG A 1 58  ? 2.643   25.271  19.874  1.00  61.68 ? 58   ARG A CZ  1 
ATOM   453  N NH1 . ARG A 1 58  ? 3.556   24.860  20.752  1.00  57.77 ? 58   ARG A NH1 1 
ATOM   454  N NH2 . ARG A 1 58  ? 1.563   25.927  20.289  1.00  59.76 ? 58   ARG A NH2 1 
ATOM   455  N N   . LEU A 1 59  ? 1.702   21.646  14.868  1.00  67.99 ? 59   LEU A N   1 
ATOM   456  C CA  . LEU A 1 59  ? 0.383   21.947  14.330  1.00  69.44 ? 59   LEU A CA  1 
ATOM   457  C C   . LEU A 1 59  ? -0.518  22.464  15.450  1.00  71.47 ? 59   LEU A C   1 
ATOM   458  O O   . LEU A 1 59  ? -0.902  21.725  16.364  1.00  73.12 ? 59   LEU A O   1 
ATOM   459  C CB  . LEU A 1 59  ? -0.251  20.704  13.688  1.00  69.31 ? 59   LEU A CB  1 
ATOM   460  C CG  . LEU A 1 59  ? 0.212   20.233  12.300  1.00  69.25 ? 59   LEU A CG  1 
ATOM   461  C CD1 . LEU A 1 59  ? 1.654   19.747  12.354  1.00  68.65 ? 59   LEU A CD1 1 
ATOM   462  C CD2 . LEU A 1 59  ? -0.703  19.115  11.821  1.00  66.45 ? 59   LEU A CD2 1 
ATOM   463  N N   . ASP A 1 60  ? -0.843  23.747  15.382  1.00  72.73 ? 60   ASP A N   1 
ATOM   464  C CA  . ASP A 1 60  ? -1.699  24.351  16.386  1.00  73.11 ? 60   ASP A CA  1 
ATOM   465  C C   . ASP A 1 60  ? -3.109  23.782  16.247  1.00  72.90 ? 60   ASP A C   1 
ATOM   466  O O   . ASP A 1 60  ? -3.477  23.259  15.198  1.00  72.09 ? 60   ASP A O   1 
ATOM   467  C CB  . ASP A 1 60  ? -1.682  25.876  16.230  1.00  71.23 ? 60   ASP A CB  1 
ATOM   468  C CG  . ASP A 1 60  ? -0.357  26.494  16.680  1.00  70.28 ? 60   ASP A CG  1 
ATOM   469  O OD1 . ASP A 1 60  ? -0.052  27.622  16.252  1.00  72.31 ? 60   ASP A OD1 1 
ATOM   470  O OD2 . ASP A 1 60  ? 0.382   25.864  17.467  1.00  67.77 ? 60   ASP A OD2 1 
ATOM   471  N N   . PRO A 1 61  ? -3.907  23.853  17.322  1.00  73.43 ? 61   PRO A N   1 
ATOM   472  C CA  . PRO A 1 61  ? -5.277  23.342  17.323  1.00  73.31 ? 61   PRO A CA  1 
ATOM   473  C C   . PRO A 1 61  ? -6.035  23.528  16.015  1.00  73.66 ? 61   PRO A C   1 
ATOM   474  O O   . PRO A 1 61  ? -6.283  24.655  15.586  1.00  74.65 ? 61   PRO A O   1 
ATOM   475  C CB  . PRO A 1 61  ? -5.911  24.097  18.477  1.00  73.36 ? 61   PRO A CB  1 
ATOM   476  C CG  . PRO A 1 61  ? -4.802  24.121  19.462  1.00  74.27 ? 61   PRO A CG  1 
ATOM   477  C CD  . PRO A 1 61  ? -3.597  24.489  18.613  1.00  73.66 ? 61   PRO A CD  1 
ATOM   478  N N   . GLY A 1 62  ? -6.390  22.412  15.387  1.00  72.57 ? 62   GLY A N   1 
ATOM   479  C CA  . GLY A 1 62  ? -7.135  22.458  14.145  1.00  72.49 ? 62   GLY A CA  1 
ATOM   480  C C   . GLY A 1 62  ? -6.316  22.727  12.900  1.00  72.85 ? 62   GLY A C   1 
ATOM   481  O O   . GLY A 1 62  ? -6.872  22.834  11.806  1.00  72.95 ? 62   GLY A O   1 
ATOM   482  N N   . ALA A 1 63  ? -4.997  22.824  13.055  1.00  72.80 ? 63   ALA A N   1 
ATOM   483  C CA  . ALA A 1 63  ? -4.109  23.092  11.926  1.00  73.32 ? 63   ALA A CA  1 
ATOM   484  C C   . ALA A 1 63  ? -4.159  22.002  10.865  1.00  73.80 ? 63   ALA A C   1 
ATOM   485  O O   . ALA A 1 63  ? -4.429  20.838  11.159  1.00  74.47 ? 63   ALA A O   1 
ATOM   486  C CB  . ALA A 1 63  ? -2.689  23.263  12.411  1.00  74.08 ? 63   ALA A CB  1 
ATOM   487  N N   . LYS A 1 64  ? -3.883  22.393  9.628   1.00  73.28 ? 64   LYS A N   1 
ATOM   488  C CA  . LYS A 1 64  ? -3.895  21.465  8.505   1.00  72.76 ? 64   LYS A CA  1 
ATOM   489  C C   . LYS A 1 64  ? -2.634  21.667  7.661   1.00  72.78 ? 64   LYS A C   1 
ATOM   490  O O   . LYS A 1 64  ? -2.615  22.487  6.744   1.00  74.61 ? 64   LYS A O   1 
ATOM   491  C CB  . LYS A 1 64  ? -5.139  21.712  7.645   1.00  72.13 ? 64   LYS A CB  1 
ATOM   492  C CG  . LYS A 1 64  ? -6.457  21.706  8.412   1.00  72.75 ? 64   LYS A CG  1 
ATOM   493  C CD  . LYS A 1 64  ? -7.046  20.311  8.567   1.00  72.81 ? 64   LYS A CD  1 
ATOM   494  C CE  . LYS A 1 64  ? -8.334  20.334  9.389   1.00  72.95 ? 64   LYS A CE  1 
ATOM   495  N NZ  . LYS A 1 64  ? -8.938  18.981  9.524   0.010 73.73 ? 64   LYS A NZ  1 
ATOM   496  N N   . SER A 1 65  ? -1.581  20.921  7.968   1.00  71.54 ? 65   SER A N   1 
ATOM   497  C CA  . SER A 1 65  ? -0.331  21.044  7.225   1.00  69.40 ? 65   SER A CA  1 
ATOM   498  C C   . SER A 1 65  ? -0.141  19.865  6.271   1.00  68.27 ? 65   SER A C   1 
ATOM   499  O O   . SER A 1 65  ? -1.105  19.360  5.692   1.00  67.67 ? 65   SER A O   1 
ATOM   500  C CB  . SER A 1 65  ? 0.841   21.120  8.205   1.00  68.04 ? 65   SER A CB  1 
ATOM   501  O OG  . SER A 1 65  ? 2.076   21.224  7.521   1.00  64.80 ? 65   SER A OG  1 
ATOM   502  N N   . MET A 1 66  ? 1.106   19.443  6.097   1.00  67.99 ? 66   MET A N   1 
ATOM   503  C CA  . MET A 1 66  ? 1.417   18.306  5.242   1.00  67.53 ? 66   MET A CA  1 
ATOM   504  C C   . MET A 1 66  ? 2.897   17.916  5.298   1.00  64.21 ? 66   MET A C   1 
ATOM   505  O O   . MET A 1 66  ? 3.728   18.675  5.799   1.00  63.75 ? 66   MET A O   1 
ATOM   506  C CB  . MET A 1 66  ? 0.978   18.594  3.794   1.00  70.82 ? 66   MET A CB  1 
ATOM   507  C CG  . MET A 1 66  ? 1.555   19.836  3.142   1.00  75.24 ? 66   MET A CG  1 
ATOM   508  S SD  . MET A 1 66  ? 3.218   19.583  2.478   1.00  81.20 ? 66   MET A SD  1 
ATOM   509  C CE  . MET A 1 66  ? 4.195   20.677  3.519   0.010 79.13 ? 66   MET A CE  1 
ATOM   510  N N   . VAL A 1 67  ? 3.206   16.710  4.825   1.00  60.50 ? 67   VAL A N   1 
ATOM   511  C CA  . VAL A 1 67  ? 4.584   16.213  4.792   1.00  56.98 ? 67   VAL A CA  1 
ATOM   512  C C   . VAL A 1 67  ? 4.972   15.955  3.339   1.00  55.88 ? 67   VAL A C   1 
ATOM   513  O O   . VAL A 1 67  ? 4.193   15.405  2.558   1.00  55.77 ? 67   VAL A O   1 
ATOM   514  C CB  . VAL A 1 67  ? 4.768   14.887  5.585   1.00  56.01 ? 67   VAL A CB  1 
ATOM   515  C CG1 . VAL A 1 67  ? 6.178   14.358  5.390   1.00  55.05 ? 67   VAL A CG1 1 
ATOM   516  C CG2 . VAL A 1 67  ? 4.514   15.110  7.054   1.00  54.80 ? 67   VAL A CG2 1 
ATOM   517  N N   . ARG A 1 68  ? 6.183   16.349  2.976   1.00  53.98 ? 68   ARG A N   1 
ATOM   518  C CA  . ARG A 1 68  ? 6.642   16.163  1.614   1.00  53.24 ? 68   ARG A CA  1 
ATOM   519  C C   . ARG A 1 68  ? 7.616   15.011  1.490   1.00  50.99 ? 68   ARG A C   1 
ATOM   520  O O   . ARG A 1 68  ? 8.515   14.840  2.311   1.00  50.11 ? 68   ARG A O   1 
ATOM   521  C CB  . ARG A 1 68  ? 7.294   17.450  1.095   1.00  55.77 ? 68   ARG A CB  1 
ATOM   522  C CG  . ARG A 1 68  ? 7.895   17.362  -0.310  1.00  59.12 ? 68   ARG A CG  1 
ATOM   523  C CD  . ARG A 1 68  ? 8.474   18.710  -0.740  1.00  63.38 ? 68   ARG A CD  1 
ATOM   524  N NE  . ARG A 1 68  ? 7.429   19.674  -1.082  1.00  67.42 ? 68   ARG A NE  1 
ATOM   525  C CZ  . ARG A 1 68  ? 6.644   19.566  -2.152  1.00  70.34 ? 68   ARG A CZ  1 
ATOM   526  N NH1 . ARG A 1 68  ? 6.798   18.540  -2.979  1.00  73.04 ? 68   ARG A NH1 1 
ATOM   527  N NH2 . ARG A 1 68  ? 5.697   20.468  -2.390  1.00  70.88 ? 68   ARG A NH2 1 
ATOM   528  N N   . LEU A 1 69  ? 7.414   14.217  0.447   1.00  48.36 ? 69   LEU A N   1 
ATOM   529  C CA  . LEU A 1 69  ? 8.271   13.081  0.165   1.00  46.82 ? 69   LEU A CA  1 
ATOM   530  C C   . LEU A 1 69  ? 9.005   13.391  -1.125  1.00  46.88 ? 69   LEU A C   1 
ATOM   531  O O   . LEU A 1 69  ? 8.392   13.813  -2.105  1.00  47.65 ? 69   LEU A O   1 
ATOM   532  C CB  . LEU A 1 69  ? 7.436   11.820  -0.028  1.00  44.46 ? 69   LEU A CB  1 
ATOM   533  C CG  . LEU A 1 69  ? 6.540   11.429  1.136   1.00  42.69 ? 69   LEU A CG  1 
ATOM   534  C CD1 . LEU A 1 69  ? 5.771   10.212  0.746   1.00  41.27 ? 69   LEU A CD1 1 
ATOM   535  C CD2 . LEU A 1 69  ? 7.368   11.174  2.387   1.00  44.47 ? 69   LEU A CD2 1 
ATOM   536  N N   . SER A 1 70  ? 10.316  13.198  -1.129  1.00  45.55 ? 70   SER A N   1 
ATOM   537  C CA  . SER A 1 70  ? 11.088  13.437  -2.334  1.00  43.97 ? 70   SER A CA  1 
ATOM   538  C C   . SER A 1 70  ? 12.128  12.336  -2.481  1.00  41.75 ? 70   SER A C   1 
ATOM   539  O O   . SER A 1 70  ? 12.298  11.511  -1.593  1.00  41.63 ? 70   SER A O   1 
ATOM   540  C CB  . SER A 1 70  ? 11.773  14.801  -2.264  1.00  46.59 ? 70   SER A CB  1 
ATOM   541  O OG  . SER A 1 70  ? 12.741  14.830  -1.233  1.00  51.44 ? 70   SER A OG  1 
ATOM   542  N N   . THR A 1 71  ? 12.826  12.316  -3.607  1.00  41.81 ? 71   THR A N   1 
ATOM   543  C CA  . THR A 1 71  ? 13.846  11.300  -3.830  1.00  40.92 ? 71   THR A CA  1 
ATOM   544  C C   . THR A 1 71  ? 15.217  11.924  -3.997  1.00  40.86 ? 71   THR A C   1 
ATOM   545  O O   . THR A 1 71  ? 15.346  13.100  -4.350  1.00  38.89 ? 71   THR A O   1 
ATOM   546  C CB  . THR A 1 71  ? 13.550  10.456  -5.109  1.00  42.68 ? 71   THR A CB  1 
ATOM   547  O OG1 . THR A 1 71  ? 13.441  11.325  -6.247  1.00  41.32 ? 71   THR A OG1 1 
ATOM   548  C CG2 . THR A 1 71  ? 12.253  9.650   -4.947  1.00  40.29 ? 71   THR A CG2 1 
ATOM   549  N N   . THR A 1 72  ? 16.248  11.129  -3.754  1.00  41.12 ? 72   THR A N   1 
ATOM   550  C CA  . THR A 1 72  ? 17.617  11.604  -3.910  1.00  41.80 ? 72   THR A CA  1 
ATOM   551  C C   . THR A 1 72  ? 18.117  11.071  -5.238  1.00  43.51 ? 72   THR A C   1 
ATOM   552  O O   . THR A 1 72  ? 17.466  10.245  -5.865  1.00  42.58 ? 72   THR A O   1 
ATOM   553  C CB  . THR A 1 72  ? 18.518  11.063  -2.816  1.00  40.88 ? 72   THR A CB  1 
ATOM   554  O OG1 . THR A 1 72  ? 18.720  9.659   -3.019  1.00  43.55 ? 72   THR A OG1 1 
ATOM   555  C CG2 . THR A 1 72  ? 17.884  11.281  -1.466  1.00  38.80 ? 72   THR A CG2 1 
ATOM   556  N N   . PRO A 1 73  ? 19.284  11.533  -5.690  1.00  46.80 ? 73   PRO A N   1 
ATOM   557  C CA  . PRO A 1 73  ? 19.770  11.016  -6.971  1.00  48.01 ? 73   PRO A CA  1 
ATOM   558  C C   . PRO A 1 73  ? 19.954  9.491   -6.994  1.00  48.30 ? 73   PRO A C   1 
ATOM   559  O O   . PRO A 1 73  ? 19.845  8.873   -8.048  1.00  49.75 ? 73   PRO A O   1 
ATOM   560  C CB  . PRO A 1 73  ? 21.080  11.784  -7.177  1.00  48.46 ? 73   PRO A CB  1 
ATOM   561  C CG  . PRO A 1 73  ? 21.513  12.131  -5.775  1.00  48.08 ? 73   PRO A CG  1 
ATOM   562  C CD  . PRO A 1 73  ? 20.209  12.539  -5.139  1.00  45.93 ? 73   PRO A CD  1 
ATOM   563  N N   . ASP A 1 74  ? 20.212  8.895   -5.834  1.00  48.87 ? 74   ASP A N   1 
ATOM   564  C CA  . ASP A 1 74  ? 20.405  7.450   -5.716  1.00  49.32 ? 74   ASP A CA  1 
ATOM   565  C C   . ASP A 1 74  ? 19.165  6.614   -5.982  1.00  48.89 ? 74   ASP A C   1 
ATOM   566  O O   . ASP A 1 74  ? 19.238  5.385   -6.053  1.00  48.26 ? 74   ASP A O   1 
ATOM   567  C CB  . ASP A 1 74  ? 20.940  7.118   -4.326  1.00  53.27 ? 74   ASP A CB  1 
ATOM   568  C CG  . ASP A 1 74  ? 22.446  7.218   -4.254  1.00  58.44 ? 74   ASP A CG  1 
ATOM   569  O OD1 . ASP A 1 74  ? 23.006  8.126   -4.917  1.00  61.18 ? 74   ASP A OD1 1 
ATOM   570  O OD2 . ASP A 1 74  ? 23.066  6.395   -3.536  1.00  60.46 ? 74   ASP A OD2 1 
ATOM   571  N N   . ILE A 1 75  ? 18.027  7.284   -6.116  1.00  47.02 ? 75   ILE A N   1 
ATOM   572  C CA  . ILE A 1 75  ? 16.767  6.608   -6.385  1.00  44.97 ? 75   ILE A CA  1 
ATOM   573  C C   . ILE A 1 75  ? 16.885  5.844   -7.711  1.00  44.66 ? 75   ILE A C   1 
ATOM   574  O O   . ILE A 1 75  ? 16.142  4.891   -7.968  1.00  43.59 ? 75   ILE A O   1 
ATOM   575  C CB  . ILE A 1 75  ? 15.600  7.637   -6.461  1.00  43.78 ? 75   ILE A CB  1 
ATOM   576  C CG1 . ILE A 1 75  ? 14.256  6.918   -6.383  1.00  42.08 ? 75   ILE A CG1 1 
ATOM   577  C CG2 . ILE A 1 75  ? 15.689  8.442   -7.741  1.00  41.69 ? 75   ILE A CG2 1 
ATOM   578  C CD1 . ILE A 1 75  ? 14.119  6.053   -5.154  1.00  41.67 ? 75   ILE A CD1 1 
ATOM   579  N N   . SER A 1 76  ? 17.837  6.260   -8.538  1.00  43.59 ? 76   SER A N   1 
ATOM   580  C CA  . SER A 1 76  ? 18.065  5.633   -9.826  1.00  44.07 ? 76   SER A CA  1 
ATOM   581  C C   . SER A 1 76  ? 18.694  4.249   -9.697  1.00  45.46 ? 76   SER A C   1 
ATOM   582  O O   . SER A 1 76  ? 18.664  3.473   -10.638 1.00  45.56 ? 76   SER A O   1 
ATOM   583  C CB  . SER A 1 76  ? 18.971  6.510   -10.692 1.00  43.93 ? 76   SER A CB  1 
ATOM   584  O OG  . SER A 1 76  ? 20.285  6.543   -10.170 1.00  44.70 ? 76   SER A OG  1 
ATOM   585  N N   . LYS A 1 77  ? 19.265  3.933   -8.542  1.00  47.11 ? 77   LYS A N   1 
ATOM   586  C CA  . LYS A 1 77  ? 19.879  2.623   -8.366  1.00  46.96 ? 77   LYS A CA  1 
ATOM   587  C C   . LYS A 1 77  ? 18.847  1.544   -8.037  1.00  47.22 ? 77   LYS A C   1 
ATOM   588  O O   . LYS A 1 77  ? 19.195  0.385   -7.850  1.00  47.49 ? 77   LYS A O   1 
ATOM   589  C CB  . LYS A 1 77  ? 20.965  2.691   -7.288  1.00  47.16 ? 77   LYS A CB  1 
ATOM   590  C CG  . LYS A 1 77  ? 22.122  3.593   -7.695  1.00  47.43 ? 77   LYS A CG  1 
ATOM   591  C CD  . LYS A 1 77  ? 22.923  4.100   -6.517  1.00  48.43 ? 77   LYS A CD  1 
ATOM   592  C CE  . LYS A 1 77  ? 23.962  5.096   -7.021  1.00  52.44 ? 77   LYS A CE  1 
ATOM   593  N NZ  . LYS A 1 77  ? 24.769  5.738   -5.947  1.00  54.30 ? 77   LYS A NZ  1 
ATOM   594  N N   . LEU A 1 78  ? 17.576  1.916   -7.967  1.00  47.87 ? 78   LEU A N   1 
ATOM   595  C CA  . LEU A 1 78  ? 16.542  0.922   -7.701  1.00  50.96 ? 78   LEU A CA  1 
ATOM   596  C C   . LEU A 1 78  ? 16.057  0.417   -9.052  1.00  52.55 ? 78   LEU A C   1 
ATOM   597  O O   . LEU A 1 78  ? 16.062  1.164   -10.040 1.00  53.72 ? 78   LEU A O   1 
ATOM   598  C CB  . LEU A 1 78  ? 15.356  1.532   -6.950  1.00  49.86 ? 78   LEU A CB  1 
ATOM   599  C CG  . LEU A 1 78  ? 15.597  2.210   -5.605  1.00  49.38 ? 78   LEU A CG  1 
ATOM   600  C CD1 . LEU A 1 78  ? 14.250  2.604   -5.043  1.00  47.46 ? 78   LEU A CD1 1 
ATOM   601  C CD2 . LEU A 1 78  ? 16.336  1.288   -4.643  1.00  48.32 ? 78   LEU A CD2 1 
ATOM   602  N N   . PRO A 1 79  ? 15.624  -0.850  -9.125  1.00  53.04 ? 79   PRO A N   1 
ATOM   603  C CA  . PRO A 1 79  ? 15.155  -1.338  -10.427 1.00  52.58 ? 79   PRO A CA  1 
ATOM   604  C C   . PRO A 1 79  ? 14.091  -0.392  -10.983 1.00  53.72 ? 79   PRO A C   1 
ATOM   605  O O   . PRO A 1 79  ? 13.350  0.233   -10.213 1.00  53.04 ? 79   PRO A O   1 
ATOM   606  C CB  . PRO A 1 79  ? 14.616  -2.729  -10.098 1.00  52.74 ? 79   PRO A CB  1 
ATOM   607  C CG  . PRO A 1 79  ? 14.181  -2.607  -8.673  1.00  51.82 ? 79   PRO A CG  1 
ATOM   608  C CD  . PRO A 1 79  ? 15.307  -1.812  -8.057  1.00  52.11 ? 79   PRO A CD  1 
ATOM   609  N N   . GLN A 1 80  ? 14.033  -0.271  -12.308 1.00  54.06 ? 80   GLN A N   1 
ATOM   610  C CA  . GLN A 1 80  ? 13.071  0.623   -12.947 1.00  54.39 ? 80   GLN A CA  1 
ATOM   611  C C   . GLN A 1 80  ? 11.957  -0.102  -13.681 1.00  55.23 ? 80   GLN A C   1 
ATOM   612  O O   . GLN A 1 80  ? 11.135  0.533   -14.348 1.00  56.40 ? 80   GLN A O   1 
ATOM   613  C CB  . GLN A 1 80  ? 13.791  1.557   -13.921 1.00  54.08 ? 80   GLN A CB  1 
ATOM   614  C CG  . GLN A 1 80  ? 14.835  2.459   -13.288 1.00  52.50 ? 80   GLN A CG  1 
ATOM   615  C CD  . GLN A 1 80  ? 14.263  3.367   -12.214 1.00  53.89 ? 80   GLN A CD  1 
ATOM   616  O OE1 . GLN A 1 80  ? 13.190  3.968   -12.388 1.00  55.62 ? 80   GLN A OE1 1 
ATOM   617  N NE2 . GLN A 1 80  ? 14.978  3.481   -11.099 1.00  50.17 ? 80   GLN A NE2 1 
ATOM   618  N N   . ASP A 1 81  ? 11.934  -1.427  -13.552 1.00  55.52 ? 81   ASP A N   1 
ATOM   619  C CA  . ASP A 1 81  ? 10.932  -2.272  -14.205 1.00  55.46 ? 81   ASP A CA  1 
ATOM   620  C C   . ASP A 1 81  ? 10.049  -3.014  -13.194 1.00  55.59 ? 81   ASP A C   1 
ATOM   621  O O   . ASP A 1 81  ? 9.495   -4.069  -13.503 1.00  55.07 ? 81   ASP A O   1 
ATOM   622  C CB  . ASP A 1 81  ? 11.634  -3.286  -15.098 1.00  55.62 ? 81   ASP A CB  1 
ATOM   623  C CG  . ASP A 1 81  ? 12.495  -4.237  -14.307 1.00  57.17 ? 81   ASP A CG  1 
ATOM   624  O OD1 . ASP A 1 81  ? 12.855  -3.883  -13.167 1.00  56.94 ? 81   ASP A OD1 1 
ATOM   625  O OD2 . ASP A 1 81  ? 12.819  -5.331  -14.820 1.00  59.28 ? 81   ASP A OD2 1 
ATOM   626  N N   . ARG A 1 82  ? 9.951   -2.465  -11.982 1.00  55.35 ? 82   ARG A N   1 
ATOM   627  C CA  . ARG A 1 82  ? 9.129   -3.018  -10.894 1.00  53.19 ? 82   ARG A CA  1 
ATOM   628  C C   . ARG A 1 82  ? 9.061   -2.071  -9.703  1.00  51.95 ? 82   ARG A C   1 
ATOM   629  O O   . ARG A 1 82  ? 9.983   -1.286  -9.455  1.00  53.24 ? 82   ARG A O   1 
ATOM   630  C CB  . ARG A 1 82  ? 9.637   -4.380  -10.402 1.00  53.08 ? 82   ARG A CB  1 
ATOM   631  C CG  . ARG A 1 82  ? 11.062  -4.404  -9.889  1.00  57.02 ? 82   ARG A CG  1 
ATOM   632  C CD  . ARG A 1 82  ? 11.277  -5.595  -8.971  1.00  58.82 ? 82   ARG A CD  1 
ATOM   633  N NE  . ARG A 1 82  ? 10.767  -5.310  -7.632  1.00  65.13 ? 82   ARG A NE  1 
ATOM   634  C CZ  . ARG A 1 82  ? 10.646  -6.206  -6.655  1.00  67.53 ? 82   ARG A CZ  1 
ATOM   635  N NH1 . ARG A 1 82  ? 10.994  -7.469  -6.858  1.00  68.81 ? 82   ARG A NH1 1 
ATOM   636  N NH2 . ARG A 1 82  ? 10.187  -5.830  -5.466  1.00  68.25 ? 82   ARG A NH2 1 
ATOM   637  N N   . GLU A 1 83  ? 7.962   -2.151  -8.963  1.00  48.38 ? 83   GLU A N   1 
ATOM   638  C CA  . GLU A 1 83  ? 7.767   -1.307  -7.801  1.00  44.96 ? 83   GLU A CA  1 
ATOM   639  C C   . GLU A 1 83  ? 8.727   -1.659  -6.667  1.00  43.47 ? 83   GLU A C   1 
ATOM   640  O O   . GLU A 1 83  ? 9.172   -2.802  -6.542  1.00  43.02 ? 83   GLU A O   1 
ATOM   641  C CB  . GLU A 1 83  ? 6.333   -1.442  -7.293  1.00  43.28 ? 83   GLU A CB  1 
ATOM   642  C CG  . GLU A 1 83  ? 5.326   -0.569  -7.997  1.00  41.42 ? 83   GLU A CG  1 
ATOM   643  C CD  . GLU A 1 83  ? 3.941   -0.705  -7.392  1.00  41.38 ? 83   GLU A CD  1 
ATOM   644  O OE1 . GLU A 1 83  ? 3.060   0.133   -7.690  1.00  41.53 ? 83   GLU A OE1 1 
ATOM   645  O OE2 . GLU A 1 83  ? 3.733   -1.659  -6.619  1.00  40.16 ? 83   GLU A OE2 1 
ATOM   646  N N   . SER A 1 84  ? 9.059   -0.660  -5.857  1.00  41.46 ? 84   SER A N   1 
ATOM   647  C CA  . SER A 1 84  ? 9.913   -0.871  -4.697  1.00  39.28 ? 84   SER A CA  1 
ATOM   648  C C   . SER A 1 84  ? 9.069   -0.440  -3.506  1.00  39.32 ? 84   SER A C   1 
ATOM   649  O O   . SER A 1 84  ? 8.303   0.519   -3.615  1.00  38.47 ? 84   SER A O   1 
ATOM   650  C CB  . SER A 1 84  ? 11.185  -0.037  -4.794  1.00  39.13 ? 84   SER A CB  1 
ATOM   651  O OG  . SER A 1 84  ? 12.186  -0.724  -5.522  1.00  39.16 ? 84   SER A OG  1 
ATOM   652  N N   . LEU A 1 85  ? 9.190   -1.157  -2.389  1.00  38.22 ? 85   LEU A N   1 
ATOM   653  C CA  . LEU A 1 85  ? 8.412   -0.871  -1.176  1.00  37.64 ? 85   LEU A CA  1 
ATOM   654  C C   . LEU A 1 85  ? 9.110   -0.034  -0.105  1.00  38.29 ? 85   LEU A C   1 
ATOM   655  O O   . LEU A 1 85  ? 10.300  -0.193  0.168   1.00  40.12 ? 85   LEU A O   1 
ATOM   656  C CB  . LEU A 1 85  ? 7.926   -2.185  -0.529  1.00  36.16 ? 85   LEU A CB  1 
ATOM   657  C CG  . LEU A 1 85  ? 7.063   -2.125  0.750   1.00  34.76 ? 85   LEU A CG  1 
ATOM   658  C CD1 . LEU A 1 85  ? 5.743   -1.452  0.437   1.00  34.49 ? 85   LEU A CD1 1 
ATOM   659  C CD2 . LEU A 1 85  ? 6.794   -3.516  1.297   1.00  30.60 ? 85   LEU A CD2 1 
ATOM   660  N N   . PHE A 1 86  ? 8.344   0.860   0.505   1.00  38.18 ? 86   PHE A N   1 
ATOM   661  C CA  . PHE A 1 86  ? 8.834   1.711   1.581   1.00  35.52 ? 86   PHE A CA  1 
ATOM   662  C C   . PHE A 1 86  ? 7.676   1.887   2.539   1.00  34.98 ? 86   PHE A C   1 
ATOM   663  O O   . PHE A 1 86  ? 6.554   1.515   2.227   1.00  34.29 ? 86   PHE A O   1 
ATOM   664  C CB  . PHE A 1 86  ? 9.262   3.083   1.066   1.00  33.46 ? 86   PHE A CB  1 
ATOM   665  C CG  . PHE A 1 86  ? 10.469  3.045   0.193   1.00  34.07 ? 86   PHE A CG  1 
ATOM   666  C CD1 . PHE A 1 86  ? 10.341  2.949   -1.191  1.00  33.90 ? 86   PHE A CD1 1 
ATOM   667  C CD2 . PHE A 1 86  ? 11.741  3.059   0.751   1.00  33.95 ? 86   PHE A CD2 1 
ATOM   668  C CE1 . PHE A 1 86  ? 11.469  2.863   -2.004  1.00  32.69 ? 86   PHE A CE1 1 
ATOM   669  C CE2 . PHE A 1 86  ? 12.874  2.973   -0.053  1.00  33.87 ? 86   PHE A CE2 1 
ATOM   670  C CZ  . PHE A 1 86  ? 12.737  2.875   -1.436  1.00  32.74 ? 86   PHE A CZ  1 
ATOM   671  N N   . TYR A 1 87  ? 7.953   2.429   3.716   1.00  35.62 ? 87   TYR A N   1 
ATOM   672  C CA  . TYR A 1 87  ? 6.894   2.671   4.679   1.00  35.40 ? 87   TYR A CA  1 
ATOM   673  C C   . TYR A 1 87  ? 6.950   4.107   5.188   1.00  36.21 ? 87   TYR A C   1 
ATOM   674  O O   . TYR A 1 87  ? 8.021   4.643   5.488   1.00  35.76 ? 87   TYR A O   1 
ATOM   675  C CB  . TYR A 1 87  ? 6.999   1.722   5.864   1.00  35.54 ? 87   TYR A CB  1 
ATOM   676  C CG  . TYR A 1 87  ? 6.672   0.291   5.558   1.00  37.31 ? 87   TYR A CG  1 
ATOM   677  C CD1 . TYR A 1 87  ? 7.643   -0.567  5.050   1.00  39.65 ? 87   TYR A CD1 1 
ATOM   678  C CD2 . TYR A 1 87  ? 5.395   -0.219  5.791   1.00  38.68 ? 87   TYR A CD2 1 
ATOM   679  C CE1 . TYR A 1 87  ? 7.360   -1.901  4.781   1.00  38.43 ? 87   TYR A CE1 1 
ATOM   680  C CE2 . TYR A 1 87  ? 5.091   -1.558  5.526   1.00  38.34 ? 87   TYR A CE2 1 
ATOM   681  C CZ  . TYR A 1 87  ? 6.084   -2.393  5.025   1.00  40.14 ? 87   TYR A CZ  1 
ATOM   682  O OH  . TYR A 1 87  ? 5.816   -3.727  4.797   1.00  40.99 ? 87   TYR A OH  1 
ATOM   683  N N   . PHE A 1 88  ? 5.787   4.732   5.265   1.00  35.49 ? 88   PHE A N   1 
ATOM   684  C CA  . PHE A 1 88  ? 5.700   6.088   5.765   1.00  38.13 ? 88   PHE A CA  1 
ATOM   685  C C   . PHE A 1 88  ? 5.177   6.000   7.196   1.00  38.34 ? 88   PHE A C   1 
ATOM   686  O O   . PHE A 1 88  ? 4.168   5.335   7.453   1.00  37.77 ? 88   PHE A O   1 
ATOM   687  C CB  . PHE A 1 88  ? 4.731   6.915   4.917   1.00  40.62 ? 88   PHE A CB  1 
ATOM   688  C CG  . PHE A 1 88  ? 4.515   8.295   5.444   1.00  41.68 ? 88   PHE A CG  1 
ATOM   689  C CD1 . PHE A 1 88  ? 5.493   9.269   5.291   1.00  42.21 ? 88   PHE A CD1 1 
ATOM   690  C CD2 . PHE A 1 88  ? 3.360   8.603   6.152   1.00  42.78 ? 88   PHE A CD2 1 
ATOM   691  C CE1 . PHE A 1 88  ? 5.324   10.537  5.838   1.00  44.87 ? 88   PHE A CE1 1 
ATOM   692  C CE2 . PHE A 1 88  ? 3.179   9.869   6.704   1.00  45.03 ? 88   PHE A CE2 1 
ATOM   693  C CZ  . PHE A 1 88  ? 4.163   10.838  6.547   1.00  43.81 ? 88   PHE A CZ  1 
ATOM   694  N N   . ASN A 1 89  ? 5.858   6.667   8.122   1.00  37.42 ? 89   ASN A N   1 
ATOM   695  C CA  . ASN A 1 89  ? 5.459   6.623   9.527   1.00  38.02 ? 89   ASN A CA  1 
ATOM   696  C C   . ASN A 1 89  ? 5.141   7.988   10.131  1.00  39.21 ? 89   ASN A C   1 
ATOM   697  O O   . ASN A 1 89  ? 5.883   8.948   9.949   1.00  38.63 ? 89   ASN A O   1 
ATOM   698  C CB  . ASN A 1 89  ? 6.547   5.945   10.358  1.00  36.79 ? 89   ASN A CB  1 
ATOM   699  C CG  . ASN A 1 89  ? 6.833   4.524   9.904   1.00  35.81 ? 89   ASN A CG  1 
ATOM   700  O OD1 . ASN A 1 89  ? 7.473   4.304   8.867   1.00  33.85 ? 89   ASN A OD1 1 
ATOM   701  N ND2 . ASN A 1 89  ? 6.363   3.552   10.678  1.00  32.76 ? 89   ASN A ND2 1 
ATOM   702  N N   . LEU A 1 90  ? 4.030   8.061   10.859  1.00  41.60 ? 90   LEU A N   1 
ATOM   703  C CA  . LEU A 1 90  ? 3.607   9.307   11.484  1.00  44.29 ? 90   LEU A CA  1 
ATOM   704  C C   . LEU A 1 90  ? 3.280   9.109   12.968  1.00  45.74 ? 90   LEU A C   1 
ATOM   705  O O   . LEU A 1 90  ? 2.475   8.248   13.328  1.00  44.79 ? 90   LEU A O   1 
ATOM   706  C CB  . LEU A 1 90  ? 2.387   9.858   10.745  1.00  45.16 ? 90   LEU A CB  1 
ATOM   707  C CG  . LEU A 1 90  ? 1.715   11.124  11.286  1.00  46.35 ? 90   LEU A CG  1 
ATOM   708  C CD1 . LEU A 1 90  ? 2.534   12.326  10.892  1.00  48.47 ? 90   LEU A CD1 1 
ATOM   709  C CD2 . LEU A 1 90  ? 0.299   11.260  10.716  1.00  45.69 ? 90   LEU A CD2 1 
ATOM   710  N N   . ARG A 1 91  ? 3.935   9.890   13.821  1.00  46.99 ? 91   ARG A N   1 
ATOM   711  C CA  . ARG A 1 91  ? 3.707   9.848   15.264  1.00  49.47 ? 91   ARG A CA  1 
ATOM   712  C C   . ARG A 1 91  ? 3.351   11.250  15.761  1.00  50.62 ? 91   ARG A C   1 
ATOM   713  O O   . ARG A 1 91  ? 3.896   12.241  15.270  1.00  51.77 ? 91   ARG A O   1 
ATOM   714  C CB  . ARG A 1 91  ? 4.954   9.361   16.009  1.00  50.87 ? 91   ARG A CB  1 
ATOM   715  C CG  . ARG A 1 91  ? 4.955   9.825   17.458  1.00  58.80 ? 91   ARG A CG  1 
ATOM   716  C CD  . ARG A 1 91  ? 5.679   8.905   18.415  1.00  64.52 ? 91   ARG A CD  1 
ATOM   717  N NE  . ARG A 1 91  ? 7.072   8.738   18.045  1.00  70.93 ? 91   ARG A NE  1 
ATOM   718  C CZ  . ARG A 1 91  ? 7.549   7.674   17.411  1.00  72.94 ? 91   ARG A CZ  1 
ATOM   719  N NH1 . ARG A 1 91  ? 6.732   6.679   17.088  1.00  74.67 ? 91   ARG A NH1 1 
ATOM   720  N NH2 . ARG A 1 91  ? 8.836   7.609   17.087  1.00  73.75 ? 91   ARG A NH2 1 
ATOM   721  N N   . GLU A 1 92  ? 2.446   11.342  16.733  1.00  51.33 ? 92   GLU A N   1 
ATOM   722  C CA  . GLU A 1 92  ? 2.068   12.650  17.276  1.00  52.97 ? 92   GLU A CA  1 
ATOM   723  C C   . GLU A 1 92  ? 2.654   12.845  18.670  1.00  53.76 ? 92   GLU A C   1 
ATOM   724  O O   . GLU A 1 92  ? 2.863   11.880  19.408  1.00  52.36 ? 92   GLU A O   1 
ATOM   725  C CB  . GLU A 1 92  ? 0.546   12.801  17.344  1.00  51.37 ? 92   GLU A CB  1 
ATOM   726  C CG  . GLU A 1 92  ? -0.108  12.034  18.487  1.00  50.94 ? 92   GLU A CG  1 
ATOM   727  C CD  . GLU A 1 92  ? -1.637  12.076  18.446  1.00  53.07 ? 92   GLU A CD  1 
ATOM   728  O OE1 . GLU A 1 92  ? -2.266  11.558  19.402  1.00  54.78 ? 92   GLU A OE1 1 
ATOM   729  O OE2 . GLU A 1 92  ? -2.208  12.621  17.466  1.00  50.06 ? 92   GLU A OE2 1 
ATOM   730  N N   . ILE A 1 93  ? 2.942   14.101  19.005  1.00  55.95 ? 93   ILE A N   1 
ATOM   731  C CA  . ILE A 1 93  ? 3.482   14.465  20.315  1.00  57.98 ? 93   ILE A CA  1 
ATOM   732  C C   . ILE A 1 93  ? 2.581   15.539  20.900  1.00  59.34 ? 93   ILE A C   1 
ATOM   733  O O   . ILE A 1 93  ? 2.564   16.682  20.429  1.00  59.22 ? 93   ILE A O   1 
ATOM   734  C CB  . ILE A 1 93  ? 4.903   15.016  20.211  1.00  58.07 ? 93   ILE A CB  1 
ATOM   735  C CG1 . ILE A 1 93  ? 5.781   14.003  19.497  1.00  58.22 ? 93   ILE A CG1 1 
ATOM   736  C CG2 . ILE A 1 93  ? 5.470   15.272  21.598  1.00  57.80 ? 93   ILE A CG2 1 
ATOM   737  C CD1 . ILE A 1 93  ? 7.177   14.472  19.324  1.00  58.13 ? 93   ILE A CD1 1 
ATOM   738  N N   . PRO A 1 94  ? 1.814   15.178  21.938  1.00  60.76 ? 94   PRO A N   1 
ATOM   739  C CA  . PRO A 1 94  ? 0.871   16.056  22.641  1.00  61.54 ? 94   PRO A CA  1 
ATOM   740  C C   . PRO A 1 94  ? 1.546   17.181  23.430  1.00  61.24 ? 94   PRO A C   1 
ATOM   741  O O   . PRO A 1 94  ? 2.769   17.285  23.450  1.00  60.28 ? 94   PRO A O   1 
ATOM   742  C CB  . PRO A 1 94  ? 0.142   15.085  23.556  1.00  61.73 ? 94   PRO A CB  1 
ATOM   743  C CG  . PRO A 1 94  ? 1.264   14.172  23.967  1.00  60.68 ? 94   PRO A CG  1 
ATOM   744  C CD  . PRO A 1 94  ? 1.938   13.887  22.639  1.00  60.18 ? 94   PRO A CD  1 
ATOM   745  N N   . PRO A 1 95  ? 0.748   18.060  24.063  1.00  61.84 ? 95   PRO A N   1 
ATOM   746  C CA  . PRO A 1 95  ? 1.352   19.146  24.841  1.00  62.11 ? 95   PRO A CA  1 
ATOM   747  C C   . PRO A 1 95  ? 2.168   18.554  25.988  1.00  62.91 ? 95   PRO A C   1 
ATOM   748  O O   . PRO A 1 95  ? 1.749   17.574  26.610  1.00  62.39 ? 95   PRO A O   1 
ATOM   749  C CB  . PRO A 1 95  ? 0.141   19.926  25.327  1.00  61.68 ? 95   PRO A CB  1 
ATOM   750  C CG  . PRO A 1 95  ? -0.811  19.779  24.180  1.00  61.32 ? 95   PRO A CG  1 
ATOM   751  C CD  . PRO A 1 95  ? -0.689  18.309  23.850  1.00  61.27 ? 95   PRO A CD  1 
ATOM   752  N N   . ARG A 1 96  ? 3.325   19.141  26.279  1.00  64.16 ? 96   ARG A N   1 
ATOM   753  C CA  . ARG A 1 96  ? 4.167   18.607  27.340  1.00  66.55 ? 96   ARG A CA  1 
ATOM   754  C C   . ARG A 1 96  ? 3.521   18.671  28.731  1.00  69.31 ? 96   ARG A C   1 
ATOM   755  O O   . ARG A 1 96  ? 4.162   18.411  29.749  1.00  69.39 ? 96   ARG A O   1 
ATOM   756  C CB  . ARG A 1 96  ? 5.546   19.288  27.314  1.00  64.80 ? 96   ARG A CB  1 
ATOM   757  C CG  . ARG A 1 96  ? 5.574   20.777  27.564  1.00  63.80 ? 96   ARG A CG  1 
ATOM   758  C CD  . ARG A 1 96  ? 7.007   21.301  27.428  1.00  62.16 ? 96   ARG A CD  1 
ATOM   759  N NE  . ARG A 1 96  ? 7.228   22.515  28.208  1.00  61.59 ? 96   ARG A NE  1 
ATOM   760  C CZ  . ARG A 1 96  ? 6.722   23.711  27.917  1.00  61.44 ? 96   ARG A CZ  1 
ATOM   761  N NH1 . ARG A 1 96  ? 5.953   23.879  26.845  1.00  59.09 ? 96   ARG A NH1 1 
ATOM   762  N NH2 . ARG A 1 96  ? 6.976   24.742  28.714  1.00  60.48 ? 96   ARG A NH2 1 
ATOM   763  N N   . SER A 1 97  ? 2.231   18.989  28.752  1.00  72.37 ? 97   SER A N   1 
ATOM   764  C CA  . SER A 1 97  ? 1.452   19.061  29.980  1.00  74.44 ? 97   SER A CA  1 
ATOM   765  C C   . SER A 1 97  ? 1.328   17.639  30.542  1.00  76.50 ? 97   SER A C   1 
ATOM   766  O O   . SER A 1 97  ? 1.011   17.445  31.714  1.00  76.21 ? 97   SER A O   1 
ATOM   767  C CB  . SER A 1 97  ? 0.059   19.628  29.668  1.00  74.69 ? 97   SER A CB  1 
ATOM   768  O OG  . SER A 1 97  ? 0.157   20.774  28.836  1.00  73.48 ? 97   SER A OG  1 
ATOM   769  N N   . GLU A 1 98  ? 1.582   16.650  29.686  1.00  79.46 ? 98   GLU A N   1 
ATOM   770  C CA  . GLU A 1 98  ? 1.514   15.238  30.067  1.00  80.94 ? 98   GLU A CA  1 
ATOM   771  C C   . GLU A 1 98  ? 2.861   14.734  30.567  1.00  81.09 ? 98   GLU A C   1 
ATOM   772  O O   . GLU A 1 98  ? 3.159   13.542  30.471  1.00  81.56 ? 98   GLU A O   1 
ATOM   773  C CB  . GLU A 1 98  ? 1.073   14.379  28.876  1.00  82.12 ? 98   GLU A CB  1 
ATOM   774  C CG  . GLU A 1 98  ? -0.432  14.265  28.683  1.00  85.36 ? 98   GLU A CG  1 
ATOM   775  C CD  . GLU A 1 98  ? -1.091  15.571  28.272  1.00  87.81 ? 98   GLU A CD  1 
ATOM   776  O OE1 . GLU A 1 98  ? -2.338  15.592  28.155  1.00  89.55 ? 98   GLU A OE1 1 
ATOM   777  O OE2 . GLU A 1 98  ? -0.374  16.573  28.062  1.00  88.15 ? 98   GLU A OE2 1 
ATOM   778  N N   . GLN A 1 104 ? 7.792   4.681   25.386  1.00  79.40 ? 104  GLN A N   1 
ATOM   779  C CA  . GLN A 1 104 ? 6.673   4.194   24.573  1.00  80.13 ? 104  GLN A CA  1 
ATOM   780  C C   . GLN A 1 104 ? 6.640   4.861   23.187  1.00  77.53 ? 104  GLN A C   1 
ATOM   781  O O   . GLN A 1 104 ? 6.372   6.064   23.061  1.00  77.43 ? 104  GLN A O   1 
ATOM   782  C CB  . GLN A 1 104 ? 5.345   4.444   25.302  1.00  82.95 ? 104  GLN A CB  1 
ATOM   783  C CG  . GLN A 1 104 ? 4.127   3.695   24.728  1.00  87.31 ? 104  GLN A CG  1 
ATOM   784  C CD  . GLN A 1 104 ? 4.209   2.168   24.867  1.00  89.51 ? 104  GLN A CD  1 
ATOM   785  O OE1 . GLN A 1 104 ? 4.571   1.637   25.927  1.00  90.78 ? 104  GLN A OE1 1 
ATOM   786  N NE2 . GLN A 1 104 ? 3.863   1.460   23.795  1.00  89.00 ? 104  GLN A NE2 1 
ATOM   787  N N   . ILE A 1 105 ? 6.898   4.069   22.149  1.00  74.26 ? 105  ILE A N   1 
ATOM   788  C CA  . ILE A 1 105 ? 6.919   4.590   20.788  1.00  69.25 ? 105  ILE A CA  1 
ATOM   789  C C   . ILE A 1 105 ? 5.685   4.213   19.967  1.00  65.67 ? 105  ILE A C   1 
ATOM   790  O O   . ILE A 1 105 ? 5.778   3.389   19.073  1.00  65.51 ? 105  ILE A O   1 
ATOM   791  C CB  . ILE A 1 105 ? 8.164   4.094   20.029  1.00  68.67 ? 105  ILE A CB  1 
ATOM   792  C CG1 . ILE A 1 105 ? 9.418   4.264   20.889  0.010 68.75 ? 105  ILE A CG1 1 
ATOM   793  C CG2 . ILE A 1 105 ? 8.309   4.867   18.747  1.00  68.37 ? 105  ILE A CG2 1 
ATOM   794  C CD1 . ILE A 1 105 ? 9.641   3.146   21.890  0.010 68.76 ? 105  ILE A CD1 1 
ATOM   795  N N   . ALA A 1 106 ? 4.539   4.822   20.255  1.00  63.09 ? 106  ALA A N   1 
ATOM   796  C CA  . ALA A 1 106 ? 3.309   4.521   19.521  1.00  60.31 ? 106  ALA A CA  1 
ATOM   797  C C   . ALA A 1 106 ? 3.137   5.414   18.297  1.00  58.94 ? 106  ALA A C   1 
ATOM   798  O O   . ALA A 1 106 ? 3.434   6.607   18.340  1.00  59.44 ? 106  ALA A O   1 
ATOM   799  C CB  . ALA A 1 106 ? 2.096   4.662   20.441  1.00  59.82 ? 106  ALA A CB  1 
ATOM   800  N N   . LEU A 1 107 ? 2.633   4.837   17.215  1.00  55.34 ? 107  LEU A N   1 
ATOM   801  C CA  . LEU A 1 107 ? 2.446   5.586   15.987  1.00  53.62 ? 107  LEU A CA  1 
ATOM   802  C C   . LEU A 1 107 ? 1.015   5.988   15.750  1.00  50.67 ? 107  LEU A C   1 
ATOM   803  O O   . LEU A 1 107 ? 0.089   5.427   16.331  1.00  50.73 ? 107  LEU A O   1 
ATOM   804  C CB  . LEU A 1 107 ? 2.896   4.768   14.781  1.00  56.67 ? 107  LEU A CB  1 
ATOM   805  C CG  . LEU A 1 107 ? 4.375   4.471   14.609  1.00  58.45 ? 107  LEU A CG  1 
ATOM   806  C CD1 . LEU A 1 107 ? 4.955   3.792   15.842  1.00  60.40 ? 107  LEU A CD1 1 
ATOM   807  C CD2 . LEU A 1 107 ? 4.504   3.579   13.399  1.00  59.12 ? 107  LEU A CD2 1 
ATOM   808  N N   . GLN A 1 108 ? 0.842   6.961   14.871  1.00  47.04 ? 108  GLN A N   1 
ATOM   809  C CA  . GLN A 1 108 ? -0.486  7.421   14.521  1.00  46.87 ? 108  GLN A CA  1 
ATOM   810  C C   . GLN A 1 108 ? -1.005  6.559   13.391  1.00  47.23 ? 108  GLN A C   1 
ATOM   811  O O   . GLN A 1 108 ? -2.188  6.240   13.325  1.00  47.51 ? 108  GLN A O   1 
ATOM   812  C CB  . GLN A 1 108 ? -0.446  8.891   14.103  1.00  44.53 ? 108  GLN A CB  1 
ATOM   813  C CG  . GLN A 1 108 ? -0.363  9.786   15.310  1.00  38.85 ? 108  GLN A CG  1 
ATOM   814  C CD  . GLN A 1 108 ? -1.426  9.422   16.323  1.00  36.62 ? 108  GLN A CD  1 
ATOM   815  O OE1 . GLN A 1 108 ? -2.605  9.694   16.119  1.00  35.02 ? 108  GLN A OE1 1 
ATOM   816  N NE2 . GLN A 1 108 ? -1.015  8.781   17.417  1.00  32.04 ? 108  GLN A NE2 1 
ATOM   817  N N   . THR A 1 109 ? -0.091  6.175   12.510  1.00  46.62 ? 109  THR A N   1 
ATOM   818  C CA  . THR A 1 109 ? -0.419  5.332   11.375  1.00  45.31 ? 109  THR A CA  1 
ATOM   819  C C   . THR A 1 109 ? 0.847   4.967   10.608  1.00  44.58 ? 109  THR A C   1 
ATOM   820  O O   . THR A 1 109 ? 1.802   5.738   10.553  1.00  46.35 ? 109  THR A O   1 
ATOM   821  C CB  . THR A 1 109 ? -1.402  6.036   10.416  1.00  43.93 ? 109  THR A CB  1 
ATOM   822  O OG1 . THR A 1 109 ? -1.788  5.125   9.384   1.00  43.19 ? 109  THR A OG1 1 
ATOM   823  C CG2 . THR A 1 109 ? -0.754  7.262   9.788   1.00  43.74 ? 109  THR A CG2 1 
ATOM   824  N N   . LYS A 1 110 ? 0.858   3.773   10.036  1.00  43.20 ? 110  LYS A N   1 
ATOM   825  C CA  . LYS A 1 110 ? 1.988   3.313   9.245   1.00  39.74 ? 110  LYS A CA  1 
ATOM   826  C C   . LYS A 1 110 ? 1.388   2.853   7.941   1.00  39.16 ? 110  LYS A C   1 
ATOM   827  O O   . LYS A 1 110 ? 0.598   1.916   7.918   1.00  40.10 ? 110  LYS A O   1 
ATOM   828  C CB  . LYS A 1 110 ? 2.680   2.137   9.931   1.00  39.09 ? 110  LYS A CB  1 
ATOM   829  C CG  . LYS A 1 110 ? 3.868   1.580   9.175   1.00  35.12 ? 110  LYS A CG  1 
ATOM   830  C CD  . LYS A 1 110 ? 4.662   0.655   10.075  1.00  35.18 ? 110  LYS A CD  1 
ATOM   831  C CE  . LYS A 1 110 ? 5.980   0.258   9.426   1.00  36.55 ? 110  LYS A CE  1 
ATOM   832  N NZ  . LYS A 1 110 ? 6.986   -0.307  10.369  1.00  36.75 ? 110  LYS A NZ  1 
ATOM   833  N N   . ILE A 1 111 ? 1.732   3.514   6.852   1.00  37.62 ? 111  ILE A N   1 
ATOM   834  C CA  . ILE A 1 111 ? 1.172   3.102   5.582   1.00  36.41 ? 111  ILE A CA  1 
ATOM   835  C C   . ILE A 1 111 ? 2.263   2.661   4.633   1.00  37.03 ? 111  ILE A C   1 
ATOM   836  O O   . ILE A 1 111 ? 3.430   3.028   4.785   1.00  37.71 ? 111  ILE A O   1 
ATOM   837  C CB  . ILE A 1 111 ? 0.391   4.234   4.898   1.00  35.56 ? 111  ILE A CB  1 
ATOM   838  C CG1 . ILE A 1 111 ? 1.367   5.289   4.383   1.00  33.99 ? 111  ILE A CG1 1 
ATOM   839  C CG2 . ILE A 1 111 ? -0.607  4.844   5.869   1.00  36.61 ? 111  ILE A CG2 1 
ATOM   840  C CD1 . ILE A 1 111 ? 0.731   6.311   3.478   1.00  36.81 ? 111  ILE A CD1 1 
ATOM   841  N N   . LYS A 1 112 ? 1.879   1.860   3.650   1.00  36.93 ? 112  LYS A N   1 
ATOM   842  C CA  . LYS A 1 112 ? 2.838   1.398   2.675   1.00  36.21 ? 112  LYS A CA  1 
ATOM   843  C C   . LYS A 1 112 ? 3.050   2.508   1.647   1.00  36.12 ? 112  LYS A C   1 
ATOM   844  O O   . LYS A 1 112 ? 2.144   3.299   1.347   1.00  33.15 ? 112  LYS A O   1 
ATOM   845  C CB  . LYS A 1 112 ? 2.346   0.113   1.993   1.00  37.84 ? 112  LYS A CB  1 
ATOM   846  C CG  . LYS A 1 112 ? 2.360   -1.121  2.891   1.00  41.26 ? 112  LYS A CG  1 
ATOM   847  C CD  . LYS A 1 112 ? 1.918   -2.380  2.150   1.00  41.72 ? 112  LYS A CD  1 
ATOM   848  C CE  . LYS A 1 112 ? 2.154   -3.644  2.970   1.00  40.30 ? 112  LYS A CE  1 
ATOM   849  N NZ  . LYS A 1 112 ? 1.358   -3.639  4.222   1.00  46.00 ? 112  LYS A NZ  1 
ATOM   850  N N   . LEU A 1 113 ? 4.269   2.566   1.133   1.00  34.87 ? 113  LEU A N   1 
ATOM   851  C CA  . LEU A 1 113 ? 4.640   3.541   0.140   1.00  34.01 ? 113  LEU A CA  1 
ATOM   852  C C   . LEU A 1 113 ? 5.290   2.779   -1.007  1.00  34.33 ? 113  LEU A C   1 
ATOM   853  O O   . LEU A 1 113 ? 6.382   2.218   -0.867  1.00  33.37 ? 113  LEU A O   1 
ATOM   854  C CB  . LEU A 1 113 ? 5.613   4.557   0.735   1.00  31.19 ? 113  LEU A CB  1 
ATOM   855  C CG  . LEU A 1 113 ? 6.076   5.623   -0.261  1.00  33.80 ? 113  LEU A CG  1 
ATOM   856  C CD1 . LEU A 1 113 ? 4.878   6.249   -0.986  1.00  30.97 ? 113  LEU A CD1 1 
ATOM   857  C CD2 . LEU A 1 113 ? 6.877   6.672   0.477   1.00  34.47 ? 113  LEU A CD2 1 
ATOM   858  N N   . PHE A 1 114 ? 4.600   2.760   -2.138  1.00  34.42 ? 114  PHE A N   1 
ATOM   859  C CA  . PHE A 1 114 ? 5.094   2.060   -3.309  1.00  36.07 ? 114  PHE A CA  1 
ATOM   860  C C   . PHE A 1 114 ? 5.812   3.015   -4.263  1.00  38.35 ? 114  PHE A C   1 
ATOM   861  O O   . PHE A 1 114 ? 5.228   3.992   -4.735  1.00  40.16 ? 114  PHE A O   1 
ATOM   862  C CB  . PHE A 1 114 ? 3.940   1.374   -4.056  1.00  32.94 ? 114  PHE A CB  1 
ATOM   863  C CG  . PHE A 1 114 ? 3.176   0.372   -3.228  1.00  32.28 ? 114  PHE A CG  1 
ATOM   864  C CD1 . PHE A 1 114 ? 1.927   0.691   -2.700  1.00  30.04 ? 114  PHE A CD1 1 
ATOM   865  C CD2 . PHE A 1 114 ? 3.707   -0.897  -2.968  1.00  31.09 ? 114  PHE A CD2 1 
ATOM   866  C CE1 . PHE A 1 114 ? 1.216   -0.236  -1.922  1.00  30.74 ? 114  PHE A CE1 1 
ATOM   867  C CE2 . PHE A 1 114 ? 3.003   -1.833  -2.189  1.00  28.55 ? 114  PHE A CE2 1 
ATOM   868  C CZ  . PHE A 1 114 ? 1.759   -1.502  -1.667  1.00  29.09 ? 114  PHE A CZ  1 
ATOM   869  N N   . TYR A 1 115 ? 7.089   2.753   -4.524  1.00  39.58 ? 115  TYR A N   1 
ATOM   870  C CA  . TYR A 1 115 ? 7.821   3.581   -5.469  1.00  39.78 ? 115  TYR A CA  1 
ATOM   871  C C   . TYR A 1 115 ? 7.583   2.945   -6.838  1.00  39.41 ? 115  TYR A C   1 
ATOM   872  O O   . TYR A 1 115 ? 7.976   1.800   -7.082  1.00  37.40 ? 115  TYR A O   1 
ATOM   873  C CB  . TYR A 1 115 ? 9.316   3.596   -5.173  1.00  40.86 ? 115  TYR A CB  1 
ATOM   874  C CG  . TYR A 1 115 ? 10.117  4.283   -6.265  1.00  47.00 ? 115  TYR A CG  1 
ATOM   875  C CD1 . TYR A 1 115 ? 9.997   5.663   -6.485  1.00  48.46 ? 115  TYR A CD1 1 
ATOM   876  C CD2 . TYR A 1 115 ? 10.971  3.550   -7.106  1.00  48.53 ? 115  TYR A CD2 1 
ATOM   877  C CE1 . TYR A 1 115 ? 10.707  6.302   -7.509  1.00  51.12 ? 115  TYR A CE1 1 
ATOM   878  C CE2 . TYR A 1 115 ? 11.687  4.178   -8.137  1.00  50.02 ? 115  TYR A CE2 1 
ATOM   879  C CZ  . TYR A 1 115 ? 11.549  5.555   -8.329  1.00  52.04 ? 115  TYR A CZ  1 
ATOM   880  O OH  . TYR A 1 115 ? 12.258  6.200   -9.322  1.00  54.20 ? 115  TYR A OH  1 
ATOM   881  N N   . ARG A 1 116 ? 6.919   3.691   -7.713  1.00  39.78 ? 116  ARG A N   1 
ATOM   882  C CA  . ARG A 1 116 ? 6.601   3.217   -9.059  1.00  42.08 ? 116  ARG A CA  1 
ATOM   883  C C   . ARG A 1 116 ? 7.443   3.974   -10.090 1.00  42.73 ? 116  ARG A C   1 
ATOM   884  O O   . ARG A 1 116 ? 7.136   5.121   -10.426 1.00  42.24 ? 116  ARG A O   1 
ATOM   885  C CB  . ARG A 1 116 ? 5.105   3.433   -9.333  1.00  41.93 ? 116  ARG A CB  1 
ATOM   886  C CG  . ARG A 1 116 ? 4.588   2.831   -10.624 1.00  43.83 ? 116  ARG A CG  1 
ATOM   887  C CD  . ARG A 1 116 ? 3.083   2.939   -10.669 1.00  43.91 ? 116  ARG A CD  1 
ATOM   888  N NE  . ARG A 1 116 ? 2.462   2.153   -9.607  1.00  46.28 ? 116  ARG A NE  1 
ATOM   889  C CZ  . ARG A 1 116 ? 1.203   2.294   -9.199  1.00  48.13 ? 116  ARG A CZ  1 
ATOM   890  N NH1 . ARG A 1 116 ? 0.412   3.202   -9.763  1.00  46.40 ? 116  ARG A NH1 1 
ATOM   891  N NH2 . ARG A 1 116 ? 0.734   1.524   -8.220  1.00  48.35 ? 116  ARG A NH2 1 
ATOM   892  N N   . PRO A 1 117 ? 8.520   3.338   -10.602 1.00  42.20 ? 117  PRO A N   1 
ATOM   893  C CA  . PRO A 1 117 ? 9.412   3.952   -11.595 1.00  43.90 ? 117  PRO A CA  1 
ATOM   894  C C   . PRO A 1 117 ? 8.634   4.517   -12.772 1.00  45.39 ? 117  PRO A C   1 
ATOM   895  O O   . PRO A 1 117 ? 7.594   3.981   -13.145 1.00  47.05 ? 117  PRO A O   1 
ATOM   896  C CB  . PRO A 1 117 ? 10.312  2.798   -12.026 1.00  42.61 ? 117  PRO A CB  1 
ATOM   897  C CG  . PRO A 1 117 ? 10.350  1.936   -10.823 1.00  42.73 ? 117  PRO A CG  1 
ATOM   898  C CD  . PRO A 1 117 ? 8.929   1.949   -10.335 1.00  41.20 ? 117  PRO A CD  1 
ATOM   899  N N   . ALA A 1 118 ? 9.146   5.597   -13.355 1.00  47.39 ? 118  ALA A N   1 
ATOM   900  C CA  . ALA A 1 118 ? 8.490   6.216   -14.491 1.00  47.97 ? 118  ALA A CA  1 
ATOM   901  C C   . ALA A 1 118 ? 8.293   5.190   -15.614 1.00  49.25 ? 118  ALA A C   1 
ATOM   902  O O   . ALA A 1 118 ? 7.258   5.191   -16.292 1.00  47.50 ? 118  ALA A O   1 
ATOM   903  C CB  . ALA A 1 118 ? 9.311   7.402   -14.980 1.00  45.45 ? 118  ALA A CB  1 
ATOM   904  N N   . ALA A 1 119 ? 9.280   4.307   -15.782 1.00  50.95 ? 119  ALA A N   1 
ATOM   905  C CA  . ALA A 1 119 ? 9.238   3.262   -16.810 1.00  52.08 ? 119  ALA A CA  1 
ATOM   906  C C   . ALA A 1 119 ? 7.930   2.472   -16.794 1.00  54.51 ? 119  ALA A C   1 
ATOM   907  O O   . ALA A 1 119 ? 7.379   2.129   -17.844 1.00  56.65 ? 119  ALA A O   1 
ATOM   908  C CB  . ALA A 1 119 ? 10.411  2.310   -16.633 1.00  50.48 ? 119  ALA A CB  1 
ATOM   909  N N   . ILE A 1 120 ? 7.425   2.174   -15.602 1.00  53.69 ? 120  ILE A N   1 
ATOM   910  C CA  . ILE A 1 120 ? 6.185   1.423   -15.509 1.00  52.46 ? 120  ILE A CA  1 
ATOM   911  C C   . ILE A 1 120 ? 5.017   2.271   -15.020 1.00  51.85 ? 120  ILE A C   1 
ATOM   912  O O   . ILE A 1 120 ? 4.081   1.748   -14.432 1.00  51.64 ? 120  ILE A O   1 
ATOM   913  C CB  . ILE A 1 120 ? 6.339   0.177   -14.585 1.00  52.42 ? 120  ILE A CB  1 
ATOM   914  C CG1 . ILE A 1 120 ? 6.789   0.596   -13.182 1.00  50.68 ? 120  ILE A CG1 1 
ATOM   915  C CG2 . ILE A 1 120 ? 7.342   -0.795  -15.196 1.00  51.92 ? 120  ILE A CG2 1 
ATOM   916  C CD1 . ILE A 1 120 ? 6.901   -0.568  -12.200 1.00  44.49 ? 120  ILE A CD1 1 
ATOM   917  N N   . LYS A 1 121 ? 5.059   3.573   -15.269 1.00  53.51 ? 121  LYS A N   1 
ATOM   918  C CA  . LYS A 1 121 ? 3.977   4.453   -14.830 1.00  56.08 ? 121  LYS A CA  1 
ATOM   919  C C   . LYS A 1 121 ? 2.623   3.931   -15.311 1.00  58.23 ? 121  LYS A C   1 
ATOM   920  O O   . LYS A 1 121 ? 2.538   3.269   -16.344 1.00  58.34 ? 121  LYS A O   1 
ATOM   921  C CB  . LYS A 1 121 ? 4.198   5.873   -15.349 1.00  55.27 ? 121  LYS A CB  1 
ATOM   922  C CG  . LYS A 1 121 ? 3.121   6.854   -14.898 1.00  54.24 ? 121  LYS A CG  1 
ATOM   923  C CD  . LYS A 1 121 ? 3.478   8.270   -15.288 1.00  51.78 ? 121  LYS A CD  1 
ATOM   924  C CE  . LYS A 1 121 ? 2.566   9.255   -14.621 1.00  51.31 ? 121  LYS A CE  1 
ATOM   925  N NZ  . LYS A 1 121 ? 2.877   10.618  -15.110 1.00  54.50 ? 121  LYS A NZ  1 
ATOM   926  N N   . THR A 1 122 ? 1.567   4.228   -14.560 1.00  59.92 ? 122  THR A N   1 
ATOM   927  C CA  . THR A 1 122 ? 0.234   3.759   -14.918 1.00  61.17 ? 122  THR A CA  1 
ATOM   928  C C   . THR A 1 122 ? -0.713  4.890   -15.281 1.00  63.38 ? 122  THR A C   1 
ATOM   929  O O   . THR A 1 122 ? -0.641  5.983   -14.715 1.00  64.08 ? 122  THR A O   1 
ATOM   930  C CB  . THR A 1 122 ? -0.403  2.963   -13.762 1.00  60.50 ? 122  THR A CB  1 
ATOM   931  O OG1 . THR A 1 122 ? -0.494  3.802   -12.604 1.00  59.97 ? 122  THR A OG1 1 
ATOM   932  C CG2 . THR A 1 122 ? 0.431   1.731   -13.436 1.00  58.49 ? 122  THR A CG2 1 
ATOM   933  N N   . ARG A 1 123 ? -1.605  4.619   -16.230 1.00  65.42 ? 123  ARG A N   1 
ATOM   934  C CA  . ARG A 1 123 ? -2.585  5.604   -16.661 1.00  66.88 ? 123  ARG A CA  1 
ATOM   935  C C   . ARG A 1 123 ? -3.762  5.558   -15.695 1.00  68.25 ? 123  ARG A C   1 
ATOM   936  O O   . ARG A 1 123 ? -4.109  4.503   -15.171 1.00  66.55 ? 123  ARG A O   1 
ATOM   937  C CB  . ARG A 1 123 ? -3.032  5.313   -18.102 1.00  67.21 ? 123  ARG A CB  1 
ATOM   938  C CG  . ARG A 1 123 ? -3.070  3.823   -18.458 1.00  68.56 ? 123  ARG A CG  1 
ATOM   939  C CD  . ARG A 1 123 ? -3.195  3.581   -19.966 1.00  69.82 ? 123  ARG A CD  1 
ATOM   940  N NE  . ARG A 1 123 ? -2.958  2.182   -20.351 1.00  70.71 ? 123  ARG A NE  1 
ATOM   941  C CZ  . ARG A 1 123 ? -3.771  1.156   -20.080 1.00  71.51 ? 123  ARG A CZ  1 
ATOM   942  N NH1 . ARG A 1 123 ? -4.905  1.347   -19.411 1.00  69.51 ? 123  ARG A NH1 1 
ATOM   943  N NH2 . ARG A 1 123 ? -3.448  -0.070  -20.489 1.00  70.49 ? 123  ARG A NH2 1 
ATOM   944  N N   . PRO A 1 124 ? -4.383  6.715   -15.435 1.00  70.96 ? 124  PRO A N   1 
ATOM   945  C CA  . PRO A 1 124 ? -5.528  6.863   -14.529 1.00  72.77 ? 124  PRO A CA  1 
ATOM   946  C C   . PRO A 1 124 ? -6.608  5.808   -14.722 1.00  73.99 ? 124  PRO A C   1 
ATOM   947  O O   . PRO A 1 124 ? -7.096  5.596   -15.840 1.00  75.57 ? 124  PRO A O   1 
ATOM   948  C CB  . PRO A 1 124 ? -6.035  8.269   -14.842 1.00  72.53 ? 124  PRO A CB  1 
ATOM   949  C CG  . PRO A 1 124 ? -4.773  8.996   -15.163 1.00  72.83 ? 124  PRO A CG  1 
ATOM   950  C CD  . PRO A 1 124 ? -4.052  8.005   -16.066 1.00  72.31 ? 124  PRO A CD  1 
ATOM   951  N N   . ASN A 1 125 ? -6.972  5.151   -13.623 1.00  73.87 ? 125  ASN A N   1 
ATOM   952  C CA  . ASN A 1 125 ? -8.008  4.121   -13.629 1.00  73.21 ? 125  ASN A CA  1 
ATOM   953  C C   . ASN A 1 125 ? -7.591  2.814   -14.327 1.00  72.21 ? 125  ASN A C   1 
ATOM   954  O O   . ASN A 1 125 ? -8.445  2.000   -14.694 1.00  72.32 ? 125  ASN A O   1 
ATOM   955  C CB  . ASN A 1 125 ? -9.291  4.665   -14.281 1.00  73.76 ? 125  ASN A CB  1 
ATOM   956  C CG  . ASN A 1 125 ? -9.625  6.085   -13.836 1.00  74.37 ? 125  ASN A CG  1 
ATOM   957  O OD1 . ASN A 1 125 ? -9.646  6.392   -12.643 1.00  73.69 ? 125  ASN A OD1 1 
ATOM   958  N ND2 . ASN A 1 125 ? -9.893  6.958   -14.805 1.00  74.97 ? 125  ASN A ND2 1 
ATOM   959  N N   . GLU A 1 126 ? -6.288  2.604   -14.499 1.00  70.28 ? 126  GLU A N   1 
ATOM   960  C CA  . GLU A 1 126 ? -5.794  1.388   -15.142 1.00  67.41 ? 126  GLU A CA  1 
ATOM   961  C C   . GLU A 1 126 ? -5.838  0.193   -14.190 1.00  66.60 ? 126  GLU A C   1 
ATOM   962  O O   . GLU A 1 126 ? -5.517  0.314   -13.009 1.00  66.53 ? 126  GLU A O   1 
ATOM   963  C CB  . GLU A 1 126 ? -4.366  1.603   -15.625 1.00  67.56 ? 126  GLU A CB  1 
ATOM   964  C CG  . GLU A 1 126 ? -3.724  0.364   -16.198 1.00  67.82 ? 126  GLU A CG  1 
ATOM   965  C CD  . GLU A 1 126 ? -2.307  0.616   -16.657 1.00  68.70 ? 126  GLU A CD  1 
ATOM   966  O OE1 . GLU A 1 126 ? -1.638  -0.360  -17.054 1.00  69.79 ? 126  GLU A OE1 1 
ATOM   967  O OE2 . GLU A 1 126 ? -1.864  1.788   -16.621 1.00  68.08 ? 126  GLU A OE2 1 
ATOM   968  N N   . VAL A 1 127 ? -6.241  -0.965  -14.700 1.00  63.94 ? 127  VAL A N   1 
ATOM   969  C CA  . VAL A 1 127 ? -6.313  -2.160  -13.874 1.00  61.17 ? 127  VAL A CA  1 
ATOM   970  C C   . VAL A 1 127 ? -5.313  -3.170  -14.388 1.00  60.76 ? 127  VAL A C   1 
ATOM   971  O O   . VAL A 1 127 ? -5.225  -3.407  -15.585 1.00  63.04 ? 127  VAL A O   1 
ATOM   972  C CB  . VAL A 1 127 ? -7.720  -2.780  -13.907 1.00  60.05 ? 127  VAL A CB  1 
ATOM   973  C CG1 . VAL A 1 127 ? -7.770  -4.038  -13.042 1.00  58.97 ? 127  VAL A CG1 1 
ATOM   974  C CG2 . VAL A 1 127 ? -8.732  -1.758  -13.424 1.00  58.19 ? 127  VAL A CG2 1 
ATOM   975  N N   . TRP A 1 128 ? -4.549  -3.759  -13.480 1.00  59.26 ? 128  TRP A N   1 
ATOM   976  C CA  . TRP A 1 128 ? -3.555  -4.740  -13.861 1.00  57.38 ? 128  TRP A CA  1 
ATOM   977  C C   . TRP A 1 128 ? -3.676  -5.960  -12.976 1.00  58.17 ? 128  TRP A C   1 
ATOM   978  O O   . TRP A 1 128 ? -3.122  -7.015  -13.281 1.00  57.24 ? 128  TRP A O   1 
ATOM   979  C CB  . TRP A 1 128 ? -2.151  -4.141  -13.735 1.00  57.12 ? 128  TRP A CB  1 
ATOM   980  C CG  . TRP A 1 128 ? -1.808  -3.647  -12.347 1.00  56.76 ? 128  TRP A CG  1 
ATOM   981  C CD1 . TRP A 1 128 ? -1.407  -4.401  -11.277 1.00  55.31 ? 128  TRP A CD1 1 
ATOM   982  C CD2 . TRP A 1 128 ? -1.935  -2.304  -11.861 1.00  55.40 ? 128  TRP A CD2 1 
ATOM   983  N NE1 . TRP A 1 128 ? -1.289  -3.612  -10.159 1.00  54.88 ? 128  TRP A NE1 1 
ATOM   984  C CE2 . TRP A 1 128 ? -1.609  -2.322  -10.488 1.00  54.44 ? 128  TRP A CE2 1 
ATOM   985  C CE3 . TRP A 1 128 ? -2.301  -1.088  -12.454 1.00  55.35 ? 128  TRP A CE3 1 
ATOM   986  C CZ2 . TRP A 1 128 ? -1.641  -1.170  -9.696  1.00  54.74 ? 128  TRP A CZ2 1 
ATOM   987  C CZ3 . TRP A 1 128 ? -2.332  0.062   -11.660 1.00  55.28 ? 128  TRP A CZ3 1 
ATOM   988  C CH2 . TRP A 1 128 ? -2.005  0.009   -10.298 1.00  54.51 ? 128  TRP A CH2 1 
ATOM   989  N N   . GLN A 1 129 ? -4.408  -5.812  -11.876 1.00  59.18 ? 129  GLN A N   1 
ATOM   990  C CA  . GLN A 1 129 ? -4.582  -6.908  -10.932 1.00  60.47 ? 129  GLN A CA  1 
ATOM   991  C C   . GLN A 1 129 ? -5.382  -8.048  -11.544 1.00  60.88 ? 129  GLN A C   1 
ATOM   992  O O   . GLN A 1 129 ? -5.390  -9.164  -11.028 1.00  61.18 ? 129  GLN A O   1 
ATOM   993  C CB  . GLN A 1 129 ? -5.252  -6.411  -9.646  1.00  59.44 ? 129  GLN A CB  1 
ATOM   994  C CG  . GLN A 1 129 ? -4.444  -5.356  -8.892  1.00  59.42 ? 129  GLN A CG  1 
ATOM   995  C CD  . GLN A 1 129 ? -4.712  -3.937  -9.380  1.00  60.18 ? 129  GLN A CD  1 
ATOM   996  O OE1 . GLN A 1 129 ? -5.133  -3.728  -10.524 1.00  59.56 ? 129  GLN A OE1 1 
ATOM   997  N NE2 . GLN A 1 129 ? -4.458  -2.954  -8.516  1.00  57.21 ? 129  GLN A NE2 1 
ATOM   998  N N   . ASP A 1 130 ? -6.044  -7.764  -12.656 1.00  61.51 ? 130  ASP A N   1 
ATOM   999  C CA  . ASP A 1 130 ? -6.840  -8.771  -13.336 1.00  62.30 ? 130  ASP A CA  1 
ATOM   1000 C C   . ASP A 1 130 ? -5.946  -9.739  -14.102 1.00  61.39 ? 130  ASP A C   1 
ATOM   1001 O O   . ASP A 1 130 ? -6.431  -10.559 -14.876 1.00  61.63 ? 130  ASP A O   1 
ATOM   1002 C CB  . ASP A 1 130 ? -7.787  -8.094  -14.310 1.00  64.35 ? 130  ASP A CB  1 
ATOM   1003 C CG  . ASP A 1 130 ? -7.069  -7.137  -15.220 1.00  67.26 ? 130  ASP A CG  1 
ATOM   1004 O OD1 . ASP A 1 130 ? -5.995  -7.514  -15.734 1.00  68.62 ? 130  ASP A OD1 1 
ATOM   1005 O OD2 . ASP A 1 130 ? -7.569  -6.014  -15.419 1.00  70.89 ? 130  ASP A OD2 1 
ATOM   1006 N N   . GLN A 1 131 ? -4.640  -9.634  -13.896 1.00  59.42 ? 131  GLN A N   1 
ATOM   1007 C CA  . GLN A 1 131 ? -3.703  -10.510 -14.579 1.00  58.21 ? 131  GLN A CA  1 
ATOM   1008 C C   . GLN A 1 131 ? -3.193  -11.602 -13.660 1.00  58.09 ? 131  GLN A C   1 
ATOM   1009 O O   . GLN A 1 131 ? -2.271  -12.334 -14.010 1.00  57.44 ? 131  GLN A O   1 
ATOM   1010 C CB  . GLN A 1 131 ? -2.520  -9.711  -15.102 1.00  59.39 ? 131  GLN A CB  1 
ATOM   1011 C CG  . GLN A 1 131 ? -2.901  -8.624  -16.072 1.00  59.11 ? 131  GLN A CG  1 
ATOM   1012 C CD  . GLN A 1 131 ? -1.700  -7.848  -16.532 1.00  58.64 ? 131  GLN A CD  1 
ATOM   1013 O OE1 . GLN A 1 131 ? -0.686  -8.431  -16.922 1.00  58.20 ? 131  GLN A OE1 1 
ATOM   1014 N NE2 . GLN A 1 131 ? -1.800  -6.524  -16.490 1.00  58.20 ? 131  GLN A NE2 1 
ATOM   1015 N N   . LEU A 1 132 ? -3.795  -11.691 -12.478 1.00  57.98 ? 132  LEU A N   1 
ATOM   1016 C CA  . LEU A 1 132 ? -3.425  -12.693 -11.486 1.00  56.16 ? 132  LEU A CA  1 
ATOM   1017 C C   . LEU A 1 132 ? -3.924  -14.067 -11.921 1.00  56.40 ? 132  LEU A C   1 
ATOM   1018 O O   . LEU A 1 132 ? -5.016  -14.187 -12.476 1.00  54.96 ? 132  LEU A O   1 
ATOM   1019 C CB  . LEU A 1 132 ? -4.036  -12.328 -10.137 1.00  56.39 ? 132  LEU A CB  1 
ATOM   1020 C CG  . LEU A 1 132 ? -3.555  -11.040 -9.470  1.00  56.89 ? 132  LEU A CG  1 
ATOM   1021 C CD1 . LEU A 1 132 ? -4.409  -10.774 -8.246  1.00  56.24 ? 132  LEU A CD1 1 
ATOM   1022 C CD2 . LEU A 1 132 ? -2.086  -11.159 -9.085  1.00  56.60 ? 132  LEU A CD2 1 
ATOM   1023 N N   . ILE A 1 133 ? -3.135  -15.105 -11.662 1.00  56.16 ? 133  ILE A N   1 
ATOM   1024 C CA  . ILE A 1 133 ? -3.533  -16.453 -12.044 1.00  57.98 ? 133  ILE A CA  1 
ATOM   1025 C C   . ILE A 1 133 ? -3.618  -17.366 -10.824 1.00  59.47 ? 133  ILE A C   1 
ATOM   1026 O O   . ILE A 1 133 ? -2.618  -17.608 -10.148 1.00  60.85 ? 133  ILE A O   1 
ATOM   1027 C CB  . ILE A 1 133 ? -2.535  -17.058 -13.087 1.00  58.52 ? 133  ILE A CB  1 
ATOM   1028 C CG1 . ILE A 1 133 ? -2.505  -16.192 -14.359 1.00  56.97 ? 133  ILE A CG1 1 
ATOM   1029 C CG2 . ILE A 1 133 ? -2.909  -18.493 -13.412 1.00  55.75 ? 133  ILE A CG2 1 
ATOM   1030 C CD1 . ILE A 1 133 ? -3.855  -15.987 -15.036 1.00  55.76 ? 133  ILE A CD1 1 
ATOM   1031 N N   . LEU A 1 134 ? -4.818  -17.871 -10.548 1.00  59.43 ? 134  LEU A N   1 
ATOM   1032 C CA  . LEU A 1 134 ? -5.027  -18.757 -9.410  1.00  59.63 ? 134  LEU A CA  1 
ATOM   1033 C C   . LEU A 1 134 ? -4.759  -20.190 -9.800  1.00  59.46 ? 134  LEU A C   1 
ATOM   1034 O O   . LEU A 1 134 ? -5.240  -20.659 -10.821 1.00  60.13 ? 134  LEU A O   1 
ATOM   1035 C CB  . LEU A 1 134 ? -6.459  -18.638 -8.901  1.00  58.70 ? 134  LEU A CB  1 
ATOM   1036 C CG  . LEU A 1 134 ? -6.892  -17.219 -8.540  1.00  59.23 ? 134  LEU A CG  1 
ATOM   1037 C CD1 . LEU A 1 134 ? -8.341  -17.257 -8.127  1.00  60.00 ? 134  LEU A CD1 1 
ATOM   1038 C CD2 . LEU A 1 134 ? -6.029  -16.653 -7.428  1.00  55.89 ? 134  LEU A CD2 1 
ATOM   1039 N N   . ASN A 1 135 ? -3.985  -20.894 -8.990  1.00  60.27 ? 135  ASN A N   1 
ATOM   1040 C CA  . ASN A 1 135 ? -3.692  -22.283 -9.297  1.00  59.81 ? 135  ASN A CA  1 
ATOM   1041 C C   . ASN A 1 135 ? -4.149  -23.181 -8.177  1.00  58.76 ? 135  ASN A C   1 
ATOM   1042 O O   . ASN A 1 135 ? -3.495  -23.274 -7.141  1.00  59.10 ? 135  ASN A O   1 
ATOM   1043 C CB  . ASN A 1 135 ? -2.194  -22.486 -9.526  1.00  62.11 ? 135  ASN A CB  1 
ATOM   1044 C CG  . ASN A 1 135 ? -1.674  -21.679 -10.691 1.00  64.39 ? 135  ASN A CG  1 
ATOM   1045 O OD1 . ASN A 1 135 ? -2.240  -21.706 -11.789 1.00  65.42 ? 135  ASN A OD1 1 
ATOM   1046 N ND2 . ASN A 1 135 ? -0.591  -20.950 -10.461 1.00  65.69 ? 135  ASN A ND2 1 
ATOM   1047 N N   . LYS A 1 136 ? -5.272  -23.855 -8.393  1.00  58.12 ? 136  LYS A N   1 
ATOM   1048 C CA  . LYS A 1 136 ? -5.815  -24.751 -7.386  1.00  56.43 ? 136  LYS A CA  1 
ATOM   1049 C C   . LYS A 1 136 ? -4.736  -25.678 -6.844  1.00  56.65 ? 136  LYS A C   1 
ATOM   1050 O O   . LYS A 1 136 ? -3.940  -26.238 -7.596  1.00  55.93 ? 136  LYS A O   1 
ATOM   1051 C CB  . LYS A 1 136 ? -6.954  -25.591 -7.966  1.00  54.63 ? 136  LYS A CB  1 
ATOM   1052 C CG  . LYS A 1 136 ? -8.009  -24.798 -8.721  1.00  55.91 ? 136  LYS A CG  1 
ATOM   1053 C CD  . LYS A 1 136 ? -9.263  -25.632 -8.991  1.00  56.11 ? 136  LYS A CD  1 
ATOM   1054 C CE  . LYS A 1 136 ? -10.333 -24.819 -9.725  1.00  56.19 ? 136  LYS A CE  1 
ATOM   1055 N NZ  . LYS A 1 136 ? -11.666 -25.499 -9.716  1.00  56.86 ? 136  LYS A NZ  1 
ATOM   1056 N N   . VAL A 1 137 ? -4.705  -25.799 -5.522  1.00  57.05 ? 137  VAL A N   1 
ATOM   1057 C CA  . VAL A 1 137 ? -3.768  -26.675 -4.836  1.00  57.11 ? 137  VAL A CA  1 
ATOM   1058 C C   . VAL A 1 137 ? -4.487  -27.231 -3.629  1.00  58.30 ? 137  VAL A C   1 
ATOM   1059 O O   . VAL A 1 137 ? -5.652  -26.908 -3.371  1.00  57.89 ? 137  VAL A O   1 
ATOM   1060 C CB  . VAL A 1 137 ? -2.501  -25.942 -4.356  1.00  57.36 ? 137  VAL A CB  1 
ATOM   1061 C CG1 . VAL A 1 137 ? -1.648  -25.554 -5.543  1.00  56.58 ? 137  VAL A CG1 1 
ATOM   1062 C CG2 . VAL A 1 137 ? -2.880  -24.720 -3.539  1.00  57.30 ? 137  VAL A CG2 1 
ATOM   1063 N N   . SER A 1 138 ? -3.799  -28.069 -2.878  1.00  58.65 ? 138  SER A N   1 
ATOM   1064 C CA  . SER A 1 138 ? -4.439  -28.648 -1.720  1.00  60.29 ? 138  SER A CA  1 
ATOM   1065 C C   . SER A 1 138 ? -4.460  -27.636 -0.582  1.00  60.53 ? 138  SER A C   1 
ATOM   1066 O O   . SER A 1 138 ? -3.408  -27.217 -0.085  1.00  61.36 ? 138  SER A O   1 
ATOM   1067 C CB  . SER A 1 138 ? -3.708  -29.925 -1.307  1.00  61.68 ? 138  SER A CB  1 
ATOM   1068 O OG  . SER A 1 138 ? -4.559  -30.766 -0.551  1.00  64.03 ? 138  SER A OG  1 
ATOM   1069 N N   . GLY A 1 139 ? -5.665  -27.232 -0.186  1.00  59.43 ? 139  GLY A N   1 
ATOM   1070 C CA  . GLY A 1 139 ? -5.800  -26.280 0.899   1.00  57.34 ? 139  GLY A CA  1 
ATOM   1071 C C   . GLY A 1 139 ? -6.118  -24.873 0.450   1.00  55.59 ? 139  GLY A C   1 
ATOM   1072 O O   . GLY A 1 139 ? -6.526  -24.045 1.263   1.00  55.72 ? 139  GLY A O   1 
ATOM   1073 N N   . GLY A 1 140 ? -5.925  -24.596 -0.836  1.00  54.15 ? 140  GLY A N   1 
ATOM   1074 C CA  . GLY A 1 140 ? -6.214  -23.269 -1.346  1.00  53.70 ? 140  GLY A CA  1 
ATOM   1075 C C   . GLY A 1 140 ? -5.800  -23.040 -2.784  1.00  53.46 ? 140  GLY A C   1 
ATOM   1076 O O   . GLY A 1 140 ? -6.108  -23.846 -3.666  1.00  54.36 ? 140  GLY A O   1 
ATOM   1077 N N   . TYR A 1 141 ? -5.115  -21.924 -3.025  1.00  52.84 ? 141  TYR A N   1 
ATOM   1078 C CA  . TYR A 1 141 ? -4.650  -21.580 -4.359  1.00  52.22 ? 141  TYR A CA  1 
ATOM   1079 C C   . TYR A 1 141 ? -3.215  -21.086 -4.303  1.00  53.14 ? 141  TYR A C   1 
ATOM   1080 O O   . TYR A 1 141 ? -2.710  -20.715 -3.241  1.00  52.56 ? 141  TYR A O   1 
ATOM   1081 C CB  . TYR A 1 141 ? -5.508  -20.478 -4.986  1.00  51.74 ? 141  TYR A CB  1 
ATOM   1082 C CG  . TYR A 1 141 ? -6.967  -20.815 -5.107  1.00  53.39 ? 141  TYR A CG  1 
ATOM   1083 C CD1 . TYR A 1 141 ? -7.825  -20.642 -4.033  1.00  54.73 ? 141  TYR A CD1 1 
ATOM   1084 C CD2 . TYR A 1 141 ? -7.484  -21.338 -6.287  1.00  55.20 ? 141  TYR A CD2 1 
ATOM   1085 C CE1 . TYR A 1 141 ? -9.168  -20.979 -4.124  1.00  58.12 ? 141  TYR A CE1 1 
ATOM   1086 C CE2 . TYR A 1 141 ? -8.832  -21.682 -6.395  1.00  57.74 ? 141  TYR A CE2 1 
ATOM   1087 C CZ  . TYR A 1 141 ? -9.673  -21.498 -5.308  1.00  58.62 ? 141  TYR A CZ  1 
ATOM   1088 O OH  . TYR A 1 141 ? -11.019 -21.805 -5.400  1.00  58.84 ? 141  TYR A OH  1 
ATOM   1089 N N   . ARG A 1 142 ? -2.554  -21.108 -5.454  1.00  53.70 ? 142  ARG A N   1 
ATOM   1090 C CA  . ARG A 1 142 ? -1.199  -20.614 -5.560  1.00  54.33 ? 142  ARG A CA  1 
ATOM   1091 C C   . ARG A 1 142 ? -1.345  -19.443 -6.509  1.00  53.82 ? 142  ARG A C   1 
ATOM   1092 O O   . ARG A 1 142 ? -1.337  -19.622 -7.722  1.00  54.53 ? 142  ARG A O   1 
ATOM   1093 C CB  . ARG A 1 142 ? -0.271  -21.657 -6.165  1.00  55.79 ? 142  ARG A CB  1 
ATOM   1094 C CG  . ARG A 1 142 ? 1.198   -21.289 -6.012  1.00  60.22 ? 142  ARG A CG  1 
ATOM   1095 C CD  . ARG A 1 142 ? 2.140   -22.288 -6.684  1.00  64.30 ? 142  ARG A CD  1 
ATOM   1096 N NE  . ARG A 1 142 ? 2.311   -22.012 -8.110  1.00  68.49 ? 142  ARG A NE  1 
ATOM   1097 C CZ  . ARG A 1 142 ? 1.601   -22.570 -9.086  1.00  71.18 ? 142  ARG A CZ  1 
ATOM   1098 N NH1 . ARG A 1 142 ? 0.651   -23.457 -8.809  1.00  72.75 ? 142  ARG A NH1 1 
ATOM   1099 N NH2 . ARG A 1 142 ? 1.841   -22.235 -10.346 1.00  72.10 ? 142  ARG A NH2 1 
ATOM   1100 N N   . ILE A 1 143 ? -1.507  -18.248 -5.948  1.00  53.62 ? 143  ILE A N   1 
ATOM   1101 C CA  . ILE A 1 143 ? -1.681  -17.036 -6.742  1.00  53.46 ? 143  ILE A CA  1 
ATOM   1102 C C   . ILE A 1 143 ? -0.385  -16.555 -7.383  1.00  54.18 ? 143  ILE A C   1 
ATOM   1103 O O   . ILE A 1 143 ? 0.668   -16.548 -6.749  1.00  52.80 ? 143  ILE A O   1 
ATOM   1104 C CB  . ILE A 1 143 ? -2.261  -15.896 -5.886  1.00  52.13 ? 143  ILE A CB  1 
ATOM   1105 C CG1 . ILE A 1 143 ? -3.473  -16.414 -5.108  1.00  51.28 ? 143  ILE A CG1 1 
ATOM   1106 C CG2 . ILE A 1 143 ? -2.619  -14.703 -6.779  1.00  51.00 ? 143  ILE A CG2 1 
ATOM   1107 C CD1 . ILE A 1 143 ? -4.176  -15.372 -4.268  1.00  52.05 ? 143  ILE A CD1 1 
ATOM   1108 N N   . GLU A 1 144 ? -0.484  -16.158 -8.650  1.00  55.79 ? 144  GLU A N   1 
ATOM   1109 C CA  . GLU A 1 144 ? 0.650   -15.671 -9.429  1.00  55.85 ? 144  GLU A CA  1 
ATOM   1110 C C   . GLU A 1 144 ? 0.475   -14.204 -9.792  1.00  55.08 ? 144  GLU A C   1 
ATOM   1111 O O   . GLU A 1 144 ? -0.597  -13.775 -10.228 1.00  53.33 ? 144  GLU A O   1 
ATOM   1112 C CB  . GLU A 1 144 ? 0.804   -16.480 -10.728 1.00  58.46 ? 144  GLU A CB  1 
ATOM   1113 C CG  . GLU A 1 144 ? 1.453   -17.859 -10.576 1.00  63.94 ? 144  GLU A CG  1 
ATOM   1114 C CD  . GLU A 1 144 ? 1.325   -18.751 -11.835 1.00  66.62 ? 144  GLU A CD  1 
ATOM   1115 O OE1 . GLU A 1 144 ? 1.952   -19.838 -11.856 1.00  65.23 ? 144  GLU A OE1 1 
ATOM   1116 O OE2 . GLU A 1 144 ? 0.603   -18.378 -12.794 1.00  66.95 ? 144  GLU A OE2 1 
ATOM   1117 N N   . ASN A 1 145 ? 1.541   -13.438 -9.603  1.00  55.13 ? 145  ASN A N   1 
ATOM   1118 C CA  . ASN A 1 145 ? 1.530   -12.027 -9.944  1.00  54.93 ? 145  ASN A CA  1 
ATOM   1119 C C   . ASN A 1 145 ? 2.617   -11.771 -10.970 1.00  56.08 ? 145  ASN A C   1 
ATOM   1120 O O   . ASN A 1 145 ? 3.797   -11.638 -10.633 1.00  57.19 ? 145  ASN A O   1 
ATOM   1121 C CB  . ASN A 1 145 ? 1.764   -11.152 -8.716  1.00  51.96 ? 145  ASN A CB  1 
ATOM   1122 C CG  . ASN A 1 145 ? 1.950   -9.695  -9.080  1.00  51.23 ? 145  ASN A CG  1 
ATOM   1123 O OD1 . ASN A 1 145 ? 1.426   -9.223  -10.090 1.00  47.77 ? 145  ASN A OD1 1 
ATOM   1124 N ND2 . ASN A 1 145 ? 2.689   -8.968  -8.251  1.00  51.33 ? 145  ASN A ND2 1 
ATOM   1125 N N   . PRO A 1 146 ? 2.229   -11.727 -12.250 1.00  55.84 ? 146  PRO A N   1 
ATOM   1126 C CA  . PRO A 1 146 ? 3.169   -11.487 -13.342 1.00  54.44 ? 146  PRO A CA  1 
ATOM   1127 C C   . PRO A 1 146 ? 3.457   -9.995  -13.515 1.00  52.76 ? 146  PRO A C   1 
ATOM   1128 O O   . PRO A 1 146 ? 4.481   -9.624  -14.092 1.00  52.15 ? 146  PRO A O   1 
ATOM   1129 C CB  . PRO A 1 146 ? 2.444   -12.093 -14.540 1.00  55.29 ? 146  PRO A CB  1 
ATOM   1130 C CG  . PRO A 1 146 ? 1.009   -11.736 -14.248 1.00  55.69 ? 146  PRO A CG  1 
ATOM   1131 C CD  . PRO A 1 146 ? 0.887   -12.060 -12.768 1.00  55.40 ? 146  PRO A CD  1 
ATOM   1132 N N   . THR A 1 147 ? 2.565   -9.144  -13.001 1.00  50.68 ? 147  THR A N   1 
ATOM   1133 C CA  . THR A 1 147 ? 2.743   -7.693  -13.130 1.00  49.77 ? 147  THR A CA  1 
ATOM   1134 C C   . THR A 1 147 ? 3.972   -7.163  -12.382 1.00  49.04 ? 147  THR A C   1 
ATOM   1135 O O   . THR A 1 147 ? 4.504   -7.812  -11.480 1.00  46.88 ? 147  THR A O   1 
ATOM   1136 C CB  . THR A 1 147 ? 1.480   -6.911  -12.657 1.00  50.66 ? 147  THR A CB  1 
ATOM   1137 O OG1 . THR A 1 147 ? 1.506   -6.739  -11.237 1.00  50.54 ? 147  THR A OG1 1 
ATOM   1138 C CG2 . THR A 1 147 ? 0.212   -7.663  -13.050 1.00  51.26 ? 147  THR A CG2 1 
ATOM   1139 N N   . PRO A 1 148 ? 4.457   -5.980  -12.775 1.00  48.97 ? 148  PRO A N   1 
ATOM   1140 C CA  . PRO A 1 148 ? 5.631   -5.437  -12.085 1.00  49.21 ? 148  PRO A CA  1 
ATOM   1141 C C   . PRO A 1 148 ? 5.241   -4.601  -10.864 1.00  49.03 ? 148  PRO A C   1 
ATOM   1142 O O   . PRO A 1 148 ? 6.040   -3.821  -10.355 1.00  50.91 ? 148  PRO A O   1 
ATOM   1143 C CB  . PRO A 1 148 ? 6.308   -4.609  -13.175 1.00  48.92 ? 148  PRO A CB  1 
ATOM   1144 C CG  . PRO A 1 148 ? 5.141   -4.055  -13.923 1.00  48.93 ? 148  PRO A CG  1 
ATOM   1145 C CD  . PRO A 1 148 ? 4.190   -5.246  -14.026 1.00  48.18 ? 148  PRO A CD  1 
ATOM   1146 N N   . TYR A 1 149 ? 4.010   -4.769  -10.398 1.00  48.28 ? 149  TYR A N   1 
ATOM   1147 C CA  . TYR A 1 149 ? 3.532   -4.019  -9.249  1.00  47.59 ? 149  TYR A CA  1 
ATOM   1148 C C   . TYR A 1 149 ? 3.239   -4.941  -8.066  1.00  45.55 ? 149  TYR A C   1 
ATOM   1149 O O   . TYR A 1 149 ? 3.201   -6.167  -8.215  1.00  44.27 ? 149  TYR A O   1 
ATOM   1150 C CB  . TYR A 1 149 ? 2.256   -3.254  -9.609  1.00  48.11 ? 149  TYR A CB  1 
ATOM   1151 C CG  . TYR A 1 149 ? 2.355   -2.493  -10.902 1.00  53.06 ? 149  TYR A CG  1 
ATOM   1152 C CD1 . TYR A 1 149 ? 2.181   -3.138  -12.128 1.00  56.38 ? 149  TYR A CD1 1 
ATOM   1153 C CD2 . TYR A 1 149 ? 2.653   -1.135  -10.908 1.00  55.64 ? 149  TYR A CD2 1 
ATOM   1154 C CE1 . TYR A 1 149 ? 2.302   -2.445  -13.333 1.00  57.63 ? 149  TYR A CE1 1 
ATOM   1155 C CE2 . TYR A 1 149 ? 2.780   -0.428  -12.104 1.00  58.93 ? 149  TYR A CE2 1 
ATOM   1156 C CZ  . TYR A 1 149 ? 2.605   -1.090  -13.314 1.00  59.04 ? 149  TYR A CZ  1 
ATOM   1157 O OH  . TYR A 1 149 ? 2.739   -0.396  -14.490 1.00  60.83 ? 149  TYR A OH  1 
ATOM   1158 N N   . TYR A 1 150 ? 3.060   -4.336  -6.890  1.00  42.92 ? 150  TYR A N   1 
ATOM   1159 C CA  . TYR A 1 150 ? 2.708   -5.084  -5.691  1.00  39.91 ? 150  TYR A CA  1 
ATOM   1160 C C   . TYR A 1 150 ? 1.199   -5.208  -5.765  1.00  40.49 ? 150  TYR A C   1 
ATOM   1161 O O   . TYR A 1 150 ? 0.505   -4.227  -6.036  1.00  39.96 ? 150  TYR A O   1 
ATOM   1162 C CB  . TYR A 1 150 ? 3.074   -4.336  -4.392  1.00  34.50 ? 150  TYR A CB  1 
ATOM   1163 C CG  . TYR A 1 150 ? 4.538   -4.413  -4.012  1.00  31.18 ? 150  TYR A CG  1 
ATOM   1164 C CD1 . TYR A 1 150 ? 5.448   -3.474  -4.494  1.00  28.57 ? 150  TYR A CD1 1 
ATOM   1165 C CD2 . TYR A 1 150 ? 5.029   -5.458  -3.214  1.00  28.29 ? 150  TYR A CD2 1 
ATOM   1166 C CE1 . TYR A 1 150 ? 6.806   -3.560  -4.206  1.00  26.94 ? 150  TYR A CE1 1 
ATOM   1167 C CE2 . TYR A 1 150 ? 6.395   -5.561  -2.918  1.00  26.38 ? 150  TYR A CE2 1 
ATOM   1168 C CZ  . TYR A 1 150 ? 7.279   -4.603  -3.422  1.00  26.43 ? 150  TYR A CZ  1 
ATOM   1169 O OH  . TYR A 1 150 ? 8.632   -4.672  -3.165  1.00  28.95 ? 150  TYR A OH  1 
ATOM   1170 N N   . VAL A 1 151 ? 0.697   -6.419  -5.553  1.00  40.47 ? 151  VAL A N   1 
ATOM   1171 C CA  . VAL A 1 151 ? -0.734  -6.667  -5.566  1.00  39.69 ? 151  VAL A CA  1 
ATOM   1172 C C   . VAL A 1 151 ? -1.122  -7.222  -4.210  1.00  41.28 ? 151  VAL A C   1 
ATOM   1173 O O   . VAL A 1 151 ? -0.568  -8.234  -3.746  1.00  39.51 ? 151  VAL A O   1 
ATOM   1174 C CB  . VAL A 1 151 ? -1.141  -7.693  -6.644  1.00  41.00 ? 151  VAL A CB  1 
ATOM   1175 C CG1 . VAL A 1 151 ? -2.656  -7.905  -6.610  1.00  38.70 ? 151  VAL A CG1 1 
ATOM   1176 C CG2 . VAL A 1 151 ? -0.692  -7.207  -8.014  1.00  39.81 ? 151  VAL A CG2 1 
ATOM   1177 N N   . THR A 1 152 ? -2.077  -6.546  -3.581  1.00  40.85 ? 152  THR A N   1 
ATOM   1178 C CA  . THR A 1 152 ? -2.558  -6.940  -2.268  1.00  39.56 ? 152  THR A CA  1 
ATOM   1179 C C   . THR A 1 152 ? -3.966  -7.527  -2.393  1.00  39.56 ? 152  THR A C   1 
ATOM   1180 O O   . THR A 1 152 ? -4.889  -6.859  -2.865  1.00  37.94 ? 152  THR A O   1 
ATOM   1181 C CB  . THR A 1 152 ? -2.557  -5.716  -1.308  1.00  42.31 ? 152  THR A CB  1 
ATOM   1182 O OG1 . THR A 1 152 ? -1.247  -5.129  -1.285  1.00  41.79 ? 152  THR A OG1 1 
ATOM   1183 C CG2 . THR A 1 152 ? -2.940  -6.130  0.099   1.00  39.15 ? 152  THR A CG2 1 
ATOM   1184 N N   . VAL A 1 153 ? -4.110  -8.785  -1.971  1.00  39.09 ? 153  VAL A N   1 
ATOM   1185 C CA  . VAL A 1 153 ? -5.392  -9.502  -2.021  1.00  37.29 ? 153  VAL A CA  1 
ATOM   1186 C C   . VAL A 1 153 ? -6.018  -9.575  -0.620  1.00  38.76 ? 153  VAL A C   1 
ATOM   1187 O O   . VAL A 1 153 ? -5.438  -10.188 0.278   1.00  35.95 ? 153  VAL A O   1 
ATOM   1188 C CB  . VAL A 1 153 ? -5.202  -10.955 -2.547  1.00  36.90 ? 153  VAL A CB  1 
ATOM   1189 C CG1 . VAL A 1 153 ? -6.540  -11.678 -2.602  1.00  36.92 ? 153  VAL A CG1 1 
ATOM   1190 C CG2 . VAL A 1 153 ? -4.547  -10.934 -3.904  1.00  34.95 ? 153  VAL A CG2 1 
ATOM   1191 N N   . ILE A 1 154 ? -7.189  -8.951  -0.448  1.00  38.32 ? 154  ILE A N   1 
ATOM   1192 C CA  . ILE A 1 154 ? -7.901  -8.945  0.836   1.00  39.88 ? 154  ILE A CA  1 
ATOM   1193 C C   . ILE A 1 154 ? -9.189  -9.781  0.841   1.00  40.33 ? 154  ILE A C   1 
ATOM   1194 O O   . ILE A 1 154 ? -9.838  -9.934  1.872   1.00  40.97 ? 154  ILE A O   1 
ATOM   1195 C CB  . ILE A 1 154 ? -8.253  -7.489  1.307   1.00  41.66 ? 154  ILE A CB  1 
ATOM   1196 C CG1 . ILE A 1 154 ? -8.704  -6.631  0.125   1.00  43.72 ? 154  ILE A CG1 1 
ATOM   1197 C CG2 . ILE A 1 154 ? -7.061  -6.837  1.962   1.00  43.15 ? 154  ILE A CG2 1 
ATOM   1198 C CD1 . ILE A 1 154 ? -10.108 -6.895  -0.318  1.00  46.14 ? 154  ILE A CD1 1 
ATOM   1199 N N   . GLY A 1 155 ? -9.557  -10.343 -0.301  1.00  41.59 ? 155  GLY A N   1 
ATOM   1200 C CA  . GLY A 1 155 ? -10.770 -11.136 -0.346  1.00  41.46 ? 155  GLY A CA  1 
ATOM   1201 C C   . GLY A 1 155 ? -10.712 -12.276 -1.333  1.00  42.25 ? 155  GLY A C   1 
ATOM   1202 O O   . GLY A 1 155 ? -10.005 -12.224 -2.334  1.00  44.22 ? 155  GLY A O   1 
ATOM   1203 N N   . LEU A 1 156 ? -11.463 -13.325 -1.057  1.00  43.06 ? 156  LEU A N   1 
ATOM   1204 C CA  . LEU A 1 156 ? -11.472 -14.455 -1.953  1.00  42.96 ? 156  LEU A CA  1 
ATOM   1205 C C   . LEU A 1 156 ? -12.594 -15.365 -1.541  1.00  43.60 ? 156  LEU A C   1 
ATOM   1206 O O   . LEU A 1 156 ? -12.501 -16.040 -0.528  1.00  44.97 ? 156  LEU A O   1 
ATOM   1207 C CB  . LEU A 1 156 ? -10.138 -15.186 -1.880  1.00  43.45 ? 156  LEU A CB  1 
ATOM   1208 C CG  . LEU A 1 156 ? -10.004 -16.444 -2.740  1.00  46.03 ? 156  LEU A CG  1 
ATOM   1209 C CD1 . LEU A 1 156 ? -10.449 -16.157 -4.160  1.00  46.77 ? 156  LEU A CD1 1 
ATOM   1210 C CD2 . LEU A 1 156 ? -8.561  -16.924 -2.717  1.00  46.59 ? 156  LEU A CD2 1 
ATOM   1211 N N   . GLY A 1 157 ? -13.666 -15.360 -2.323  1.00  44.84 ? 157  GLY A N   1 
ATOM   1212 C CA  . GLY A 1 157 ? -14.812 -16.195 -2.023  1.00  46.92 ? 157  GLY A CA  1 
ATOM   1213 C C   . GLY A 1 157 ? -15.454 -16.847 -3.239  1.00  49.61 ? 157  GLY A C   1 
ATOM   1214 O O   . GLY A 1 157 ? -15.002 -16.686 -4.370  1.00  49.46 ? 157  GLY A O   1 
ATOM   1215 N N   . GLY A 1 158 ? -16.519 -17.602 -3.000  1.00  52.24 ? 158  GLY A N   1 
ATOM   1216 C CA  . GLY A 1 158 ? -17.217 -18.267 -4.085  1.00  53.48 ? 158  GLY A CA  1 
ATOM   1217 C C   . GLY A 1 158 ? -18.224 -17.357 -4.759  1.00  54.37 ? 158  GLY A C   1 
ATOM   1218 O O   . GLY A 1 158 ? -18.817 -17.729 -5.771  1.00  57.19 ? 158  GLY A O   1 
ATOM   1219 N N   . SER A 1 159 ? -18.407 -16.162 -4.206  1.00  53.76 ? 159  SER A N   1 
ATOM   1220 C CA  . SER A 1 159 ? -19.343 -15.185 -4.749  1.00  53.25 ? 159  SER A CA  1 
ATOM   1221 C C   . SER A 1 159 ? -18.790 -13.794 -4.526  1.00  53.90 ? 159  SER A C   1 
ATOM   1222 O O   . SER A 1 159 ? -17.883 -13.614 -3.722  1.00  54.55 ? 159  SER A O   1 
ATOM   1223 C CB  . SER A 1 159 ? -20.678 -15.296 -4.033  1.00  53.54 ? 159  SER A CB  1 
ATOM   1224 O OG  . SER A 1 159 ? -20.524 -14.998 -2.656  1.00  53.45 ? 159  SER A OG  1 
ATOM   1225 N N   . GLU A 1 160 ? -19.333 -12.808 -5.226  1.00  54.24 ? 160  GLU A N   1 
ATOM   1226 C CA  . GLU A 1 160 ? -18.861 -11.449 -5.051  1.00  55.74 ? 160  GLU A CA  1 
ATOM   1227 C C   . GLU A 1 160 ? -19.080 -10.942 -3.621  1.00  55.55 ? 160  GLU A C   1 
ATOM   1228 O O   . GLU A 1 160 ? -18.170 -10.403 -2.990  1.00  54.88 ? 160  GLU A O   1 
ATOM   1229 C CB  . GLU A 1 160 ? -19.562 -10.519 -6.028  1.00  56.71 ? 160  GLU A CB  1 
ATOM   1230 C CG  . GLU A 1 160 ? -19.254 -9.063  -5.774  1.00  62.27 ? 160  GLU A CG  1 
ATOM   1231 C CD  . GLU A 1 160 ? -19.639 -8.177  -6.937  1.00  65.65 ? 160  GLU A CD  1 
ATOM   1232 O OE1 . GLU A 1 160 ? -19.049 -8.346  -8.034  1.00  67.72 ? 160  GLU A OE1 1 
ATOM   1233 O OE2 . GLU A 1 160 ? -20.532 -7.322  -6.758  1.00  66.86 ? 160  GLU A OE2 1 
ATOM   1234 N N   . LYS A 1 161 ? -20.287 -11.116 -3.107  1.00  55.73 ? 161  LYS A N   1 
ATOM   1235 C CA  . LYS A 1 161 ? -20.579 -10.649 -1.766  1.00  57.22 ? 161  LYS A CA  1 
ATOM   1236 C C   . LYS A 1 161 ? -19.684 -11.336 -0.735  1.00  57.14 ? 161  LYS A C   1 
ATOM   1237 O O   . LYS A 1 161 ? -19.413 -10.784 0.333   1.00  55.48 ? 161  LYS A O   1 
ATOM   1238 C CB  . LYS A 1 161 ? -22.044 -10.908 -1.427  1.00  58.25 ? 161  LYS A CB  1 
ATOM   1239 C CG  . LYS A 1 161 ? -22.513 -10.159 -0.194  1.00  62.53 ? 161  LYS A CG  1 
ATOM   1240 C CD  . LYS A 1 161 ? -23.320 -11.064 0.738   1.00  66.24 ? 161  LYS A CD  1 
ATOM   1241 C CE  . LYS A 1 161 ? -24.603 -11.584 0.089   1.00  67.16 ? 161  LYS A CE  1 
ATOM   1242 N NZ  . LYS A 1 161 ? -25.336 -12.521 0.991   1.00  67.37 ? 161  LYS A NZ  1 
ATOM   1243 N N   . GLN A 1 162 ? -19.229 -12.544 -1.057  1.00  56.56 ? 162  GLN A N   1 
ATOM   1244 C CA  . GLN A 1 162 ? -18.377 -13.288 -0.141  1.00  56.08 ? 162  GLN A CA  1 
ATOM   1245 C C   . GLN A 1 162 ? -16.943 -12.788 -0.208  1.00  55.11 ? 162  GLN A C   1 
ATOM   1246 O O   . GLN A 1 162 ? -16.245 -12.754 0.799   1.00  54.61 ? 162  GLN A O   1 
ATOM   1247 C CB  . GLN A 1 162 ? -18.419 -14.792 -0.439  1.00  54.65 ? 162  GLN A CB  1 
ATOM   1248 C CG  . GLN A 1 162 ? -17.654 -15.609 0.598   1.00  54.10 ? 162  GLN A CG  1 
ATOM   1249 C CD  . GLN A 1 162 ? -17.890 -17.100 0.502   1.00  54.77 ? 162  GLN A CD  1 
ATOM   1250 O OE1 . GLN A 1 162 ? -17.616 -17.723 -0.517  1.00  54.48 ? 162  GLN A OE1 1 
ATOM   1251 N NE2 . GLN A 1 162 ? -18.392 -17.683 1.580   1.00  56.22 ? 162  GLN A NE2 1 
ATOM   1252 N N   . ALA A 1 163 ? -16.502 -12.399 -1.395  1.00  56.15 ? 163  ALA A N   1 
ATOM   1253 C CA  . ALA A 1 163 ? -15.156 -11.884 -1.551  1.00  56.82 ? 163  ALA A CA  1 
ATOM   1254 C C   . ALA A 1 163 ? -15.053 -10.537 -0.837  1.00  57.47 ? 163  ALA A C   1 
ATOM   1255 O O   . ALA A 1 163 ? -13.972 -9.990  -0.694  1.00  58.45 ? 163  ALA A O   1 
ATOM   1256 C CB  . ALA A 1 163 ? -14.821 -11.732 -3.027  1.00  56.77 ? 163  ALA A CB  1 
ATOM   1257 N N   . GLU A 1 164 ? -16.179 -10.000 -0.389  1.00  59.36 ? 164  GLU A N   1 
ATOM   1258 C CA  . GLU A 1 164 ? -16.163 -8.724  0.313   1.00  62.58 ? 164  GLU A CA  1 
ATOM   1259 C C   . GLU A 1 164 ? -16.442 -8.914  1.797   1.00  63.86 ? 164  GLU A C   1 
ATOM   1260 O O   . GLU A 1 164 ? -15.672 -8.471  2.639   1.00  64.10 ? 164  GLU A O   1 
ATOM   1261 C CB  . GLU A 1 164 ? -17.209 -7.787  -0.267  1.00  64.85 ? 164  GLU A CB  1 
ATOM   1262 C CG  . GLU A 1 164 ? -17.030 -7.507  -1.731  1.00  69.27 ? 164  GLU A CG  1 
ATOM   1263 C CD  . GLU A 1 164 ? -18.195 -6.728  -2.310  1.00  72.49 ? 164  GLU A CD  1 
ATOM   1264 O OE1 . GLU A 1 164 ? -18.112 -6.326  -3.494  1.00  73.19 ? 164  GLU A OE1 1 
ATOM   1265 O OE2 . GLU A 1 164 ? -19.193 -6.523  -1.580  1.00  74.09 ? 164  GLU A OE2 1 
ATOM   1266 N N   . GLU A 1 165 ? -17.552 -9.576  2.107   1.00  66.64 ? 165  GLU A N   1 
ATOM   1267 C CA  . GLU A 1 165 ? -17.960 -9.823  3.485   1.00  69.30 ? 165  GLU A CA  1 
ATOM   1268 C C   . GLU A 1 165 ? -17.191 -10.955 4.144   1.00  69.56 ? 165  GLU A C   1 
ATOM   1269 O O   . GLU A 1 165 ? -16.999 -10.950 5.359   1.00  70.27 ? 165  GLU A O   1 
ATOM   1270 C CB  . GLU A 1 165 ? -19.456 -10.140 3.536   1.00  72.20 ? 165  GLU A CB  1 
ATOM   1271 C CG  . GLU A 1 165 ? -20.369 -8.923  3.527   1.00  75.53 ? 165  GLU A CG  1 
ATOM   1272 C CD  . GLU A 1 165 ? -21.844 -9.297  3.557   1.00  78.20 ? 165  GLU A CD  1 
ATOM   1273 O OE1 . GLU A 1 165 ? -22.207 -10.232 4.310   1.00  78.58 ? 165  GLU A OE1 1 
ATOM   1274 O OE2 . GLU A 1 165 ? -22.639 -8.653  2.835   1.00  79.62 ? 165  GLU A OE2 1 
ATOM   1275 N N   . GLY A 1 166 ? -16.760 -11.925 3.341   1.00  69.77 ? 166  GLY A N   1 
ATOM   1276 C CA  . GLY A 1 166 ? -16.023 -13.066 3.865   1.00  68.67 ? 166  GLY A CA  1 
ATOM   1277 C C   . GLY A 1 166 ? -14.653 -12.727 4.424   1.00  68.53 ? 166  GLY A C   1 
ATOM   1278 O O   . GLY A 1 166 ? -13.989 -11.787 3.971   1.00  68.92 ? 166  GLY A O   1 
ATOM   1279 N N   . GLU A 1 167 ? -14.231 -13.500 5.418   1.00  66.65 ? 167  GLU A N   1 
ATOM   1280 C CA  . GLU A 1 167 ? -12.941 -13.307 6.067   1.00  64.37 ? 167  GLU A CA  1 
ATOM   1281 C C   . GLU A 1 167 ? -11.838 -13.998 5.280   1.00  61.73 ? 167  GLU A C   1 
ATOM   1282 O O   . GLU A 1 167 ? -11.985 -15.137 4.845   1.00  61.48 ? 167  GLU A O   1 
ATOM   1283 C CB  . GLU A 1 167 ? -13.011 -13.847 7.496   1.00  66.40 ? 167  GLU A CB  1 
ATOM   1284 C CG  . GLU A 1 167 ? -13.822 -15.118 7.613   1.00  69.08 ? 167  GLU A CG  1 
ATOM   1285 C CD  . GLU A 1 167 ? -14.448 -15.289 8.984   1.00  71.14 ? 167  GLU A CD  1 
ATOM   1286 O OE1 . GLU A 1 167 ? -13.793 -15.865 9.881   1.00  72.90 ? 167  GLU A OE1 1 
ATOM   1287 O OE2 . GLU A 1 167 ? -15.598 -14.836 9.164   1.00  72.28 ? 167  GLU A OE2 1 
ATOM   1288 N N   . PHE A 1 168 ? -10.728 -13.299 5.097   1.00  58.97 ? 168  PHE A N   1 
ATOM   1289 C CA  . PHE A 1 168 ? -9.610  -13.832 4.328   1.00  55.23 ? 168  PHE A CA  1 
ATOM   1290 C C   . PHE A 1 168 ? -8.287  -13.331 4.910   1.00  54.53 ? 168  PHE A C   1 
ATOM   1291 O O   . PHE A 1 168 ? -8.196  -12.203 5.414   1.00  52.30 ? 168  PHE A O   1 
ATOM   1292 C CB  . PHE A 1 168 ? -9.769  -13.387 2.862   1.00  52.04 ? 168  PHE A CB  1 
ATOM   1293 C CG  . PHE A 1 168 ? -8.630  -13.781 1.970   1.00  49.00 ? 168  PHE A CG  1 
ATOM   1294 C CD1 . PHE A 1 168 ? -8.393  -15.115 1.663   1.00  48.82 ? 168  PHE A CD1 1 
ATOM   1295 C CD2 . PHE A 1 168 ? -7.771  -12.816 1.462   1.00  47.16 ? 168  PHE A CD2 1 
ATOM   1296 C CE1 . PHE A 1 168 ? -7.309  -15.484 0.868   1.00  47.03 ? 168  PHE A CE1 1 
ATOM   1297 C CE2 . PHE A 1 168 ? -6.692  -13.165 0.671   1.00  47.24 ? 168  PHE A CE2 1 
ATOM   1298 C CZ  . PHE A 1 168 ? -6.456  -14.506 0.372   1.00  49.14 ? 168  PHE A CZ  1 
ATOM   1299 N N   . GLU A 1 169 ? -7.262  -14.170 4.852   1.00  54.50 ? 169  GLU A N   1 
ATOM   1300 C CA  . GLU A 1 169 ? -5.959  -13.767 5.361   1.00  56.78 ? 169  GLU A CA  1 
ATOM   1301 C C   . GLU A 1 169 ? -5.244  -12.962 4.292   1.00  55.12 ? 169  GLU A C   1 
ATOM   1302 O O   . GLU A 1 169 ? -4.656  -13.520 3.372   1.00  56.17 ? 169  GLU A O   1 
ATOM   1303 C CB  . GLU A 1 169 ? -5.133  -14.988 5.740   1.00  60.27 ? 169  GLU A CB  1 
ATOM   1304 C CG  . GLU A 1 169 ? -3.697  -14.667 6.077   1.00  67.83 ? 169  GLU A CG  1 
ATOM   1305 C CD  . GLU A 1 169 ? -2.998  -15.819 6.768   1.00  72.16 ? 169  GLU A CD  1 
ATOM   1306 O OE1 . GLU A 1 169 ? -1.767  -15.726 6.985   1.00  73.79 ? 169  GLU A OE1 1 
ATOM   1307 O OE2 . GLU A 1 169 ? -3.687  -16.814 7.099   1.00  75.12 ? 169  GLU A OE2 1 
ATOM   1308 N N   . THR A 1 170 ? -5.314  -11.645 4.413   1.00  54.23 ? 170  THR A N   1 
ATOM   1309 C CA  . THR A 1 170 ? -4.687  -10.753 3.450   1.00  52.42 ? 170  THR A CA  1 
ATOM   1310 C C   . THR A 1 170 ? -3.265  -11.144 3.108   1.00  50.75 ? 170  THR A C   1 
ATOM   1311 O O   . THR A 1 170 ? -2.497  -11.537 3.981   1.00  50.98 ? 170  THR A O   1 
ATOM   1312 C CB  . THR A 1 170 ? -4.663  -9.313  3.964   1.00  52.91 ? 170  THR A CB  1 
ATOM   1313 O OG1 . THR A 1 170 ? -6.006  -8.858  4.165   1.00  58.21 ? 170  THR A OG1 1 
ATOM   1314 C CG2 . THR A 1 170 ? -3.962  -8.406  2.966   1.00  50.61 ? 170  THR A CG2 1 
ATOM   1315 N N   . VAL A 1 171 ? -2.919  -11.011 1.832   1.00  48.38 ? 171  VAL A N   1 
ATOM   1316 C CA  . VAL A 1 171 ? -1.581  -11.333 1.352   1.00  45.43 ? 171  VAL A CA  1 
ATOM   1317 C C   . VAL A 1 171 ? -1.124  -10.333 0.288   1.00  43.45 ? 171  VAL A C   1 
ATOM   1318 O O   . VAL A 1 171 ? -1.914  -9.890  -0.554  1.00  43.83 ? 171  VAL A O   1 
ATOM   1319 C CB  . VAL A 1 171 ? -1.537  -12.774 0.767   1.00  46.66 ? 171  VAL A CB  1 
ATOM   1320 C CG1 . VAL A 1 171 ? -2.550  -12.915 -0.365  1.00  47.13 ? 171  VAL A CG1 1 
ATOM   1321 C CG2 . VAL A 1 171 ? -0.140  -13.095 0.271   1.00  46.75 ? 171  VAL A CG2 1 
ATOM   1322 N N   . MET A 1 172 ? 0.147   -9.958  0.336   1.00  40.31 ? 172  MET A N   1 
ATOM   1323 C CA  . MET A 1 172 ? 0.669   -9.025  -0.648  1.00  40.34 ? 172  MET A CA  1 
ATOM   1324 C C   . MET A 1 172 ? 1.724   -9.689  -1.515  1.00  39.74 ? 172  MET A C   1 
ATOM   1325 O O   . MET A 1 172 ? 2.803   -10.028 -1.044  1.00  39.66 ? 172  MET A O   1 
ATOM   1326 C CB  . MET A 1 172 ? 1.274   -7.799  0.026   1.00  39.03 ? 172  MET A CB  1 
ATOM   1327 C CG  . MET A 1 172 ? 1.873   -6.822  -0.957  1.00  40.57 ? 172  MET A CG  1 
ATOM   1328 S SD  . MET A 1 172 ? 2.532   -5.411  -0.076  1.00  46.30 ? 172  MET A SD  1 
ATOM   1329 C CE  . MET A 1 172 ? 4.122   -6.069  0.448   1.00  42.28 ? 172  MET A CE  1 
ATOM   1330 N N   . LEU A 1 173 ? 1.404   -9.854  -2.792  1.00  40.58 ? 173  LEU A N   1 
ATOM   1331 C CA  . LEU A 1 173 ? 2.317   -10.486 -3.731  1.00  39.98 ? 173  LEU A CA  1 
ATOM   1332 C C   . LEU A 1 173 ? 3.292   -9.465  -4.305  1.00  39.95 ? 173  LEU A C   1 
ATOM   1333 O O   . LEU A 1 173 ? 2.892   -8.401  -4.796  1.00  38.92 ? 173  LEU A O   1 
ATOM   1334 C CB  . LEU A 1 173 ? 1.512   -11.142 -4.848  1.00  40.55 ? 173  LEU A CB  1 
ATOM   1335 C CG  . LEU A 1 173 ? 0.293   -11.957 -4.395  1.00  40.97 ? 173  LEU A CG  1 
ATOM   1336 C CD1 . LEU A 1 173 ? -0.556  -12.271 -5.596  1.00  43.27 ? 173  LEU A CD1 1 
ATOM   1337 C CD2 . LEU A 1 173 ? 0.713   -13.232 -3.696  1.00  40.92 ? 173  LEU A CD2 1 
ATOM   1338 N N   . SER A 1 174 ? 4.578   -9.782  -4.236  1.00  39.68 ? 174  SER A N   1 
ATOM   1339 C CA  . SER A 1 174 ? 5.581   -8.875  -4.775  1.00  41.35 ? 174  SER A CA  1 
ATOM   1340 C C   . SER A 1 174 ? 5.502   -8.909  -6.283  1.00  42.48 ? 174  SER A C   1 
ATOM   1341 O O   . SER A 1 174 ? 4.875   -9.795  -6.863  1.00  42.78 ? 174  SER A O   1 
ATOM   1342 C CB  . SER A 1 174 ? 6.992   -9.308  -4.382  1.00  40.44 ? 174  SER A CB  1 
ATOM   1343 O OG  . SER A 1 174 ? 7.098   -9.567  -3.004  1.00  42.56 ? 174  SER A OG  1 
ATOM   1344 N N   . PRO A 1 175 ? 6.137   -7.938  -6.944  1.00  44.38 ? 175  PRO A N   1 
ATOM   1345 C CA  . PRO A 1 175 ? 6.123   -7.912  -8.411  1.00  45.05 ? 175  PRO A CA  1 
ATOM   1346 C C   . PRO A 1 175 ? 6.719   -9.230  -8.938  1.00  45.46 ? 175  PRO A C   1 
ATOM   1347 O O   . PRO A 1 175 ? 7.640   -9.795  -8.328  1.00  44.65 ? 175  PRO A O   1 
ATOM   1348 C CB  . PRO A 1 175 ? 6.996   -6.708  -8.736  1.00  44.40 ? 175  PRO A CB  1 
ATOM   1349 C CG  . PRO A 1 175 ? 6.670   -5.767  -7.603  1.00  46.43 ? 175  PRO A CG  1 
ATOM   1350 C CD  . PRO A 1 175 ? 6.672   -6.681  -6.392  1.00  44.12 ? 175  PRO A CD  1 
ATOM   1351 N N   . ARG A 1 176 ? 6.183   -9.709  -10.062 1.00  46.02 ? 176  ARG A N   1 
ATOM   1352 C CA  . ARG A 1 176 ? 6.624   -10.954 -10.700 1.00  46.65 ? 176  ARG A CA  1 
ATOM   1353 C C   . ARG A 1 176 ? 6.929   -12.037 -9.684  1.00  45.79 ? 176  ARG A C   1 
ATOM   1354 O O   . ARG A 1 176 ? 8.057   -12.530 -9.595  1.00  45.12 ? 176  ARG A O   1 
ATOM   1355 C CB  . ARG A 1 176 ? 7.858   -10.712 -11.587 1.00  46.45 ? 176  ARG A CB  1 
ATOM   1356 C CG  . ARG A 1 176 ? 7.565   -9.815  -12.787 1.00  49.96 ? 176  ARG A CG  1 
ATOM   1357 C CD  . ARG A 1 176 ? 8.754   -9.694  -13.709 1.00  51.30 ? 176  ARG A CD  1 
ATOM   1358 N NE  . ARG A 1 176 ? 9.860   -8.940  -13.122 1.00  54.89 ? 176  ARG A NE  1 
ATOM   1359 C CZ  . ARG A 1 176 ? 9.948   -7.612  -13.102 1.00  55.82 ? 176  ARG A CZ  1 
ATOM   1360 N NH1 . ARG A 1 176 ? 8.985   -6.873  -13.643 1.00  53.81 ? 176  ARG A NH1 1 
ATOM   1361 N NH2 . ARG A 1 176 ? 11.008  -7.027  -12.540 1.00  56.39 ? 176  ARG A NH2 1 
ATOM   1362 N N   . SER A 1 177 ? 5.903   -12.422 -8.942  1.00  44.93 ? 177  SER A N   1 
ATOM   1363 C CA  . SER A 1 177 ? 6.055   -13.435 -7.911  1.00  46.81 ? 177  SER A CA  1 
ATOM   1364 C C   . SER A 1 177 ? 4.785   -14.244 -7.746  1.00  48.38 ? 177  SER A C   1 
ATOM   1365 O O   . SER A 1 177 ? 3.758   -13.962 -8.368  1.00  47.76 ? 177  SER A O   1 
ATOM   1366 C CB  . SER A 1 177 ? 6.363   -12.769 -6.569  1.00  47.85 ? 177  SER A CB  1 
ATOM   1367 O OG  . SER A 1 177 ? 5.223   -12.078 -6.084  1.00  43.00 ? 177  SER A OG  1 
ATOM   1368 N N   . GLU A 1 178 ? 4.859   -15.239 -6.872  1.00  49.98 ? 178  GLU A N   1 
ATOM   1369 C CA  . GLU A 1 178 ? 3.710   -16.072 -6.590  1.00  52.64 ? 178  GLU A CA  1 
ATOM   1370 C C   . GLU A 1 178 ? 3.679   -16.486 -5.125  1.00  50.82 ? 178  GLU A C   1 
ATOM   1371 O O   . GLU A 1 178 ? 4.721   -16.551 -4.471  1.00  48.96 ? 178  GLU A O   1 
ATOM   1372 C CB  . GLU A 1 178 ? 3.731   -17.323 -7.472  1.00  56.11 ? 178  GLU A CB  1 
ATOM   1373 C CG  . GLU A 1 178 ? 4.942   -18.213 -7.272  1.00  63.28 ? 178  GLU A CG  1 
ATOM   1374 C CD  . GLU A 1 178 ? 4.732   -19.628 -7.814  1.00  67.96 ? 178  GLU A CD  1 
ATOM   1375 O OE1 . GLU A 1 178 ? 4.235   -19.768 -8.960  1.00  69.48 ? 178  GLU A OE1 1 
ATOM   1376 O OE2 . GLU A 1 178 ? 5.070   -20.597 -7.090  1.00  69.13 ? 178  GLU A OE2 1 
ATOM   1377 N N   . GLN A 1 179 ? 2.474   -16.739 -4.615  1.00  49.39 ? 179  GLN A N   1 
ATOM   1378 C CA  . GLN A 1 179 ? 2.299   -17.197 -3.245  1.00  48.70 ? 179  GLN A CA  1 
ATOM   1379 C C   . GLN A 1 179 ? 1.114   -18.130 -3.119  1.00  47.87 ? 179  GLN A C   1 
ATOM   1380 O O   . GLN A 1 179 ? 0.171   -18.055 -3.897  1.00  47.53 ? 179  GLN A O   1 
ATOM   1381 C CB  . GLN A 1 179 ? 2.108   -16.038 -2.296  1.00  51.33 ? 179  GLN A CB  1 
ATOM   1382 C CG  . GLN A 1 179 ? 3.204   -15.031 -2.368  1.00  54.92 ? 179  GLN A CG  1 
ATOM   1383 C CD  . GLN A 1 179 ? 3.290   -14.253 -1.101  1.00  55.73 ? 179  GLN A CD  1 
ATOM   1384 O OE1 . GLN A 1 179 ? 3.812   -13.135 -1.079  1.00  56.97 ? 179  GLN A OE1 1 
ATOM   1385 N NE2 . GLN A 1 179 ? 2.788   -14.839 -0.017  1.00  55.03 ? 179  GLN A NE2 1 
ATOM   1386 N N   . THR A 1 180 ? 1.173   -19.005 -2.122  1.00  47.95 ? 180  THR A N   1 
ATOM   1387 C CA  . THR A 1 180 ? 0.127   -19.982 -1.861  1.00  47.59 ? 180  THR A CA  1 
ATOM   1388 C C   . THR A 1 180 ? -0.685  -19.593 -0.634  1.00  47.22 ? 180  THR A C   1 
ATOM   1389 O O   . THR A 1 180 ? -0.146  -19.485 0.463   1.00  46.87 ? 180  THR A O   1 
ATOM   1390 C CB  . THR A 1 180 ? 0.727   -21.376 -1.611  1.00  49.29 ? 180  THR A CB  1 
ATOM   1391 O OG1 . THR A 1 180 ? 1.377   -21.834 -2.803  1.00  52.67 ? 180  THR A OG1 1 
ATOM   1392 C CG2 . THR A 1 180 ? -0.359  -22.371 -1.203  1.00  50.68 ? 180  THR A CG2 1 
ATOM   1393 N N   . VAL A 1 181 ? -1.986  -19.415 -0.830  1.00  46.22 ? 181  VAL A N   1 
ATOM   1394 C CA  . VAL A 1 181 ? -2.897  -19.026 0.233   1.00  44.04 ? 181  VAL A CA  1 
ATOM   1395 C C   . VAL A 1 181 ? -3.865  -20.157 0.570   1.00  45.86 ? 181  VAL A C   1 
ATOM   1396 O O   . VAL A 1 181 ? -3.996  -21.116 -0.188  1.00  46.28 ? 181  VAL A O   1 
ATOM   1397 C CB  . VAL A 1 181 ? -3.693  -17.790 -0.200  1.00  42.37 ? 181  VAL A CB  1 
ATOM   1398 C CG1 . VAL A 1 181 ? -2.733  -16.733 -0.693  1.00  40.33 ? 181  VAL A CG1 1 
ATOM   1399 C CG2 . VAL A 1 181 ? -4.685  -18.160 -1.297  1.00  39.54 ? 181  VAL A CG2 1 
ATOM   1400 N N   . LYS A 1 182 ? -4.532  -20.052 1.715   1.00  46.29 ? 182  LYS A N   1 
ATOM   1401 C CA  . LYS A 1 182 ? -5.489  -21.074 2.121   1.00  47.10 ? 182  LYS A CA  1 
ATOM   1402 C C   . LYS A 1 182 ? -6.893  -20.626 1.769   1.00  45.47 ? 182  LYS A C   1 
ATOM   1403 O O   . LYS A 1 182 ? -7.267  -19.483 2.012   1.00  43.79 ? 182  LYS A O   1 
ATOM   1404 C CB  . LYS A 1 182 ? -5.405  -21.348 3.623   1.00  49.59 ? 182  LYS A CB  1 
ATOM   1405 C CG  . LYS A 1 182 ? -4.324  -22.329 4.022   1.00  54.87 ? 182  LYS A CG  1 
ATOM   1406 C CD  . LYS A 1 182 ? -4.887  -23.409 4.949   1.00  60.07 ? 182  LYS A CD  1 
ATOM   1407 C CE  . LYS A 1 182 ? -5.401  -22.814 6.262   1.00  63.31 ? 182  LYS A CE  1 
ATOM   1408 N NZ  . LYS A 1 182 ? -6.148  -23.797 7.119   1.00  64.93 ? 182  LYS A NZ  1 
ATOM   1409 N N   . SER A 1 183 ? -7.666  -21.544 1.202   1.00  45.42 ? 183  SER A N   1 
ATOM   1410 C CA  . SER A 1 183 ? -9.031  -21.255 0.787   1.00  42.62 ? 183  SER A CA  1 
ATOM   1411 C C   . SER A 1 183 ? -9.784  -22.536 0.451   1.00  41.85 ? 183  SER A C   1 
ATOM   1412 O O   . SER A 1 183 ? -9.185  -23.594 0.270   1.00  39.37 ? 183  SER A O   1 
ATOM   1413 C CB  . SER A 1 183 ? -9.003  -20.352 -0.444  1.00  42.26 ? 183  SER A CB  1 
ATOM   1414 O OG  . SER A 1 183 ? -10.308 -20.082 -0.925  1.00  44.91 ? 183  SER A OG  1 
ATOM   1415 N N   . ALA A 1 184 ? -11.107 -22.439 0.400   1.00  42.19 ? 184  ALA A N   1 
ATOM   1416 C CA  . ALA A 1 184 ? -11.934 -23.583 0.033   1.00  42.57 ? 184  ALA A CA  1 
ATOM   1417 C C   . ALA A 1 184 ? -11.945 -23.574 -1.501  1.00  42.42 ? 184  ALA A C   1 
ATOM   1418 O O   . ALA A 1 184 ? -11.658 -22.538 -2.111  1.00  39.65 ? 184  ALA A O   1 
ATOM   1419 C CB  . ALA A 1 184 ? -13.348 -23.407 0.576   1.00  41.67 ? 184  ALA A CB  1 
ATOM   1420 N N   . ASN A 1 185 ? -12.259 -24.714 -2.112  1.00  41.64 ? 185  ASN A N   1 
ATOM   1421 C CA  . ASN A 1 185 ? -12.300 -24.820 -3.571  1.00  44.64 ? 185  ASN A CA  1 
ATOM   1422 C C   . ASN A 1 185 ? -13.614 -24.257 -4.110  1.00  43.45 ? 185  ASN A C   1 
ATOM   1423 O O   . ASN A 1 185 ? -14.671 -24.852 -3.954  1.00  43.06 ? 185  ASN A O   1 
ATOM   1424 C CB  . ASN A 1 185 ? -12.124 -26.288 -3.987  1.00  48.26 ? 185  ASN A CB  1 
ATOM   1425 C CG  . ASN A 1 185 ? -12.170 -26.485 -5.486  1.00  52.10 ? 185  ASN A CG  1 
ATOM   1426 O OD1 . ASN A 1 185 ? -11.575 -25.716 -6.248  1.00  54.61 ? 185  ASN A OD1 1 
ATOM   1427 N ND2 . ASN A 1 185 ? -12.866 -27.531 -5.921  1.00  54.51 ? 185  ASN A ND2 1 
ATOM   1428 N N   . TYR A 1 186 ? -13.538 -23.104 -4.756  1.00  44.84 ? 186  TYR A N   1 
ATOM   1429 C CA  . TYR A 1 186 ? -14.730 -22.449 -5.268  1.00  47.80 ? 186  TYR A CA  1 
ATOM   1430 C C   . TYR A 1 186 ? -14.984 -22.617 -6.757  1.00  49.19 ? 186  TYR A C   1 
ATOM   1431 O O   . TYR A 1 186 ? -14.083 -22.448 -7.583  1.00  49.79 ? 186  TYR A O   1 
ATOM   1432 C CB  . TYR A 1 186 ? -14.667 -20.961 -4.929  1.00  48.41 ? 186  TYR A CB  1 
ATOM   1433 C CG  . TYR A 1 186 ? -14.741 -20.687 -3.447  1.00  51.31 ? 186  TYR A CG  1 
ATOM   1434 C CD1 . TYR A 1 186 ? -13.787 -19.888 -2.815  1.00  51.67 ? 186  TYR A CD1 1 
ATOM   1435 C CD2 . TYR A 1 186 ? -15.780 -21.203 -2.677  1.00  51.73 ? 186  TYR A CD2 1 
ATOM   1436 C CE1 . TYR A 1 186 ? -13.867 -19.606 -1.454  1.00  50.52 ? 186  TYR A CE1 1 
ATOM   1437 C CE2 . TYR A 1 186 ? -15.868 -20.927 -1.313  1.00  52.79 ? 186  TYR A CE2 1 
ATOM   1438 C CZ  . TYR A 1 186 ? -14.911 -20.127 -0.709  1.00  50.78 ? 186  TYR A CZ  1 
ATOM   1439 O OH  . TYR A 1 186 ? -15.013 -19.843 0.629   1.00  49.26 ? 186  TYR A OH  1 
ATOM   1440 N N   . ASN A 1 187 ? -16.228 -22.934 -7.093  1.00  48.46 ? 187  ASN A N   1 
ATOM   1441 C CA  . ASN A 1 187 ? -16.623 -23.112 -8.480  1.00  48.78 ? 187  ASN A CA  1 
ATOM   1442 C C   . ASN A 1 187 ? -16.189 -21.919 -9.342  1.00  48.05 ? 187  ASN A C   1 
ATOM   1443 O O   . ASN A 1 187 ? -15.465 -22.072 -10.323 1.00  47.69 ? 187  ASN A O   1 
ATOM   1444 C CB  . ASN A 1 187 ? -18.139 -23.260 -8.552  1.00  49.41 ? 187  ASN A CB  1 
ATOM   1445 C CG  . ASN A 1 187 ? -18.610 -23.729 -9.897  1.00  47.03 ? 187  ASN A CG  1 
ATOM   1446 O OD1 . ASN A 1 187 ? -19.754 -23.497 -10.267 1.00  47.64 ? 187  ASN A OD1 1 
ATOM   1447 N ND2 . ASN A 1 187 ? -17.736 -24.403 -10.635 1.00  45.10 ? 187  ASN A ND2 1 
ATOM   1448 N N   . THR A 1 188 ? -16.666 -20.736 -8.969  1.00  47.41 ? 188  THR A N   1 
ATOM   1449 C CA  . THR A 1 188 ? -16.334 -19.500 -9.663  1.00  46.93 ? 188  THR A CA  1 
ATOM   1450 C C   . THR A 1 188 ? -15.744 -18.507 -8.653  1.00  48.22 ? 188  THR A C   1 
ATOM   1451 O O   . THR A 1 188 ? -16.456 -17.684 -8.066  1.00  46.29 ? 188  THR A O   1 
ATOM   1452 C CB  . THR A 1 188 ? -17.588 -18.886 -10.372 1.00  48.80 ? 188  THR A CB  1 
ATOM   1453 O OG1 . THR A 1 188 ? -18.616 -18.586 -9.413  1.00  45.41 ? 188  THR A OG1 1 
ATOM   1454 C CG2 . THR A 1 188 ? -18.121 -19.854 -11.410 1.00  45.61 ? 188  THR A CG2 1 
ATOM   1455 N N   . PRO A 1 189 ? -14.417 -18.581 -8.442  1.00  49.45 ? 189  PRO A N   1 
ATOM   1456 C CA  . PRO A 1 189 ? -13.665 -17.725 -7.509  1.00  48.77 ? 189  PRO A CA  1 
ATOM   1457 C C   . PRO A 1 189 ? -13.799 -16.210 -7.722  1.00  49.49 ? 189  PRO A C   1 
ATOM   1458 O O   . PRO A 1 189 ? -13.753 -15.714 -8.849  1.00  48.50 ? 189  PRO A O   1 
ATOM   1459 C CB  . PRO A 1 189 ? -12.220 -18.195 -7.697  1.00  48.03 ? 189  PRO A CB  1 
ATOM   1460 C CG  . PRO A 1 189 ? -12.367 -19.625 -8.107  1.00  48.66 ? 189  PRO A CG  1 
ATOM   1461 C CD  . PRO A 1 189 ? -13.522 -19.569 -9.077  1.00  49.01 ? 189  PRO A CD  1 
ATOM   1462 N N   . TYR A 1 190 ? -13.963 -15.485 -6.622  1.00  49.89 ? 190  TYR A N   1 
ATOM   1463 C CA  . TYR A 1 190 ? -14.070 -14.033 -6.653  1.00  50.51 ? 190  TYR A CA  1 
ATOM   1464 C C   . TYR A 1 190 ? -12.947 -13.426 -5.813  1.00  48.64 ? 190  TYR A C   1 
ATOM   1465 O O   . TYR A 1 190 ? -12.860 -13.623 -4.596  1.00  46.14 ? 190  TYR A O   1 
ATOM   1466 C CB  . TYR A 1 190 ? -15.427 -13.579 -6.134  1.00  53.96 ? 190  TYR A CB  1 
ATOM   1467 C CG  . TYR A 1 190 ? -16.525 -13.655 -7.163  1.00  59.02 ? 190  TYR A CG  1 
ATOM   1468 C CD1 . TYR A 1 190 ? -17.224 -14.840 -7.389  1.00  59.46 ? 190  TYR A CD1 1 
ATOM   1469 C CD2 . TYR A 1 190 ? -16.872 -12.529 -7.913  1.00  61.51 ? 190  TYR A CD2 1 
ATOM   1470 C CE1 . TYR A 1 190 ? -18.249 -14.901 -8.331  1.00  62.45 ? 190  TYR A CE1 1 
ATOM   1471 C CE2 . TYR A 1 190 ? -17.891 -12.575 -8.860  1.00  62.88 ? 190  TYR A CE2 1 
ATOM   1472 C CZ  . TYR A 1 190 ? -18.579 -13.761 -9.064  1.00  63.63 ? 190  TYR A CZ  1 
ATOM   1473 O OH  . TYR A 1 190 ? -19.605 -13.795 -9.984  1.00  64.03 ? 190  TYR A OH  1 
ATOM   1474 N N   . LEU A 1 191 ? -12.086 -12.684 -6.489  1.00  47.60 ? 191  LEU A N   1 
ATOM   1475 C CA  . LEU A 1 191 ? -10.933 -12.077 -5.856  1.00  46.76 ? 191  LEU A CA  1 
ATOM   1476 C C   . LEU A 1 191 ? -11.192 -10.613 -5.557  1.00  46.24 ? 191  LEU A C   1 
ATOM   1477 O O   . LEU A 1 191 ? -11.888 -9.923  -6.292  1.00  43.99 ? 191  LEU A O   1 
ATOM   1478 C CB  . LEU A 1 191 ? -9.715  -12.227 -6.778  1.00  47.03 ? 191  LEU A CB  1 
ATOM   1479 C CG  . LEU A 1 191 ? -8.276  -12.226 -6.262  1.00  45.63 ? 191  LEU A CG  1 
ATOM   1480 C CD1 . LEU A 1 191 ? -7.935  -10.862 -5.702  1.00  46.68 ? 191  LEU A CD1 1 
ATOM   1481 C CD2 . LEU A 1 191 ? -8.107  -13.307 -5.223  1.00  46.79 ? 191  LEU A CD2 1 
ATOM   1482 N N   . SER A 1 192 ? -10.629 -10.149 -4.455  1.00  46.98 ? 192  SER A N   1 
ATOM   1483 C CA  . SER A 1 192 ? -10.786 -8.767  -4.055  1.00  45.31 ? 192  SER A CA  1 
ATOM   1484 C C   . SER A 1 192 ? -9.412  -8.229  -3.675  1.00  44.98 ? 192  SER A C   1 
ATOM   1485 O O   . SER A 1 192 ? -8.691  -8.838  -2.884  1.00  43.41 ? 192  SER A O   1 
ATOM   1486 C CB  . SER A 1 192 ? -11.742 -8.683  -2.876  1.00  44.97 ? 192  SER A CB  1 
ATOM   1487 O OG  . SER A 1 192 ? -12.011 -7.334  -2.565  1.00  47.08 ? 192  SER A OG  1 
ATOM   1488 N N   . TYR A 1 193 ? -9.051  -7.088  -4.248  1.00  44.60 ? 193  TYR A N   1 
ATOM   1489 C CA  . TYR A 1 193 ? -7.744  -6.492  -3.986  1.00  44.31 ? 193  TYR A CA  1 
ATOM   1490 C C   . TYR A 1 193 ? -7.856  -5.033  -3.590  1.00  43.86 ? 193  TYR A C   1 
ATOM   1491 O O   . TYR A 1 193 ? -8.928  -4.444  -3.649  1.00  44.13 ? 193  TYR A O   1 
ATOM   1492 C CB  . TYR A 1 193 ? -6.870  -6.606  -5.232  1.00  43.90 ? 193  TYR A CB  1 
ATOM   1493 C CG  . TYR A 1 193 ? -7.427  -5.860  -6.429  1.00  45.96 ? 193  TYR A CG  1 
ATOM   1494 C CD1 . TYR A 1 193 ? -7.145  -4.505  -6.633  1.00  46.29 ? 193  TYR A CD1 1 
ATOM   1495 C CD2 . TYR A 1 193 ? -8.250  -6.505  -7.355  1.00  47.00 ? 193  TYR A CD2 1 
ATOM   1496 C CE1 . TYR A 1 193 ? -7.667  -3.815  -7.726  1.00  46.99 ? 193  TYR A CE1 1 
ATOM   1497 C CE2 . TYR A 1 193 ? -8.777  -5.819  -8.450  1.00  47.16 ? 193  TYR A CE2 1 
ATOM   1498 C CZ  . TYR A 1 193 ? -8.482  -4.477  -8.627  1.00  47.83 ? 193  TYR A CZ  1 
ATOM   1499 O OH  . TYR A 1 193 ? -9.001  -3.798  -9.698  1.00  48.28 ? 193  TYR A OH  1 
ATOM   1500 N N   . ILE A 1 194 ? -6.733  -4.450  -3.194  1.00  44.33 ? 194  ILE A N   1 
ATOM   1501 C CA  . ILE A 1 194 ? -6.709  -3.047  -2.808  1.00  46.52 ? 194  ILE A CA  1 
ATOM   1502 C C   . ILE A 1 194 ? -5.985  -2.224  -3.881  1.00  46.52 ? 194  ILE A C   1 
ATOM   1503 O O   . ILE A 1 194 ? -4.837  -2.503  -4.226  1.00  44.46 ? 194  ILE A O   1 
ATOM   1504 C CB  . ILE A 1 194 ? -5.990  -2.844  -1.451  1.00  47.70 ? 194  ILE A CB  1 
ATOM   1505 C CG1 . ILE A 1 194 ? -6.643  -3.715  -0.366  1.00  47.13 ? 194  ILE A CG1 1 
ATOM   1506 C CG2 . ILE A 1 194 ? -6.058  -1.373  -1.057  1.00  48.20 ? 194  ILE A CG2 1 
ATOM   1507 C CD1 . ILE A 1 194 ? -5.915  -3.712  0.966   0.010 47.82 ? 194  ILE A CD1 1 
ATOM   1508 N N   . ASN A 1 195 ? -6.671  -1.220  -4.414  1.00  47.46 ? 195  ASN A N   1 
ATOM   1509 C CA  . ASN A 1 195 ? -6.085  -0.368  -5.434  1.00  49.31 ? 195  ASN A CA  1 
ATOM   1510 C C   . ASN A 1 195 ? -5.199  0.701   -4.792  1.00  51.40 ? 195  ASN A C   1 
ATOM   1511 O O   . ASN A 1 195 ? -4.969  0.690   -3.585  1.00  53.46 ? 195  ASN A O   1 
ATOM   1512 C CB  . ASN A 1 195 ? -7.180  0.287   -6.264  1.00  47.23 ? 195  ASN A CB  1 
ATOM   1513 C CG  . ASN A 1 195 ? -8.164  1.038   -5.417  1.00  48.41 ? 195  ASN A CG  1 
ATOM   1514 O OD1 . ASN A 1 195 ? -7.783  1.881   -4.610  1.00  48.16 ? 195  ASN A OD1 1 
ATOM   1515 N ND2 . ASN A 1 195 ? -9.441  0.744   -5.592  1.00  50.47 ? 195  ASN A ND2 1 
ATOM   1516 N N   . ASP A 1 196 ? -4.713  1.632   -5.601  1.00  52.99 ? 196  ASP A N   1 
ATOM   1517 C CA  . ASP A 1 196 ? -3.835  2.688   -5.127  1.00  54.33 ? 196  ASP A CA  1 
ATOM   1518 C C   . ASP A 1 196 ? -4.499  3.664   -4.165  1.00  56.09 ? 196  ASP A C   1 
ATOM   1519 O O   . ASP A 1 196 ? -3.861  4.185   -3.247  1.00  55.66 ? 196  ASP A O   1 
ATOM   1520 C CB  . ASP A 1 196 ? -3.275  3.462   -6.323  1.00  54.69 ? 196  ASP A CB  1 
ATOM   1521 C CG  . ASP A 1 196 ? -2.381  2.606   -7.214  1.00  55.53 ? 196  ASP A CG  1 
ATOM   1522 O OD1 . ASP A 1 196 ? -1.851  3.142   -8.209  1.00  56.03 ? 196  ASP A OD1 1 
ATOM   1523 O OD2 . ASP A 1 196 ? -2.203  1.403   -6.925  1.00  56.55 ? 196  ASP A OD2 1 
ATOM   1524 N N   . TYR A 1 197 ? -5.785  3.903   -4.372  1.00  58.37 ? 197  TYR A N   1 
ATOM   1525 C CA  . TYR A 1 197 ? -6.514  4.850   -3.547  1.00  60.77 ? 197  TYR A CA  1 
ATOM   1526 C C   . TYR A 1 197 ? -7.124  4.216   -2.307  1.00  61.52 ? 197  TYR A C   1 
ATOM   1527 O O   . TYR A 1 197 ? -7.788  4.893   -1.527  1.00  62.72 ? 197  TYR A O   1 
ATOM   1528 C CB  . TYR A 1 197 ? -7.591  5.515   -4.397  1.00  63.09 ? 197  TYR A CB  1 
ATOM   1529 C CG  . TYR A 1 197 ? -7.146  5.744   -5.830  1.00  67.35 ? 197  TYR A CG  1 
ATOM   1530 C CD1 . TYR A 1 197 ? -6.128  6.657   -6.137  1.00  67.86 ? 197  TYR A CD1 1 
ATOM   1531 C CD2 . TYR A 1 197 ? -7.715  5.012   -6.874  1.00  68.45 ? 197  TYR A CD2 1 
ATOM   1532 C CE1 . TYR A 1 197 ? -5.684  6.835   -7.459  1.00  68.97 ? 197  TYR A CE1 1 
ATOM   1533 C CE2 . TYR A 1 197 ? -7.285  5.176   -8.195  1.00  70.97 ? 197  TYR A CE2 1 
ATOM   1534 C CZ  . TYR A 1 197 ? -6.271  6.084   -8.488  1.00  71.19 ? 197  TYR A CZ  1 
ATOM   1535 O OH  . TYR A 1 197 ? -5.859  6.214   -9.807  1.00  71.30 ? 197  TYR A OH  1 
ATOM   1536 N N   . GLY A 1 198 ? -6.898  2.921   -2.121  1.00  60.98 ? 198  GLY A N   1 
ATOM   1537 C CA  . GLY A 1 198 ? -7.449  2.257   -0.956  1.00  59.54 ? 198  GLY A CA  1 
ATOM   1538 C C   . GLY A 1 198 ? -8.777  1.571   -1.214  1.00  58.55 ? 198  GLY A C   1 
ATOM   1539 O O   . GLY A 1 198 ? -9.436  1.124   -0.275  1.00  57.45 ? 198  GLY A O   1 
ATOM   1540 N N   . GLY A 1 199 ? -9.170  1.487   -2.483  1.00  58.55 ? 199  GLY A N   1 
ATOM   1541 C CA  . GLY A 1 199 ? -10.419 0.829   -2.826  1.00  57.95 ? 199  GLY A CA  1 
ATOM   1542 C C   . GLY A 1 199 ? -10.307 -0.686  -2.765  1.00  58.38 ? 199  GLY A C   1 
ATOM   1543 O O   . GLY A 1 199 ? -9.202  -1.236  -2.729  1.00  58.19 ? 199  GLY A O   1 
ATOM   1544 N N   . ARG A 1 200 ? -11.453 -1.363  -2.752  1.00  57.83 ? 200  ARG A N   1 
ATOM   1545 C CA  . ARG A 1 200 ? -11.502 -2.819  -2.690  1.00  57.45 ? 200  ARG A CA  1 
ATOM   1546 C C   . ARG A 1 200 ? -12.261 -3.449  -3.869  1.00  56.42 ? 200  ARG A C   1 
ATOM   1547 O O   . ARG A 1 200 ? -13.288 -4.099  -3.679  1.00  56.80 ? 200  ARG A O   1 
ATOM   1548 C CB  . ARG A 1 200 ? -12.148 -3.259  -1.375  1.00  59.24 ? 200  ARG A CB  1 
ATOM   1549 C CG  . ARG A 1 200 ? -11.206 -3.326  -0.181  1.00  63.85 ? 200  ARG A CG  1 
ATOM   1550 C CD  . ARG A 1 200 ? -11.973 -3.618  1.110   1.00  69.25 ? 200  ARG A CD  1 
ATOM   1551 N NE  . ARG A 1 200 ? -11.158 -4.261  2.146   1.00  74.09 ? 200  ARG A NE  1 
ATOM   1552 C CZ  . ARG A 1 200 ? -10.069 -3.735  2.702   1.00  75.94 ? 200  ARG A CZ  1 
ATOM   1553 N NH1 . ARG A 1 200 ? -9.641  -2.536  2.323   1.00  78.66 ? 200  ARG A NH1 1 
ATOM   1554 N NH2 . ARG A 1 200 ? -9.414  -4.405  3.646   1.00  75.27 ? 200  ARG A NH2 1 
ATOM   1555 N N   . PRO A 1 201 ? -11.762 -3.269  -5.103  1.00  54.82 ? 201  PRO A N   1 
ATOM   1556 C CA  . PRO A 1 201 ? -12.448 -3.852  -6.260  1.00  54.11 ? 201  PRO A CA  1 
ATOM   1557 C C   . PRO A 1 201 ? -12.532 -5.378  -6.168  1.00  54.26 ? 201  PRO A C   1 
ATOM   1558 O O   . PRO A 1 201 ? -11.741 -6.011  -5.464  1.00  55.31 ? 201  PRO A O   1 
ATOM   1559 C CB  . PRO A 1 201 ? -11.591 -3.398  -7.438  1.00  53.02 ? 201  PRO A CB  1 
ATOM   1560 C CG  . PRO A 1 201 ? -11.015 -2.111  -6.966  1.00  53.64 ? 201  PRO A CG  1 
ATOM   1561 C CD  . PRO A 1 201 ? -10.636 -2.428  -5.538  1.00  55.07 ? 201  PRO A CD  1 
ATOM   1562 N N   . VAL A 1 202 ? -13.483 -5.959  -6.895  1.00  53.56 ? 202  VAL A N   1 
ATOM   1563 C CA  . VAL A 1 202 ? -13.691 -7.404  -6.908  1.00  52.18 ? 202  VAL A CA  1 
ATOM   1564 C C   . VAL A 1 202 ? -13.597 -7.975  -8.322  1.00  52.87 ? 202  VAL A C   1 
ATOM   1565 O O   . VAL A 1 202 ? -14.296 -7.534  -9.229  1.00  52.88 ? 202  VAL A O   1 
ATOM   1566 C CB  . VAL A 1 202 ? -15.071 -7.770  -6.317  1.00  49.90 ? 202  VAL A CB  1 
ATOM   1567 C CG1 . VAL A 1 202 ? -15.279 -9.267  -6.364  1.00  50.39 ? 202  VAL A CG1 1 
ATOM   1568 C CG2 . VAL A 1 202 ? -15.168 -7.267  -4.897  1.00  47.37 ? 202  VAL A CG2 1 
ATOM   1569 N N   . LEU A 1 203 ? -12.730 -8.966  -8.493  1.00  53.68 ? 203  LEU A N   1 
ATOM   1570 C CA  . LEU A 1 203 ? -12.523 -9.616  -9.783  1.00  54.17 ? 203  LEU A CA  1 
ATOM   1571 C C   . LEU A 1 203 ? -13.206 -10.976 -9.870  1.00  55.56 ? 203  LEU A C   1 
ATOM   1572 O O   . LEU A 1 203 ? -13.085 -11.810 -8.970  1.00  55.11 ? 203  LEU A O   1 
ATOM   1573 C CB  . LEU A 1 203 ? -11.027 -9.797  -10.047 1.00  52.92 ? 203  LEU A CB  1 
ATOM   1574 C CG  . LEU A 1 203 ? -10.220 -8.510  -10.210 1.00  53.37 ? 203  LEU A CG  1 
ATOM   1575 C CD1 . LEU A 1 203 ? -8.751  -8.837  -10.304 1.00  53.62 ? 203  LEU A CD1 1 
ATOM   1576 C CD2 . LEU A 1 203 ? -10.677 -7.773  -11.454 1.00  53.75 ? 203  LEU A CD2 1 
ATOM   1577 N N   . SER A 1 204 ? -13.922 -11.189 -10.968 1.00  56.88 ? 204  SER A N   1 
ATOM   1578 C CA  . SER A 1 204 ? -14.605 -12.453 -11.186 1.00  56.30 ? 204  SER A CA  1 
ATOM   1579 C C   . SER A 1 204 ? -13.728 -13.394 -11.988 1.00  55.38 ? 204  SER A C   1 
ATOM   1580 O O   . SER A 1 204 ? -13.351 -13.076 -13.102 1.00  57.32 ? 204  SER A O   1 
ATOM   1581 C CB  . SER A 1 204 ? -15.905 -12.230 -11.934 1.00  54.04 ? 204  SER A CB  1 
ATOM   1582 O OG  . SER A 1 204 ? -16.479 -13.478 -12.261 1.00  54.35 ? 204  SER A OG  1 
ATOM   1583 N N   . PHE A 1 205 ? -13.394 -14.544 -11.420 1.00  56.91 ? 205  PHE A N   1 
ATOM   1584 C CA  . PHE A 1 205 ? -12.558 -15.523 -12.105 1.00  59.58 ? 205  PHE A CA  1 
ATOM   1585 C C   . PHE A 1 205 ? -13.355 -16.714 -12.643 1.00  62.97 ? 205  PHE A C   1 
ATOM   1586 O O   . PHE A 1 205 ? -14.485 -16.972 -12.215 1.00  62.56 ? 205  PHE A O   1 
ATOM   1587 C CB  . PHE A 1 205 ? -11.478 -16.054 -11.162 1.00  59.48 ? 205  PHE A CB  1 
ATOM   1588 C CG  . PHE A 1 205 ? -10.285 -15.154 -11.019 1.00  60.33 ? 205  PHE A CG  1 
ATOM   1589 C CD1 . PHE A 1 205 ? -10.436 -13.817 -10.672 1.00  62.30 ? 205  PHE A CD1 1 
ATOM   1590 C CD2 . PHE A 1 205 ? -9.002  -15.661 -11.175 1.00  60.12 ? 205  PHE A CD2 1 
ATOM   1591 C CE1 . PHE A 1 205 ? -9.325  -13.000 -10.478 1.00  62.76 ? 205  PHE A CE1 1 
ATOM   1592 C CE2 . PHE A 1 205 ? -7.888  -14.858 -10.984 1.00  61.91 ? 205  PHE A CE2 1 
ATOM   1593 C CZ  . PHE A 1 205 ? -8.049  -13.523 -10.633 1.00  62.55 ? 205  PHE A CZ  1 
ATOM   1594 N N   . ILE A 1 206 ? -12.729 -17.433 -13.575 1.00  65.57 ? 206  ILE A N   1 
ATOM   1595 C CA  . ILE A 1 206 ? -13.296 -18.619 -14.225 1.00  68.50 ? 206  ILE A CA  1 
ATOM   1596 C C   . ILE A 1 206 ? -12.194 -19.663 -14.317 1.00  70.21 ? 206  ILE A C   1 
ATOM   1597 O O   . ILE A 1 206 ? -11.092 -19.370 -14.772 1.00  71.30 ? 206  ILE A O   1 
ATOM   1598 C CB  . ILE A 1 206 ? -13.796 -18.300 -15.662 1.00  68.87 ? 206  ILE A CB  1 
ATOM   1599 C CG1 . ILE A 1 206 ? -14.999 -17.359 -15.592 1.00  69.20 ? 206  ILE A CG1 1 
ATOM   1600 C CG2 . ILE A 1 206 ? -14.119 -19.583 -16.408 1.00  68.03 ? 206  ILE A CG2 1 
ATOM   1601 C CD1 . ILE A 1 206 ? -16.135 -17.875 -14.721 1.00  68.87 ? 206  ILE A CD1 1 
ATOM   1602 N N   . CYS A 1 207 ? -12.483 -20.885 -13.895 1.00  71.53 ? 207  CYS A N   1 
ATOM   1603 C CA  . CYS A 1 207 ? -11.456 -21.905 -13.929 1.00  75.00 ? 207  CYS A CA  1 
ATOM   1604 C C   . CYS A 1 207 ? -11.527 -22.855 -15.106 1.00  76.99 ? 207  CYS A C   1 
ATOM   1605 O O   . CYS A 1 207 ? -12.513 -22.902 -15.839 1.00  77.73 ? 207  CYS A O   1 
ATOM   1606 C CB  . CYS A 1 207 ? -11.477 -22.709 -12.633 1.00  75.40 ? 207  CYS A CB  1 
ATOM   1607 S SG  . CYS A 1 207 ? -11.331 -21.695 -11.127 1.00  78.25 ? 207  CYS A SG  1 
ATOM   1608 N N   . ASN A 1 208 ? -10.446 -23.604 -15.271 1.00  78.86 ? 208  ASN A N   1 
ATOM   1609 C CA  . ASN A 1 208 ? -10.316 -24.586 -16.327 1.00  79.98 ? 208  ASN A CA  1 
ATOM   1610 C C   . ASN A 1 208 ? -9.296  -25.595 -15.866 1.00  80.88 ? 208  ASN A C   1 
ATOM   1611 O O   . ASN A 1 208 ? -8.167  -25.632 -16.349 1.00  80.79 ? 208  ASN A O   1 
ATOM   1612 C CB  . ASN A 1 208 ? -9.865  -23.926 -17.623 1.00  81.11 ? 208  ASN A CB  1 
ATOM   1613 C CG  . ASN A 1 208 ? -11.028 -23.586 -18.526 1.00  82.64 ? 208  ASN A CG  1 
ATOM   1614 O OD1 . ASN A 1 208 ? -11.651 -24.475 -19.114 1.00  84.11 ? 208  ASN A OD1 1 
ATOM   1615 N ND2 . ASN A 1 208 ? -11.343 -22.299 -18.631 1.00  82.26 ? 208  ASN A ND2 1 
ATOM   1616 N N   . GLY A 1 209 ? -9.709  -26.417 -14.913 1.00  81.62 ? 209  GLY A N   1 
ATOM   1617 C CA  . GLY A 1 209 ? -8.822  -27.422 -14.378 1.00  82.93 ? 209  GLY A CA  1 
ATOM   1618 C C   . GLY A 1 209 ? -8.326  -26.940 -13.039 1.00  83.75 ? 209  GLY A C   1 
ATOM   1619 O O   . GLY A 1 209 ? -9.017  -27.062 -12.030 1.00  84.93 ? 209  GLY A O   1 
ATOM   1620 N N   . SER A 1 210 ? -7.129  -26.373 -13.033 1.00  83.40 ? 210  SER A N   1 
ATOM   1621 C CA  . SER A 1 210 ? -6.545  -25.866 -11.806 1.00  82.65 ? 210  SER A CA  1 
ATOM   1622 C C   . SER A 1 210 ? -6.162  -24.419 -12.010 1.00  81.95 ? 210  SER A C   1 
ATOM   1623 O O   . SER A 1 210 ? -5.950  -23.672 -11.057 1.00  82.29 ? 210  SER A O   1 
ATOM   1624 C CB  . SER A 1 210 ? -5.318  -26.689 -11.440 1.00  82.06 ? 210  SER A CB  1 
ATOM   1625 O OG  . SER A 1 210 ? -5.697  -28.019 -11.146 1.00  83.02 ? 210  SER A OG  1 
ATOM   1626 N N   . ARG A 1 211 ? -6.087  -24.027 -13.271 1.00  80.43 ? 211  ARG A N   1 
ATOM   1627 C CA  . ARG A 1 211 ? -5.723  -22.672 -13.614 1.00  79.34 ? 211  ARG A CA  1 
ATOM   1628 C C   . ARG A 1 211 ? -6.988  -21.837 -13.784 1.00  77.46 ? 211  ARG A C   1 
ATOM   1629 O O   . ARG A 1 211 ? -7.840  -22.149 -14.615 1.00  77.88 ? 211  ARG A O   1 
ATOM   1630 C CB  . ARG A 1 211 ? -4.902  -22.692 -14.908 1.00  81.24 ? 211  ARG A CB  1 
ATOM   1631 C CG  . ARG A 1 211 ? -4.227  -21.385 -15.266 1.00  84.05 ? 211  ARG A CG  1 
ATOM   1632 C CD  . ARG A 1 211 ? -3.577  -21.454 -16.646 1.00  86.20 ? 211  ARG A CD  1 
ATOM   1633 N NE  . ARG A 1 211 ? -2.808  -20.249 -16.944 1.00  88.52 ? 211  ARG A NE  1 
ATOM   1634 C CZ  . ARG A 1 211 ? -1.705  -19.891 -16.293 1.00  91.16 ? 211  ARG A CZ  1 
ATOM   1635 N NH1 . ARG A 1 211 ? -1.238  -20.647 -15.307 1.00  92.28 ? 211  ARG A NH1 1 
ATOM   1636 N NH2 . ARG A 1 211 ? -1.072  -18.773 -16.620 1.00  91.74 ? 211  ARG A NH2 1 
ATOM   1637 N N   . CYS A 1 212 ? -7.121  -20.788 -12.978 1.00  74.87 ? 212  CYS A N   1 
ATOM   1638 C CA  . CYS A 1 212 ? -8.285  -19.912 -13.067 1.00  72.67 ? 212  CYS A CA  1 
ATOM   1639 C C   . CYS A 1 212 ? -7.799  -18.547 -13.484 1.00  71.10 ? 212  CYS A C   1 
ATOM   1640 O O   . CYS A 1 212 ? -6.766  -18.086 -13.011 1.00  70.72 ? 212  CYS A O   1 
ATOM   1641 C CB  . CYS A 1 212 ? -9.000  -19.795 -11.725 1.00  72.56 ? 212  CYS A CB  1 
ATOM   1642 S SG  . CYS A 1 212 ? -9.331  -21.383 -10.902 1.00  75.17 ? 212  CYS A SG  1 
ATOM   1643 N N   . SER A 1 213 ? -8.554  -17.905 -14.365 1.00  70.23 ? 213  SER A N   1 
ATOM   1644 C CA  . SER A 1 213 ? -8.202  -16.594 -14.874 1.00  69.12 ? 213  SER A CA  1 
ATOM   1645 C C   . SER A 1 213 ? -9.407  -15.684 -14.860 1.00  69.94 ? 213  SER A C   1 
ATOM   1646 O O   . SER A 1 213 ? -10.531 -16.145 -14.712 1.00  69.56 ? 213  SER A O   1 
ATOM   1647 C CB  . SER A 1 213 ? -7.688  -16.721 -16.297 1.00  68.79 ? 213  SER A CB  1 
ATOM   1648 O OG  . SER A 1 213 ? -7.429  -15.445 -16.844 1.00  71.14 ? 213  SER A OG  1 
ATOM   1649 N N   . VAL A 1 214 ? -9.180  -14.389 -15.025 1.00  72.44 ? 214  VAL A N   1 
ATOM   1650 C CA  . VAL A 1 214 ? -10.277 -13.436 -15.025 1.00  76.53 ? 214  VAL A CA  1 
ATOM   1651 C C   . VAL A 1 214 ? -11.051 -13.474 -16.342 1.00  79.59 ? 214  VAL A C   1 
ATOM   1652 O O   . VAL A 1 214 ? -10.493 -13.813 -17.390 1.00  80.11 ? 214  VAL A O   1 
ATOM   1653 C CB  . VAL A 1 214 ? -9.758  -12.019 -14.811 1.00  76.10 ? 214  VAL A CB  1 
ATOM   1654 C CG1 . VAL A 1 214 ? -10.919 -11.087 -14.498 1.00  75.91 ? 214  VAL A CG1 1 
ATOM   1655 C CG2 . VAL A 1 214 ? -8.741  -12.013 -13.698 1.00  76.87 ? 214  VAL A CG2 1 
ATOM   1656 N N   . LYS A 1 215 ? -12.335 -13.127 -16.288 1.00  82.36 ? 215  LYS A N   1 
ATOM   1657 C CA  . LYS A 1 215 ? -13.165 -13.124 -17.489 1.00  84.42 ? 215  LYS A CA  1 
ATOM   1658 C C   . LYS A 1 215 ? -12.684 -12.085 -18.502 1.00  84.68 ? 215  LYS A C   1 
ATOM   1659 O O   . LYS A 1 215 ? -12.569 -12.369 -19.697 1.00  85.37 ? 215  LYS A O   1 
ATOM   1660 C CB  . LYS A 1 215 ? -14.632 -12.853 -17.133 1.00  86.43 ? 215  LYS A CB  1 
ATOM   1661 C CG  . LYS A 1 215 ? -15.379 -14.039 -16.511 1.00  88.93 ? 215  LYS A CG  1 
ATOM   1662 C CD  . LYS A 1 215 ? -16.899 -13.793 -16.528 1.00  90.86 ? 215  LYS A CD  1 
ATOM   1663 C CE  . LYS A 1 215 ? -17.694 -15.027 -16.083 1.00  92.56 ? 215  LYS A CE  1 
ATOM   1664 N NZ  . LYS A 1 215 ? -19.181 -14.898 -16.288 1.00  91.93 ? 215  LYS A NZ  1 
HETATM 1665 S S6  . XC2 B 2 .   ? 7.083   18.984  23.576  1.00  54.83 ? 1216 XC2 A S6  1 
HETATM 1666 C C5  . XC2 B 2 .   ? 5.429   19.159  22.883  1.00  54.83 ? 1216 XC2 A C5  1 
HETATM 1667 C C11 . XC2 B 2 .   ? 5.310   20.661  22.565  1.00  56.60 ? 1216 XC2 A C11 1 
HETATM 1668 N N10 . XC2 B 2 .   ? 6.646   21.074  22.093  1.00  55.38 ? 1216 XC2 A N10 1 
HETATM 1669 C C6  . XC2 B 2 .   ? 7.657   20.327  22.520  1.00  56.33 ? 1216 XC2 A C6  1 
HETATM 1670 C C7  . XC2 B 2 .   ? 8.959   20.581  22.200  1.00  58.48 ? 1216 XC2 A C7  1 
HETATM 1671 C C8  . XC2 B 2 .   ? 9.230   21.767  21.276  1.00  59.71 ? 1216 XC2 A C8  1 
HETATM 1672 C C9  . XC2 B 2 .   ? 8.162   22.524  20.836  1.00  57.86 ? 1216 XC2 A C9  1 
HETATM 1673 C C10 . XC2 B 2 .   ? 6.792   22.122  21.291  1.00  55.45 ? 1216 XC2 A C10 1 
HETATM 1674 O O25 . XC2 B 2 .   ? 5.841   22.793  20.898  1.00  54.03 ? 1216 XC2 A O25 1 
HETATM 1675 C C26 . XC2 B 2 .   ? 8.330   23.721  19.918  1.00  58.68 ? 1216 XC2 A C26 1 
HETATM 1676 N N5  . XC2 B 2 .   ? 8.747   23.290  18.564  1.00  60.05 ? 1216 XC2 A N5  1 
HETATM 1677 C C1  . XC2 B 2 .   ? 9.469   24.402  17.897  1.00  60.83 ? 1216 XC2 A C1  1 
HETATM 1678 C C2  . XC2 B 2 .   ? 9.896   23.955  16.467  1.00  60.11 ? 1216 XC2 A C2  1 
HETATM 1679 O O3  . XC2 B 2 .   ? 8.740   23.518  15.711  1.00  58.84 ? 1216 XC2 A O3  1 
HETATM 1680 C C34 . XC2 B 2 .   ? 8.041   22.425  16.340  1.00  59.33 ? 1216 XC2 A C34 1 
HETATM 1681 C C4  . XC2 B 2 .   ? 7.554   22.883  17.767  1.00  59.62 ? 1216 XC2 A C4  1 
HETATM 1682 C C24 . XC2 B 2 .   ? 10.670  22.119  20.868  1.00  65.85 ? 1216 XC2 A C24 1 
HETATM 1683 C C15 . XC2 B 2 .   ? 11.195  21.350  19.606  1.00  71.96 ? 1216 XC2 A C15 1 
HETATM 1684 C C20 . XC2 B 2 .   ? 10.443  20.268  19.029  1.00  71.58 ? 1216 XC2 A C20 1 
HETATM 1685 C C19 . XC2 B 2 .   ? 10.912  19.569  17.895  1.00  74.34 ? 1216 XC2 A C19 1 
HETATM 1686 C C18 . XC2 B 2 .   ? 12.152  19.929  17.301  1.00  75.91 ? 1216 XC2 A C18 1 
HETATM 1687 C C17 . XC2 B 2 .   ? 12.927  20.996  17.840  1.00  76.79 ? 1216 XC2 A C17 1 
HETATM 1688 C C21 . XC2 B 2 .   ? 14.170  21.350  17.238  1.00  78.91 ? 1216 XC2 A C21 1 
HETATM 1689 C C27 . XC2 B 2 .   ? 14.953  22.418  17.770  1.00  79.32 ? 1216 XC2 A C27 1 
HETATM 1690 C C28 . XC2 B 2 .   ? 14.503  23.138  18.908  1.00  77.89 ? 1216 XC2 A C28 1 
HETATM 1691 C C29 . XC2 B 2 .   ? 13.261  22.794  19.523  1.00  76.66 ? 1216 XC2 A C29 1 
HETATM 1692 C C16 . XC2 B 2 .   ? 12.457  21.717  19.001  1.00  75.26 ? 1216 XC2 A C16 1 
HETATM 1693 C C22 . XC2 B 2 .   ? 10.198  19.788  22.642  1.00  60.69 ? 1216 XC2 A C22 1 
HETATM 1694 C C31 . XC2 B 2 .   ? 10.518  20.024  24.141  1.00  62.01 ? 1216 XC2 A C31 1 
HETATM 1695 C C30 . XC2 B 2 .   ? 10.295  18.586  23.554  1.00  62.19 ? 1216 XC2 A C30 1 
HETATM 1696 C C23 . XC2 B 2 .   ? 4.937   21.437  23.854  1.00  57.78 ? 1216 XC2 A C23 1 
HETATM 1697 O O33 . XC2 B 2 .   ? 3.746   21.167  24.390  1.00  58.20 ? 1216 XC2 A O33 1 
HETATM 1698 O O32 . XC2 B 2 .   ? 5.689   22.259  24.358  1.00  57.54 ? 1216 XC2 A O32 1 
HETATM 1699 O O   . HOH C 3 .   ? 13.582  10.367  12.978  1.00  54.43 ? 2001 HOH A O   1 
HETATM 1700 O O   . HOH C 3 .   ? -0.741  8.149   -3.273  1.00  32.79 ? 2002 HOH A O   1 
HETATM 1701 O O   . HOH C 3 .   ? -0.724  0.548   3.776   1.00  36.38 ? 2003 HOH A O   1 
HETATM 1702 O O   . HOH C 3 .   ? -5.091  0.556   2.437   1.00  29.39 ? 2004 HOH A O   1 
HETATM 1703 O O   . HOH C 3 .   ? 4.903   6.102   -12.058 1.00  37.40 ? 2005 HOH A O   1 
HETATM 1704 O O   . HOH C 3 .   ? 14.129  10.876  9.631   1.00  38.58 ? 2006 HOH A O   1 
HETATM 1705 O O   . HOH C 3 .   ? 11.969  10.259  -8.785  1.00  41.30 ? 2007 HOH A O   1 
HETATM 1706 O O   . HOH C 3 .   ? 19.651  5.484   14.501  1.00  56.33 ? 2008 HOH A O   1 
HETATM 1707 O O   . HOH C 3 .   ? -0.915  13.895  -3.336  1.00  51.41 ? 2009 HOH A O   1 
HETATM 1708 O O   . HOH C 3 .   ? -1.750  16.114  -1.063  1.00  39.84 ? 2010 HOH A O   1 
HETATM 1709 O O   . HOH C 3 .   ? 14.976  13.024  16.471  1.00  66.85 ? 2011 HOH A O   1 
HETATM 1710 O O   . HOH C 3 .   ? 12.737  9.086   7.263   1.00  40.36 ? 2012 HOH A O   1 
HETATM 1711 O O   . HOH C 3 .   ? 15.848  -5.829  0.432   1.00  47.17 ? 2013 HOH A O   1 
HETATM 1712 O O   . HOH C 3 .   ? 4.817   -3.662  11.565  1.00  45.45 ? 2014 HOH A O   1 
HETATM 1713 O O   . HOH C 3 .   ? 20.466  5.215   11.107  1.00  44.14 ? 2015 HOH A O   1 
HETATM 1714 O O   . HOH C 3 .   ? 13.794  10.854  5.717   1.00  42.74 ? 2016 HOH A O   1 
HETATM 1715 O O   . HOH C 3 .   ? 12.125  12.444  8.391   1.00  36.29 ? 2017 HOH A O   1 
HETATM 1716 O O   . HOH C 3 .   ? 6.487   16.483  9.901   1.00  22.73 ? 2018 HOH A O   1 
HETATM 1717 O O   . HOH C 3 .   ? -6.155  26.602  11.717  1.00  48.13 ? 2019 HOH A O   1 
HETATM 1718 O O   . HOH C 3 .   ? 19.342  3.906   -4.035  1.00  43.87 ? 2020 HOH A O   1 
HETATM 1719 O O   . HOH C 3 .   ? 16.109  -2.330  -13.374 1.00  47.65 ? 2021 HOH A O   1 
HETATM 1720 O O   . HOH C 3 .   ? 13.718  -5.621  -11.845 1.00  39.24 ? 2022 HOH A O   1 
HETATM 1721 O O   . HOH C 3 .   ? 1.324   -1.426  -5.772  1.00  44.75 ? 2023 HOH A O   1 
HETATM 1722 O O   . HOH C 3 .   ? 11.741  0.258   -7.868  1.00  41.48 ? 2024 HOH A O   1 
HETATM 1723 O O   . HOH C 3 .   ? 11.392  -2.552  -2.551  1.00  51.77 ? 2025 HOH A O   1 
HETATM 1724 O O   . HOH C 3 .   ? 12.825  -0.475  -0.401  1.00  45.18 ? 2026 HOH A O   1 
HETATM 1725 O O   . HOH C 3 .   ? 1.594   9.057   17.400  1.00  31.18 ? 2027 HOH A O   1 
HETATM 1726 O O   . HOH C 3 .   ? 3.830   15.904  24.712  1.00  34.50 ? 2028 HOH A O   1 
HETATM 1727 O O   . HOH C 3 .   ? 6.940   5.365   28.046  1.00  66.07 ? 2029 HOH A O   1 
HETATM 1728 O O   . HOH C 3 .   ? 6.992   8.782   24.599  1.00  52.33 ? 2030 HOH A O   1 
HETATM 1729 O O   . HOH C 3 .   ? 1.316   -1.441  7.915   1.00  33.98 ? 2031 HOH A O   1 
HETATM 1730 O O   . HOH C 3 .   ? -0.824  -1.625  5.721   1.00  44.20 ? 2032 HOH A O   1 
HETATM 1731 O O   . HOH C 3 .   ? 1.715   6.352   -11.852 1.00  49.14 ? 2033 HOH A O   1 
HETATM 1732 O O   . HOH C 3 .   ? -6.329  -0.726  -17.889 1.00  53.58 ? 2034 HOH A O   1 
HETATM 1733 O O   . HOH C 3 .   ? -5.951  -13.183 -14.800 1.00  36.12 ? 2035 HOH A O   1 
HETATM 1734 O O   . HOH C 3 .   ? -4.305  -5.856  -17.204 1.00  42.17 ? 2036 HOH A O   1 
HETATM 1735 O O   . HOH C 3 .   ? -8.402  -25.303 -4.451  1.00  45.91 ? 2037 HOH A O   1 
HETATM 1736 O O   . HOH C 3 .   ? -1.420  -3.132  -6.770  1.00  26.86 ? 2038 HOH A O   1 
HETATM 1737 O O   . HOH C 3 .   ? -0.785  -3.382  -3.450  1.00  33.06 ? 2039 HOH A O   1 
HETATM 1738 O O   . HOH C 3 .   ? -24.178 -12.137 5.149   1.00  51.69 ? 2040 HOH A O   1 
HETATM 1739 O O   . HOH C 3 .   ? -11.945 -10.279 4.417   1.00  47.08 ? 2041 HOH A O   1 
HETATM 1740 O O   . HOH C 3 .   ? 6.897   -7.771  -14.865 1.00  32.82 ? 2042 HOH A O   1 
HETATM 1741 O O   . HOH C 3 .   ? 5.168   -15.456 -11.242 1.00  29.08 ? 2043 HOH A O   1 
HETATM 1742 O O   . HOH C 3 .   ? 7.292   -15.541 -6.206  1.00  41.53 ? 2044 HOH A O   1 
HETATM 1743 O O   . HOH C 3 .   ? -3.118  -18.267 3.926   1.00  42.53 ? 2045 HOH A O   1 
HETATM 1744 O O   . HOH C 3 .   ? -7.260  -26.371 7.844   1.00  39.17 ? 2046 HOH A O   1 
HETATM 1745 O O   . HOH C 3 .   ? -13.199 -26.580 -0.281  1.00  38.50 ? 2047 HOH A O   1 
HETATM 1746 O O   . HOH C 3 .   ? -11.287 -23.482 -7.391  1.00  38.36 ? 2048 HOH A O   1 
HETATM 1747 O O   . HOH C 3 .   ? -12.664 -19.909 1.564   1.00  41.38 ? 2049 HOH A O   1 
HETATM 1748 O O   . HOH C 3 .   ? -3.386  -4.522  -5.380  1.00  31.96 ? 2050 HOH A O   1 
HETATM 1749 O O   . HOH C 3 .   ? -1.195  -0.641  -5.457  1.00  42.56 ? 2051 HOH A O   1 
HETATM 1750 O O   . HOH C 3 .   ? -16.617 -15.209 -10.704 1.00  46.91 ? 2052 HOH A O   1 
# 
